data_9W1K
#
_entry.id   9W1K
#
_cell.length_a   88.760
_cell.length_b   105.073
_cell.length_c   101.404
_cell.angle_alpha   90.00
_cell.angle_beta   109.97
_cell.angle_gamma   90.00
#
_symmetry.space_group_name_H-M   'P 1 21 1'
#
loop_
_entity.id
_entity.type
_entity.pdbx_description
1 polymer 'Dopachrome conversion enzyme'
2 branched beta-D-mannopyranose-(1-3)-[alpha-L-fucopyranose-(1-6)]2-acetamido-2-deoxy-beta-D-glucopyranose
3 branched beta-D-mannopyranose-(1-3)-[alpha-L-fucopyranose-(1-6)]2-acetamido-2-deoxy-alpha-D-glucopyranose
4 branched beta-D-mannopyranose-(1-4)-[alpha-L-fucopyranose-(1-6)]2-acetamido-2-deoxy-alpha-D-glucopyranose
5 branched beta-D-mannopyranose-(1-3)-[alpha-L-arabinopyranose-(1-6)]beta-D-mannopyranose-(1-4)-beta-D-mannopyranose-(1-3)-[alpha-L-fucopyranose-(1-6)]2-acetamido-2-deoxy-alpha-D-glucopyranose
6 branched alpha-L-fucopyranose-(1-4)-2-acetamido-2-deoxy-beta-D-glucopyranose-(1-3)-[alpha-L-fucopyranose-(1-6)]2-acetamido-2-deoxy-beta-D-glucopyranose
7 branched beta-D-mannopyranose-(1-4)-2-acetamido-2-deoxy-beta-D-glucopyranose
8 branched beta-D-mannopyranose-(1-4)-2-acetamido-2-deoxy-alpha-D-glucopyranose
9 branched 2-acetamido-2-deoxy-beta-D-glucopyranose-(1-3)-[alpha-L-fucopyranose-(1-6)]2-acetamido-2-deoxy-beta-D-glucopyranose
10 non-polymer 'CALCIUM ION'
11 non-polymer 'ACETIC ACID'
12 water water
#
_entity_poly.entity_id   1
_entity_poly.type   'polypeptide(L)'
_entity_poly.pdbx_seq_one_letter_code
;MLRLVFLCVVAFAALTVVSGQRQVEEVLKWQQVEFDVPASVLSAPDGYIPINNIPMSGVHYKNRVFVTVPRRRWGIPSTL
NVVELEPPYPVTNPVLKPYPSFELNELRADLQPDANRLVTVYRPRVDRCDRLWFVDTGMMEIPGNFTVVQRPSIWSIDLK
TNQPLSRYEIPQKDVETGYGLTSITLDVDPDDCSKVFVYISDLQTYRMVVYDHENQKSWRFLHNYFFLNPLEGDFNIQGI
PFAWDDGIFSIALSNPDPMTKFRTAYFHALSSNSEFTVSTAVLRNETASKRGYHGDDFKLLGYRGAQSQSSIHGFHPETG
VIFFALIQLNAVSCWDTRKPFAPQNMAIVYKNDRDIIYPNDLSIDQEGNVWFMSNSIIKLLYTQLSLEEFNFHIWRANIK
EIIKGTVCDPTVPPNVDHGQRFGGEQNADRVTFVEYKDKYGPGGGPYGGWGSDDKRKPTGRRP
;
_entity_poly.pdbx_strand_id   A,B,C,D
#
# COMPACT_ATOMS: atom_id res chain seq x y z
N GLN A 23 -24.65 -16.16 -11.18
CA GLN A 23 -24.06 -15.25 -10.15
C GLN A 23 -24.01 -13.81 -10.66
N VAL A 24 -23.78 -13.65 -11.96
CA VAL A 24 -23.92 -12.37 -12.65
C VAL A 24 -25.01 -12.55 -13.71
N GLU A 25 -26.13 -11.87 -13.54
CA GLU A 25 -27.20 -11.95 -14.53
C GLU A 25 -27.25 -10.72 -15.43
N GLU A 26 -27.40 -10.97 -16.73
CA GLU A 26 -27.59 -9.91 -17.71
C GLU A 26 -29.05 -9.49 -17.70
N VAL A 27 -29.31 -8.30 -17.18
CA VAL A 27 -30.67 -7.80 -17.02
C VAL A 27 -31.23 -7.26 -18.34
N LEU A 28 -30.47 -6.40 -19.00
CA LEU A 28 -30.95 -5.71 -20.20
C LEU A 28 -29.95 -5.80 -21.35
N LYS A 29 -30.48 -5.91 -22.57
CA LYS A 29 -29.66 -5.83 -23.78
C LYS A 29 -30.41 -5.26 -24.99
N TRP A 30 -29.67 -4.54 -25.83
CA TRP A 30 -30.24 -3.94 -27.03
C TRP A 30 -29.41 -4.25 -28.27
N GLN A 31 -30.10 -4.43 -29.39
CA GLN A 31 -29.48 -4.41 -30.70
C GLN A 31 -29.40 -2.95 -31.13
N GLN A 32 -30.47 -2.21 -30.83
CA GLN A 32 -30.55 -0.77 -31.05
C GLN A 32 -31.53 -0.17 -30.04
N VAL A 33 -31.49 1.14 -29.88
CA VAL A 33 -32.33 1.84 -28.93
C VAL A 33 -33.55 2.50 -29.60
N GLU A 34 -34.72 2.25 -29.04
CA GLU A 34 -35.98 2.83 -29.53
C GLU A 34 -36.67 3.62 -28.42
N PHE A 35 -37.53 4.56 -28.83
CA PHE A 35 -38.14 5.51 -27.91
C PHE A 35 -39.67 5.50 -27.97
N ASP A 36 -40.29 5.83 -26.84
CA ASP A 36 -41.74 5.97 -26.74
C ASP A 36 -42.13 7.43 -26.96
N VAL A 37 -42.10 7.86 -28.22
CA VAL A 37 -42.43 9.23 -28.60
C VAL A 37 -43.46 9.21 -29.75
N PRO A 38 -44.11 10.35 -30.04
CA PRO A 38 -45.07 10.39 -31.15
C PRO A 38 -44.40 10.10 -32.50
N ALA A 39 -45.16 9.48 -33.41
CA ALA A 39 -44.69 9.20 -34.77
C ALA A 39 -44.27 10.49 -35.46
N SER A 40 -44.74 11.61 -34.93
CA SER A 40 -44.35 12.95 -35.35
C SER A 40 -42.82 13.13 -35.34
N VAL A 41 -42.19 12.67 -34.27
CA VAL A 41 -40.74 12.80 -34.07
C VAL A 41 -39.97 11.75 -34.88
N LEU A 42 -40.52 10.53 -34.94
CA LEU A 42 -39.89 9.44 -35.69
C LEU A 42 -39.93 9.61 -37.21
N SER A 43 -40.96 10.31 -37.71
CA SER A 43 -41.14 10.52 -39.15
C SER A 43 -40.33 11.70 -39.70
N ALA A 44 -40.20 12.75 -38.89
CA ALA A 44 -39.48 13.96 -39.26
C ALA A 44 -38.02 13.66 -39.65
N PRO A 45 -37.51 14.34 -40.70
CA PRO A 45 -36.15 14.10 -41.21
C PRO A 45 -35.07 14.31 -40.14
N ASP A 46 -34.26 13.28 -39.93
CA ASP A 46 -33.18 13.28 -38.93
C ASP A 46 -33.69 13.46 -37.50
N GLY A 47 -34.94 13.05 -37.27
CA GLY A 47 -35.54 13.09 -35.93
C GLY A 47 -35.03 11.93 -35.08
N TYR A 48 -34.76 10.80 -35.74
CA TYR A 48 -34.25 9.60 -35.07
C TYR A 48 -33.36 8.80 -36.01
N ILE A 49 -32.07 8.72 -35.67
CA ILE A 49 -31.13 7.85 -36.38
C ILE A 49 -30.67 6.76 -35.40
N PRO A 50 -30.95 5.48 -35.74
CA PRO A 50 -30.71 4.36 -34.82
C PRO A 50 -29.24 4.18 -34.43
N ILE A 51 -28.35 4.22 -35.42
CA ILE A 51 -26.92 4.00 -35.20
C ILE A 51 -26.28 5.12 -34.37
N ASN A 52 -26.95 6.27 -34.33
CA ASN A 52 -26.49 7.42 -33.58
C ASN A 52 -26.81 7.33 -32.09
N ASN A 53 -27.80 6.50 -31.75
CA ASN A 53 -28.27 6.40 -30.37
C ASN A 53 -27.52 5.37 -29.51
N ILE A 54 -26.42 5.84 -28.91
CA ILE A 54 -25.62 5.01 -28.01
C ILE A 54 -25.93 5.38 -26.57
N PRO A 55 -26.42 4.40 -25.80
CA PRO A 55 -26.69 4.64 -24.38
C PRO A 55 -25.39 4.67 -23.57
N MET A 56 -25.35 5.51 -22.55
CA MET A 56 -24.12 5.76 -21.81
C MET A 56 -24.19 5.29 -20.37
N SER A 57 -25.40 5.15 -19.85
CA SER A 57 -25.56 4.64 -18.49
C SER A 57 -26.91 3.99 -18.28
N GLY A 58 -26.94 3.02 -17.37
CA GLY A 58 -28.18 2.45 -16.86
C GLY A 58 -28.09 2.24 -15.36
N VAL A 59 -28.82 3.04 -14.59
CA VAL A 59 -28.85 2.92 -13.13
C VAL A 59 -30.19 2.40 -12.62
N HIS A 60 -30.15 1.72 -11.47
CA HIS A 60 -31.30 0.98 -10.96
C HIS A 60 -31.96 1.68 -9.77
N TYR A 61 -33.29 1.62 -9.75
CA TYR A 61 -34.09 2.07 -8.62
C TYR A 61 -35.46 1.38 -8.61
N LYS A 62 -35.71 0.57 -7.58
CA LYS A 62 -36.99 -0.14 -7.39
C LYS A 62 -37.61 -0.65 -8.69
N ASN A 63 -36.96 -1.65 -9.30
CA ASN A 63 -37.41 -2.27 -10.55
C ASN A 63 -37.48 -1.35 -11.78
N ARG A 64 -36.91 -0.15 -11.66
CA ARG A 64 -36.83 0.78 -12.77
C ARG A 64 -35.37 1.10 -13.08
N VAL A 65 -35.01 0.95 -14.36
CA VAL A 65 -33.65 1.24 -14.81
C VAL A 65 -33.62 2.46 -15.73
N PHE A 66 -32.91 3.50 -15.29
CA PHE A 66 -32.79 4.73 -16.05
C PHE A 66 -31.64 4.65 -17.05
N VAL A 67 -31.94 4.92 -18.31
CA VAL A 67 -30.97 4.81 -19.39
C VAL A 67 -30.77 6.16 -20.08
N THR A 68 -29.51 6.57 -20.20
CA THR A 68 -29.19 7.85 -20.84
C THR A 68 -28.62 7.67 -22.23
N VAL A 69 -28.98 8.60 -23.13
CA VAL A 69 -28.40 8.65 -24.47
C VAL A 69 -27.90 10.07 -24.73
N PRO A 70 -26.62 10.33 -24.45
CA PRO A 70 -26.00 11.64 -24.66
C PRO A 70 -26.04 12.04 -26.13
N ARG A 71 -26.25 13.32 -26.40
CA ARG A 71 -26.44 13.79 -27.78
C ARG A 71 -25.12 14.16 -28.47
N ARG A 72 -24.30 13.14 -28.72
CA ARG A 72 -23.05 13.29 -29.47
C ARG A 72 -23.34 13.23 -30.96
N ARG A 73 -24.60 13.02 -31.30
CA ARG A 73 -25.06 12.91 -32.68
C ARG A 73 -26.42 13.59 -32.86
N TRP A 74 -26.82 13.75 -34.12
CA TRP A 74 -28.18 14.16 -34.44
C TRP A 74 -29.11 12.96 -34.39
N GLY A 75 -30.41 13.20 -34.23
CA GLY A 75 -31.41 12.15 -34.25
C GLY A 75 -31.50 11.36 -32.96
N ILE A 76 -31.39 12.07 -31.83
CA ILE A 76 -31.53 11.46 -30.52
C ILE A 76 -32.71 12.11 -29.80
N PRO A 77 -33.89 11.46 -29.86
CA PRO A 77 -35.17 12.00 -29.37
C PRO A 77 -35.17 12.38 -27.90
N SER A 78 -34.58 11.56 -27.04
CA SER A 78 -34.59 11.79 -25.60
C SER A 78 -33.25 11.45 -24.98
N THR A 79 -32.70 12.37 -24.20
CA THR A 79 -31.41 12.15 -23.55
C THR A 79 -31.54 11.30 -22.28
N LEU A 80 -32.58 11.56 -21.49
CA LEU A 80 -32.83 10.80 -20.27
C LEU A 80 -34.04 9.90 -20.45
N ASN A 81 -33.91 8.65 -20.03
CA ASN A 81 -34.96 7.65 -20.24
C ASN A 81 -35.13 6.73 -19.04
N VAL A 82 -36.24 5.97 -19.05
CA VAL A 82 -36.51 4.96 -18.04
C VAL A 82 -36.99 3.67 -18.72
N VAL A 83 -36.70 2.55 -18.07
CA VAL A 83 -37.21 1.25 -18.51
C VAL A 83 -37.74 0.49 -17.29
N GLU A 84 -38.90 -0.14 -17.44
CA GLU A 84 -39.51 -0.92 -16.36
C GLU A 84 -39.06 -2.38 -16.41
N LEU A 85 -38.65 -2.90 -15.26
CA LEU A 85 -38.13 -4.27 -15.18
C LEU A 85 -39.21 -5.31 -14.91
N GLU A 86 -39.15 -6.38 -15.69
CA GLU A 86 -40.01 -7.55 -15.48
C GLU A 86 -39.28 -8.81 -15.91
N PRO A 87 -39.13 -9.79 -14.99
CA PRO A 87 -38.53 -11.08 -15.28
C PRO A 87 -39.34 -11.85 -16.34
N PRO A 88 -38.72 -12.79 -17.06
CA PRO A 88 -37.32 -13.22 -16.93
C PRO A 88 -36.34 -12.33 -17.69
N TYR A 89 -35.09 -12.31 -17.24
CA TYR A 89 -34.02 -11.54 -17.85
C TYR A 89 -33.16 -12.45 -18.74
N PRO A 90 -32.55 -11.89 -19.82
CA PRO A 90 -32.50 -10.47 -20.19
C PRO A 90 -33.77 -9.98 -20.88
N VAL A 91 -34.22 -8.79 -20.48
CA VAL A 91 -35.33 -8.11 -21.16
C VAL A 91 -34.76 -7.53 -22.45
N THR A 92 -35.21 -8.09 -23.56
CA THR A 92 -34.66 -7.79 -24.89
C THR A 92 -35.29 -6.55 -25.50
N ASN A 93 -34.43 -5.60 -25.88
CA ASN A 93 -34.83 -4.39 -26.60
C ASN A 93 -35.98 -3.59 -25.98
N PRO A 94 -35.91 -3.30 -24.66
CA PRO A 94 -36.98 -2.52 -24.06
C PRO A 94 -37.02 -1.10 -24.64
N VAL A 95 -38.22 -0.64 -24.97
CA VAL A 95 -38.43 0.71 -25.47
C VAL A 95 -38.13 1.70 -24.34
N LEU A 96 -37.40 2.76 -24.67
CA LEU A 96 -37.07 3.79 -23.70
C LEU A 96 -38.18 4.84 -23.64
N LYS A 97 -38.63 5.16 -22.43
CA LYS A 97 -39.64 6.21 -22.24
C LYS A 97 -38.96 7.47 -21.66
N PRO A 98 -39.09 8.61 -22.35
CA PRO A 98 -38.45 9.86 -21.96
C PRO A 98 -38.79 10.30 -20.55
N TYR A 99 -37.83 10.12 -19.63
CA TYR A 99 -38.02 10.47 -18.23
C TYR A 99 -37.40 11.85 -17.95
N PRO A 100 -38.07 12.69 -17.14
CA PRO A 100 -39.37 12.49 -16.47
C PRO A 100 -40.56 12.69 -17.40
N SER A 101 -40.33 13.37 -18.52
CA SER A 101 -41.34 13.59 -19.55
C SER A 101 -40.67 14.03 -20.83
N PHE A 102 -41.20 13.58 -21.97
CA PHE A 102 -40.69 13.97 -23.28
C PHE A 102 -40.64 15.48 -23.45
N GLU A 103 -41.53 16.19 -22.74
CA GLU A 103 -41.57 17.66 -22.72
C GLU A 103 -40.24 18.28 -22.31
N LEU A 104 -39.51 17.60 -21.42
CA LEU A 104 -38.17 18.04 -21.01
C LEU A 104 -37.09 17.56 -21.99
N ASN A 105 -37.24 16.31 -22.45
CA ASN A 105 -36.26 15.70 -23.34
C ASN A 105 -36.41 16.12 -24.81
N GLU A 106 -37.32 17.04 -25.06
CA GLU A 106 -37.42 17.67 -26.37
C GLU A 106 -36.23 18.59 -26.60
N LEU A 107 -35.71 18.57 -27.82
CA LEU A 107 -34.66 19.50 -28.20
C LEU A 107 -35.29 20.67 -28.93
N ARG A 108 -35.05 21.88 -28.43
CA ARG A 108 -35.59 23.10 -29.04
C ARG A 108 -35.04 23.30 -30.45
N ALA A 109 -35.94 23.61 -31.38
CA ALA A 109 -35.57 23.82 -32.78
C ALA A 109 -34.67 25.05 -32.95
N ASP A 110 -34.91 26.07 -32.12
CA ASP A 110 -34.10 27.28 -32.13
C ASP A 110 -32.75 27.08 -31.43
N LEU A 111 -32.63 25.96 -30.69
CA LEU A 111 -31.41 25.60 -29.97
C LEU A 111 -30.97 26.65 -28.95
N GLN A 112 -31.94 27.25 -28.28
CA GLN A 112 -31.68 28.33 -27.32
C GLN A 112 -31.68 27.82 -25.87
N PRO A 113 -31.03 28.56 -24.96
CA PRO A 113 -31.03 28.20 -23.54
C PRO A 113 -32.43 28.04 -22.98
N ASP A 114 -32.61 27.04 -22.12
CA ASP A 114 -33.90 26.77 -21.49
C ASP A 114 -33.67 25.95 -20.21
N ALA A 115 -34.11 26.50 -19.08
CA ALA A 115 -33.96 25.82 -17.78
C ALA A 115 -34.92 24.63 -17.64
N ASN A 116 -35.86 24.52 -18.56
CA ASN A 116 -36.82 23.42 -18.57
C ASN A 116 -36.66 22.49 -19.76
N ARG A 117 -35.42 22.34 -20.22
CA ARG A 117 -35.08 21.38 -21.28
C ARG A 117 -33.80 20.65 -20.91
N LEU A 118 -33.75 19.35 -21.25
CA LEU A 118 -32.56 18.54 -21.03
C LEU A 118 -31.83 18.36 -22.34
N VAL A 119 -30.60 18.86 -22.39
CA VAL A 119 -29.81 18.83 -23.62
C VAL A 119 -29.05 17.51 -23.75
N THR A 120 -28.17 17.25 -22.78
CA THR A 120 -27.36 16.02 -22.76
C THR A 120 -27.02 15.62 -21.33
N VAL A 121 -27.38 14.38 -21.00
CA VAL A 121 -27.11 13.79 -19.69
C VAL A 121 -26.27 12.53 -19.88
N TYR A 122 -25.27 12.33 -19.02
CA TYR A 122 -24.38 11.18 -19.11
C TYR A 122 -24.68 10.07 -18.08
N ARG A 123 -24.14 10.20 -16.87
CA ARG A 123 -24.26 9.16 -15.84
C ARG A 123 -24.91 9.67 -14.56
N PRO A 124 -26.22 9.38 -14.38
CA PRO A 124 -26.92 9.78 -13.16
C PRO A 124 -26.62 8.83 -12.00
N ARG A 125 -26.90 9.28 -10.78
CA ARG A 125 -26.75 8.43 -9.59
C ARG A 125 -27.97 8.53 -8.68
N VAL A 126 -28.34 7.41 -8.07
CA VAL A 126 -29.46 7.34 -7.14
C VAL A 126 -28.94 7.39 -5.70
N ASP A 127 -29.52 8.26 -4.88
CA ASP A 127 -29.19 8.33 -3.46
C ASP A 127 -30.19 7.53 -2.61
N ARG A 128 -29.96 7.48 -1.30
CA ARG A 128 -30.83 6.78 -0.37
C ARG A 128 -32.16 7.52 -0.13
N CYS A 129 -32.24 8.75 -0.63
CA CYS A 129 -33.39 9.61 -0.41
C CYS A 129 -34.43 9.55 -1.54
N ASP A 130 -34.40 8.48 -2.33
CA ASP A 130 -35.28 8.32 -3.50
C ASP A 130 -35.18 9.50 -4.48
N ARG A 131 -33.95 9.98 -4.70
CA ARG A 131 -33.70 11.06 -5.64
C ARG A 131 -32.80 10.62 -6.79
N LEU A 132 -33.04 11.17 -7.96
CA LEU A 132 -32.17 10.95 -9.10
C LEU A 132 -31.39 12.22 -9.36
N TRP A 133 -30.06 12.12 -9.24
CA TRP A 133 -29.18 13.23 -9.53
C TRP A 133 -28.50 13.02 -10.87
N PHE A 134 -28.44 14.07 -11.68
CA PHE A 134 -27.73 14.03 -12.96
C PHE A 134 -27.17 15.39 -13.34
N VAL A 135 -26.37 15.42 -14.40
CA VAL A 135 -25.86 16.66 -14.95
C VAL A 135 -26.28 16.82 -16.41
N ASP A 136 -26.96 17.93 -16.70
CA ASP A 136 -27.24 18.33 -18.07
C ASP A 136 -26.08 19.20 -18.54
N THR A 137 -25.22 18.63 -19.36
CA THR A 137 -24.03 19.32 -19.86
C THR A 137 -24.38 20.58 -20.68
N GLY A 138 -25.54 20.53 -21.34
CA GLY A 138 -26.01 21.65 -22.16
C GLY A 138 -25.28 21.75 -23.47
N MET A 139 -24.51 20.71 -23.78
CA MET A 139 -23.64 20.70 -24.93
C MET A 139 -23.80 19.41 -25.72
N MET A 140 -23.79 19.52 -27.04
CA MET A 140 -23.89 18.37 -27.92
C MET A 140 -22.59 18.21 -28.69
N GLU A 141 -21.89 17.10 -28.45
CA GLU A 141 -20.55 16.88 -28.98
C GLU A 141 -20.57 16.21 -30.35
N ILE A 142 -21.35 16.76 -31.28
CA ILE A 142 -21.40 16.26 -32.65
C ILE A 142 -20.04 16.42 -33.31
N PRO A 143 -19.46 15.31 -33.80
CA PRO A 143 -18.18 15.42 -34.50
C PRO A 143 -18.37 16.26 -35.75
N GLY A 144 -17.64 17.35 -35.86
CA GLY A 144 -17.83 18.31 -36.94
C GLY A 144 -18.38 19.62 -36.42
N ASN A 145 -19.51 19.55 -35.71
CA ASN A 145 -20.12 20.75 -35.10
C ASN A 145 -20.44 20.56 -33.62
N PHE A 146 -19.48 20.90 -32.76
CA PHE A 146 -19.76 20.94 -31.32
C PHE A 146 -20.75 22.06 -31.06
N THR A 147 -21.91 21.71 -30.51
CA THR A 147 -22.98 22.69 -30.28
C THR A 147 -23.22 22.94 -28.78
N VAL A 148 -22.79 24.10 -28.31
CA VAL A 148 -23.04 24.53 -26.94
C VAL A 148 -24.40 25.24 -26.88
N VAL A 149 -25.42 24.51 -26.43
CA VAL A 149 -26.78 25.02 -26.37
C VAL A 149 -26.94 25.93 -25.16
N GLN A 150 -26.53 25.45 -23.99
CA GLN A 150 -26.69 26.17 -22.73
C GLN A 150 -25.62 25.73 -21.73
N ARG A 151 -25.53 26.45 -20.61
CA ARG A 151 -24.58 26.13 -19.55
C ARG A 151 -24.96 24.83 -18.82
N PRO A 152 -23.96 24.14 -18.25
CA PRO A 152 -24.21 22.88 -17.54
C PRO A 152 -25.00 23.05 -16.24
N SER A 153 -25.86 22.09 -15.95
CA SER A 153 -26.74 22.17 -14.78
C SER A 153 -26.84 20.86 -14.00
N ILE A 154 -26.93 21.00 -12.68
CA ILE A 154 -27.07 19.86 -11.77
C ILE A 154 -28.53 19.77 -11.30
N TRP A 155 -29.14 18.60 -11.50
CA TRP A 155 -30.54 18.38 -11.15
C TRP A 155 -30.72 17.32 -10.07
N SER A 156 -31.88 17.35 -9.43
CA SER A 156 -32.34 16.26 -8.57
C SER A 156 -33.82 16.03 -8.85
N ILE A 157 -34.22 14.76 -8.95
CA ILE A 157 -35.61 14.40 -9.25
C ILE A 157 -36.15 13.52 -8.13
N ASP A 158 -37.32 13.86 -7.60
CA ASP A 158 -38.01 13.00 -6.65
C ASP A 158 -38.57 11.78 -7.37
N LEU A 159 -38.09 10.60 -6.98
CA LEU A 159 -38.44 9.35 -7.65
C LEU A 159 -39.77 8.79 -7.16
N LYS A 160 -40.30 9.36 -6.09
CA LYS A 160 -41.61 9.00 -5.57
C LYS A 160 -42.73 9.68 -6.36
N THR A 161 -42.49 10.92 -6.76
CA THR A 161 -43.49 11.74 -7.47
C THR A 161 -43.15 11.97 -8.94
N ASN A 162 -41.98 11.50 -9.37
CA ASN A 162 -41.47 11.72 -10.73
C ASN A 162 -41.40 13.19 -11.16
N GLN A 163 -41.27 14.08 -10.17
CA GLN A 163 -41.22 15.52 -10.43
C GLN A 163 -39.84 16.09 -10.09
N PRO A 164 -39.31 16.95 -10.98
CA PRO A 164 -38.04 17.65 -10.74
C PRO A 164 -38.07 18.45 -9.43
N LEU A 165 -37.00 18.34 -8.65
CA LEU A 165 -36.89 19.07 -7.39
C LEU A 165 -36.07 20.34 -7.54
N SER A 166 -34.74 20.20 -7.52
CA SER A 166 -33.83 21.34 -7.62
C SER A 166 -33.04 21.33 -8.91
N ARG A 167 -32.65 22.52 -9.36
CA ARG A 167 -31.76 22.69 -10.50
C ARG A 167 -30.74 23.77 -10.17
N TYR A 168 -29.49 23.55 -10.57
CA TYR A 168 -28.43 24.52 -10.37
C TYR A 168 -27.62 24.69 -11.64
N GLU A 169 -27.52 25.92 -12.13
CA GLU A 169 -26.65 26.21 -13.26
C GLU A 169 -25.24 26.48 -12.76
N ILE A 170 -24.27 25.74 -13.31
CA ILE A 170 -22.87 25.88 -12.91
C ILE A 170 -22.25 27.10 -13.60
N PRO A 171 -21.74 28.06 -12.79
CA PRO A 171 -21.19 29.32 -13.32
C PRO A 171 -19.88 29.15 -14.11
N GLN A 172 -19.58 30.16 -14.94
CA GLN A 172 -18.41 30.17 -15.81
C GLN A 172 -17.10 30.01 -15.03
N LYS A 173 -17.08 30.55 -13.81
CA LYS A 173 -15.89 30.54 -12.96
C LYS A 173 -15.43 29.13 -12.55
N ASP A 174 -16.34 28.16 -12.66
CA ASP A 174 -16.02 26.78 -12.28
C ASP A 174 -15.70 25.92 -13.50
N VAL A 175 -16.53 26.00 -14.53
CA VAL A 175 -16.33 25.27 -15.78
C VAL A 175 -16.80 26.14 -16.94
N GLU A 176 -16.06 26.10 -18.04
CA GLU A 176 -16.37 26.92 -19.20
C GLU A 176 -17.62 26.46 -19.96
N THR A 177 -17.71 25.16 -20.27
CA THR A 177 -18.83 24.66 -21.09
C THR A 177 -19.59 23.46 -20.53
N GLY A 178 -18.87 22.46 -20.03
CA GLY A 178 -19.49 21.19 -19.63
C GLY A 178 -19.26 20.10 -20.65
N TYR A 179 -18.18 20.25 -21.41
CA TYR A 179 -17.71 19.28 -22.40
C TYR A 179 -17.36 17.93 -21.75
N GLY A 180 -16.78 17.97 -20.56
CA GLY A 180 -16.31 16.76 -19.90
C GLY A 180 -17.02 16.32 -18.63
N LEU A 181 -18.16 16.95 -18.33
CA LEU A 181 -18.91 16.61 -17.12
C LEU A 181 -19.77 15.37 -17.36
N THR A 182 -19.12 14.20 -17.33
CA THR A 182 -19.75 12.93 -17.69
C THR A 182 -20.05 12.03 -16.50
N SER A 183 -19.52 12.39 -15.33
CA SER A 183 -19.63 11.54 -14.15
C SER A 183 -19.78 12.35 -12.87
N ILE A 184 -20.59 11.84 -11.93
CA ILE A 184 -20.81 12.49 -10.64
C ILE A 184 -20.84 11.49 -9.48
N THR A 185 -20.41 11.96 -8.30
CA THR A 185 -20.46 11.17 -7.08
C THR A 185 -21.22 11.93 -5.99
N LEU A 186 -22.16 11.25 -5.34
CA LEU A 186 -23.02 11.87 -4.34
C LEU A 186 -22.47 11.76 -2.93
N ASP A 187 -22.44 12.88 -2.23
CA ASP A 187 -22.05 12.91 -0.82
C ASP A 187 -23.22 13.38 0.04
N VAL A 188 -24.03 12.42 0.48
CA VAL A 188 -25.22 12.69 1.29
C VAL A 188 -24.92 12.35 2.75
N ASP A 189 -25.28 13.26 3.66
CA ASP A 189 -25.16 13.03 5.09
C ASP A 189 -26.05 11.85 5.50
N PRO A 190 -25.52 10.97 6.39
CA PRO A 190 -26.29 9.80 6.81
C PRO A 190 -27.60 10.16 7.52
N ASP A 191 -27.60 11.23 8.30
CA ASP A 191 -28.77 11.65 9.07
C ASP A 191 -29.64 12.65 8.31
N ASP A 192 -29.12 13.85 8.07
CA ASP A 192 -29.84 14.89 7.35
C ASP A 192 -29.82 14.61 5.85
N CYS A 193 -31.01 14.44 5.27
CA CYS A 193 -31.16 14.15 3.85
C CYS A 193 -30.96 15.40 2.98
N SER A 194 -30.90 16.57 3.61
CA SER A 194 -30.79 17.84 2.90
C SER A 194 -29.34 18.27 2.67
N LYS A 195 -28.44 17.81 3.54
CA LYS A 195 -27.01 18.14 3.47
C LYS A 195 -26.29 17.28 2.43
N VAL A 196 -26.27 17.78 1.19
CA VAL A 196 -25.73 17.01 0.07
C VAL A 196 -24.63 17.79 -0.67
N PHE A 197 -23.50 17.12 -0.88
CA PHE A 197 -22.47 17.59 -1.80
C PHE A 197 -22.42 16.68 -3.03
N VAL A 198 -22.01 17.24 -4.17
CA VAL A 198 -21.84 16.48 -5.39
C VAL A 198 -20.47 16.79 -6.01
N TYR A 199 -19.72 15.74 -6.34
CA TYR A 199 -18.42 15.91 -6.99
C TYR A 199 -18.51 15.47 -8.45
N ILE A 200 -18.10 16.35 -9.35
CA ILE A 200 -18.19 16.12 -10.80
C ILE A 200 -16.78 15.97 -11.37
N SER A 201 -16.57 14.90 -12.13
CA SER A 201 -15.27 14.64 -12.76
C SER A 201 -15.28 15.07 -14.21
N ASP A 202 -14.42 16.04 -14.53
CA ASP A 202 -14.24 16.53 -15.89
C ASP A 202 -13.02 15.84 -16.50
N LEU A 203 -13.29 14.87 -17.37
CA LEU A 203 -12.25 14.10 -18.05
C LEU A 203 -11.61 14.85 -19.22
N GLN A 204 -12.24 15.94 -19.65
CA GLN A 204 -11.77 16.73 -20.80
C GLN A 204 -10.85 17.88 -20.42
N THR A 205 -11.21 18.61 -19.37
CA THR A 205 -10.40 19.74 -18.90
C THR A 205 -9.66 19.44 -17.60
N TYR A 206 -9.70 18.17 -17.20
CA TYR A 206 -8.88 17.63 -16.09
C TYR A 206 -9.11 18.37 -14.77
N ARG A 207 -10.38 18.49 -14.40
CA ARG A 207 -10.77 19.19 -13.17
C ARG A 207 -11.95 18.51 -12.48
N MET A 208 -12.12 18.83 -11.20
CA MET A 208 -13.22 18.31 -10.42
C MET A 208 -14.04 19.47 -9.91
N VAL A 209 -15.34 19.43 -10.16
CA VAL A 209 -16.23 20.50 -9.75
C VAL A 209 -17.05 20.05 -8.55
N VAL A 210 -16.91 20.76 -7.43
CA VAL A 210 -17.64 20.46 -6.21
C VAL A 210 -18.89 21.33 -6.15
N TYR A 211 -20.01 20.71 -5.80
CA TYR A 211 -21.31 21.38 -5.73
C TYR A 211 -21.86 21.35 -4.31
N ASP A 212 -22.04 22.54 -3.73
CA ASP A 212 -22.69 22.68 -2.44
C ASP A 212 -24.19 22.90 -2.66
N HIS A 213 -24.95 21.80 -2.61
CA HIS A 213 -26.40 21.83 -2.84
C HIS A 213 -27.13 22.68 -1.79
N GLU A 214 -26.78 22.48 -0.53
CA GLU A 214 -27.38 23.20 0.59
C GLU A 214 -27.28 24.71 0.44
N ASN A 215 -26.11 25.19 0.01
CA ASN A 215 -25.86 26.62 -0.12
C ASN A 215 -25.96 27.13 -1.56
N GLN A 216 -26.42 26.27 -2.46
CA GLN A 216 -26.43 26.55 -3.91
C GLN A 216 -25.17 27.28 -4.38
N LYS A 217 -24.02 26.75 -3.95
CA LYS A 217 -22.71 27.26 -4.36
C LYS A 217 -21.94 26.14 -5.07
N SER A 218 -20.87 26.51 -5.78
CA SER A 218 -19.99 25.53 -6.42
C SER A 218 -18.59 26.09 -6.65
N TRP A 219 -17.61 25.21 -6.67
CA TRP A 219 -16.23 25.57 -6.99
C TRP A 219 -15.53 24.44 -7.72
N ARG A 220 -14.28 24.68 -8.12
CA ARG A 220 -13.54 23.74 -8.94
C ARG A 220 -12.12 23.50 -8.41
N PHE A 221 -11.66 22.26 -8.51
CA PHE A 221 -10.29 21.90 -8.17
C PHE A 221 -9.48 21.62 -9.42
N LEU A 222 -8.23 22.09 -9.42
CA LEU A 222 -7.25 21.77 -10.45
C LEU A 222 -6.06 21.10 -9.78
N HIS A 223 -5.63 19.98 -10.35
CA HIS A 223 -4.53 19.20 -9.78
C HIS A 223 -3.87 18.30 -10.81
N ASN A 224 -2.56 18.11 -10.69
CA ASN A 224 -1.77 17.25 -11.57
C ASN A 224 -2.27 15.81 -11.65
N TYR A 225 -2.86 15.33 -10.57
CA TYR A 225 -3.33 13.95 -10.49
C TYR A 225 -4.63 13.73 -11.26
N PHE A 226 -5.25 14.81 -11.72
CA PHE A 226 -6.46 14.71 -12.53
C PHE A 226 -6.11 14.37 -13.97
N PHE A 227 -4.84 14.52 -14.31
CA PHE A 227 -4.36 14.20 -15.65
C PHE A 227 -4.17 12.70 -15.86
N LEU A 228 -4.10 12.32 -17.14
CA LEU A 228 -3.81 10.95 -17.53
C LEU A 228 -2.34 10.65 -17.30
N ASN A 229 -1.99 9.37 -17.34
CA ASN A 229 -0.59 8.98 -17.42
C ASN A 229 -0.21 8.77 -18.88
N PRO A 230 0.77 9.56 -19.38
CA PRO A 230 1.16 9.54 -20.80
C PRO A 230 1.32 8.13 -21.38
N LEU A 231 1.87 7.21 -20.60
CA LEU A 231 2.16 5.86 -21.06
C LEU A 231 1.02 4.87 -20.82
N GLU A 232 -0.10 5.35 -20.29
CA GLU A 232 -1.19 4.46 -19.87
C GLU A 232 -2.54 4.82 -20.49
N GLY A 233 -2.49 5.46 -21.66
CA GLY A 233 -3.69 5.83 -22.40
C GLY A 233 -3.81 5.07 -23.71
N ASP A 234 -3.12 3.94 -23.81
CA ASP A 234 -3.13 3.10 -25.01
C ASP A 234 -3.89 1.80 -24.78
N PHE A 235 -4.80 1.50 -25.69
CA PHE A 235 -5.66 0.32 -25.56
C PHE A 235 -5.74 -0.50 -26.84
N ASN A 236 -6.03 -1.80 -26.66
CA ASN A 236 -6.41 -2.65 -27.76
C ASN A 236 -7.60 -3.50 -27.33
N ILE A 237 -8.75 -3.22 -27.94
CA ILE A 237 -10.00 -3.89 -27.57
C ILE A 237 -10.65 -4.46 -28.83
N GLN A 238 -10.98 -5.75 -28.77
CA GLN A 238 -11.58 -6.47 -29.90
C GLN A 238 -10.73 -6.33 -31.17
N GLY A 239 -9.41 -6.32 -30.99
CA GLY A 239 -8.47 -6.19 -32.10
C GLY A 239 -8.27 -4.76 -32.59
N ILE A 240 -9.05 -3.83 -32.05
CA ILE A 240 -8.95 -2.42 -32.44
C ILE A 240 -8.03 -1.67 -31.47
N PRO A 241 -6.95 -1.06 -32.00
CA PRO A 241 -6.10 -0.23 -31.17
C PRO A 241 -6.53 1.25 -31.19
N PHE A 242 -6.33 1.94 -30.07
CA PHE A 242 -6.63 3.35 -29.94
C PHE A 242 -5.93 3.95 -28.72
N ALA A 243 -5.77 5.27 -28.73
CA ALA A 243 -5.22 6.01 -27.60
C ALA A 243 -6.16 7.12 -27.15
N TRP A 244 -6.39 7.21 -25.85
CA TRP A 244 -7.19 8.28 -25.28
C TRP A 244 -6.39 9.08 -24.26
N ASP A 245 -6.72 10.37 -24.14
CA ASP A 245 -6.09 11.27 -23.17
C ASP A 245 -7.02 11.64 -22.01
N ASP A 246 -8.10 10.88 -21.85
CA ASP A 246 -9.13 11.18 -20.84
C ASP A 246 -8.61 11.13 -19.40
N GLY A 247 -8.88 12.19 -18.65
CA GLY A 247 -8.38 12.33 -17.28
C GLY A 247 -9.36 11.88 -16.21
N ILE A 248 -9.39 12.60 -15.09
CA ILE A 248 -10.24 12.24 -13.95
C ILE A 248 -11.66 11.87 -14.41
N PHE A 249 -12.09 10.67 -14.05
CA PHE A 249 -13.29 10.08 -14.62
C PHE A 249 -14.26 9.57 -13.55
N SER A 250 -13.72 8.94 -12.51
CA SER A 250 -14.56 8.38 -11.47
C SER A 250 -14.04 8.70 -10.07
N ILE A 251 -14.98 8.92 -9.15
CA ILE A 251 -14.67 9.16 -7.74
C ILE A 251 -15.54 8.24 -6.88
N ALA A 252 -14.92 7.58 -5.92
CA ALA A 252 -15.63 6.69 -5.01
C ALA A 252 -15.36 7.08 -3.56
N LEU A 253 -16.43 7.28 -2.80
CA LEU A 253 -16.34 7.76 -1.43
C LEU A 253 -16.51 6.63 -0.44
N SER A 254 -15.63 6.57 0.55
CA SER A 254 -15.72 5.61 1.63
C SER A 254 -16.84 6.02 2.60
N ASN A 255 -17.01 5.24 3.66
CA ASN A 255 -17.95 5.58 4.71
C ASN A 255 -17.38 6.73 5.56
N PRO A 256 -18.26 7.59 6.10
CA PRO A 256 -17.77 8.68 6.94
C PRO A 256 -16.97 8.14 8.11
N ASP A 257 -15.86 8.80 8.42
CA ASP A 257 -15.02 8.42 9.56
C ASP A 257 -15.79 8.65 10.86
N PRO A 258 -15.74 7.66 11.78
CA PRO A 258 -16.40 7.78 13.08
C PRO A 258 -15.98 9.02 13.88
N MET A 259 -14.69 9.36 13.88
CA MET A 259 -14.24 10.49 14.75
C MET A 259 -14.15 11.83 13.98
N THR A 260 -14.35 11.83 12.67
CA THR A 260 -14.21 13.07 11.89
C THR A 260 -15.41 13.42 11.00
N LYS A 261 -16.22 12.42 10.66
CA LYS A 261 -17.41 12.58 9.81
C LYS A 261 -17.08 12.81 8.33
N PHE A 262 -15.79 12.77 7.99
CA PHE A 262 -15.36 12.98 6.61
C PHE A 262 -15.05 11.66 5.88
N ARG A 263 -14.92 11.74 4.55
CA ARG A 263 -14.76 10.55 3.71
C ARG A 263 -13.50 10.59 2.85
N THR A 264 -12.94 9.40 2.58
CA THR A 264 -11.85 9.25 1.61
C THR A 264 -12.43 9.19 0.20
N ALA A 265 -11.98 10.09 -0.67
CA ALA A 265 -12.39 10.08 -2.07
C ALA A 265 -11.36 9.34 -2.92
N TYR A 266 -11.69 8.12 -3.31
CA TYR A 266 -10.85 7.34 -4.21
C TYR A 266 -11.14 7.79 -5.62
N PHE A 267 -10.12 8.24 -6.33
CA PHE A 267 -10.31 8.72 -7.70
C PHE A 267 -9.18 8.31 -8.63
N HIS A 268 -9.50 8.22 -9.91
CA HIS A 268 -8.52 7.84 -10.94
C HIS A 268 -8.88 8.42 -12.30
N ALA A 269 -7.86 8.61 -13.13
CA ALA A 269 -8.06 8.97 -14.52
C ALA A 269 -8.46 7.72 -15.31
N LEU A 270 -9.12 7.93 -16.44
CA LEU A 270 -9.46 6.83 -17.34
C LEU A 270 -8.16 6.22 -17.85
N SER A 271 -7.27 7.07 -18.35
CA SER A 271 -6.00 6.65 -18.91
C SER A 271 -4.91 6.60 -17.84
N SER A 272 -5.09 5.69 -16.87
CA SER A 272 -4.14 5.52 -15.78
C SER A 272 -4.28 4.15 -15.11
N ASN A 273 -3.15 3.62 -14.63
CA ASN A 273 -3.15 2.40 -13.83
C ASN A 273 -2.96 2.73 -12.35
N SER A 274 -3.23 3.99 -12.00
CA SER A 274 -3.03 4.46 -10.64
C SER A 274 -4.31 4.98 -10.02
N GLU A 275 -4.43 4.77 -8.71
CA GLU A 275 -5.55 5.27 -7.92
C GLU A 275 -5.03 6.29 -6.91
N PHE A 276 -5.77 7.37 -6.73
CA PHE A 276 -5.40 8.43 -5.79
C PHE A 276 -6.52 8.69 -4.78
N THR A 277 -6.17 9.29 -3.64
CA THR A 277 -7.13 9.59 -2.57
C THR A 277 -7.05 11.03 -2.05
N VAL A 278 -8.21 11.58 -1.69
CA VAL A 278 -8.32 12.89 -1.04
C VAL A 278 -9.50 12.91 -0.08
N SER A 279 -9.28 13.46 1.12
CA SER A 279 -10.35 13.60 2.11
C SER A 279 -11.39 14.63 1.64
N THR A 280 -12.66 14.34 1.88
CA THR A 280 -13.75 15.23 1.47
C THR A 280 -13.68 16.58 2.18
N ALA A 281 -13.07 16.58 3.37
CA ALA A 281 -12.74 17.80 4.09
C ALA A 281 -12.03 18.82 3.19
N VAL A 282 -11.18 18.31 2.30
CA VAL A 282 -10.50 19.15 1.32
C VAL A 282 -11.47 19.55 0.21
N LEU A 283 -12.27 18.60 -0.26
CA LEU A 283 -13.18 18.83 -1.38
C LEU A 283 -14.35 19.74 -1.00
N ARG A 284 -14.80 19.64 0.25
CA ARG A 284 -15.93 20.41 0.75
C ARG A 284 -15.53 21.84 1.14
N ASN A 285 -14.24 22.15 1.04
CA ASN A 285 -13.71 23.43 1.48
C ASN A 285 -13.35 24.32 0.28
N GLU A 286 -14.15 25.36 0.07
CA GLU A 286 -14.04 26.26 -1.09
C GLU A 286 -12.71 27.00 -1.18
N THR A 287 -12.23 27.51 -0.05
CA THR A 287 -10.97 28.23 0.02
C THR A 287 -9.78 27.34 -0.38
N ALA A 288 -9.91 26.04 -0.10
CA ALA A 288 -8.90 25.06 -0.51
C ALA A 288 -8.81 24.94 -2.03
N SER A 289 -9.96 25.07 -2.71
CA SER A 289 -10.00 24.98 -4.17
C SER A 289 -9.31 26.16 -4.85
N LYS A 290 -9.44 27.33 -4.25
CA LYS A 290 -8.93 28.58 -4.81
C LYS A 290 -7.40 28.72 -4.76
N ARG A 291 -6.74 27.81 -4.03
CA ARG A 291 -5.29 27.82 -3.88
C ARG A 291 -4.55 27.58 -5.20
N GLY A 292 -3.30 28.03 -5.27
CA GLY A 292 -2.43 27.74 -6.42
C GLY A 292 -1.69 26.43 -6.23
N TYR A 293 -1.61 25.98 -4.98
CA TYR A 293 -0.85 24.79 -4.60
C TYR A 293 -1.58 24.09 -3.45
N HIS A 294 -1.86 22.80 -3.62
CA HIS A 294 -2.65 22.04 -2.65
C HIS A 294 -1.81 21.25 -1.66
N GLY A 295 -0.48 21.43 -1.75
CA GLY A 295 0.44 20.76 -0.84
C GLY A 295 0.43 19.26 -1.04
N ASP A 296 0.26 18.53 0.06
CA ASP A 296 0.17 17.07 0.01
C ASP A 296 -1.23 16.58 0.44
N ASP A 297 -2.25 17.35 0.09
CA ASP A 297 -3.64 16.99 0.37
C ASP A 297 -4.11 15.82 -0.49
N PHE A 298 -3.71 15.83 -1.77
CA PHE A 298 -4.01 14.76 -2.71
C PHE A 298 -2.85 13.74 -2.71
N LYS A 299 -3.17 12.46 -2.50
CA LYS A 299 -2.13 11.43 -2.35
C LYS A 299 -2.32 10.23 -3.27
N LEU A 300 -1.22 9.58 -3.63
CA LEU A 300 -1.26 8.35 -4.42
C LEU A 300 -1.56 7.15 -3.53
N LEU A 301 -2.61 6.43 -3.86
CA LEU A 301 -2.90 5.18 -3.17
C LEU A 301 -2.02 4.06 -3.72
N GLY A 302 -1.87 4.00 -5.04
CA GLY A 302 -0.96 3.02 -5.62
C GLY A 302 -1.32 2.48 -6.99
N TYR A 303 -0.69 1.35 -7.33
CA TYR A 303 -0.73 0.75 -8.64
C TYR A 303 -1.79 -0.36 -8.73
N ARG A 304 -2.64 -0.26 -9.75
CA ARG A 304 -3.80 -1.15 -9.90
C ARG A 304 -3.46 -2.43 -10.68
N GLY A 305 -2.34 -2.40 -11.41
CA GLY A 305 -1.89 -3.54 -12.19
C GLY A 305 -1.62 -3.19 -13.63
N ALA A 306 -0.97 -4.10 -14.35
CA ALA A 306 -0.76 -3.93 -15.78
C ALA A 306 -2.09 -4.00 -16.52
N GLN A 307 -2.27 -3.10 -17.48
CA GLN A 307 -3.48 -3.03 -18.29
C GLN A 307 -4.75 -2.95 -17.44
N SER A 308 -4.61 -2.32 -16.27
CA SER A 308 -5.71 -2.27 -15.30
C SER A 308 -6.41 -0.90 -15.26
N GLN A 309 -6.39 -0.20 -16.38
CA GLN A 309 -7.10 1.08 -16.50
C GLN A 309 -8.59 0.89 -16.26
N SER A 310 -9.15 1.71 -15.38
CA SER A 310 -10.56 1.62 -15.05
C SER A 310 -11.33 2.80 -15.62
N SER A 311 -12.62 2.57 -15.86
CA SER A 311 -13.53 3.66 -16.23
C SER A 311 -14.28 4.15 -15.00
N ILE A 312 -15.34 3.44 -14.62
CA ILE A 312 -16.13 3.81 -13.46
C ILE A 312 -15.91 2.80 -12.33
N HIS A 313 -15.77 3.31 -11.11
CA HIS A 313 -15.70 2.44 -9.95
C HIS A 313 -16.64 2.93 -8.85
N GLY A 314 -17.08 2.01 -8.00
CA GLY A 314 -18.01 2.34 -6.92
C GLY A 314 -17.65 1.69 -5.60
N PHE A 315 -17.96 2.39 -4.51
CA PHE A 315 -17.70 1.88 -3.16
C PHE A 315 -19.01 1.41 -2.55
N HIS A 316 -19.10 0.12 -2.22
CA HIS A 316 -20.29 -0.40 -1.54
C HIS A 316 -20.16 -0.20 -0.03
N PRO A 317 -21.06 0.61 0.56
CA PRO A 317 -20.99 1.00 1.97
C PRO A 317 -21.01 -0.17 2.96
N GLU A 318 -21.85 -1.16 2.70
CA GLU A 318 -22.04 -2.28 3.64
C GLU A 318 -20.86 -3.25 3.70
N THR A 319 -20.07 -3.32 2.65
CA THR A 319 -18.94 -4.24 2.58
C THR A 319 -17.57 -3.56 2.61
N GLY A 320 -17.55 -2.27 2.28
CA GLY A 320 -16.28 -1.53 2.17
C GLY A 320 -15.47 -2.02 0.99
N VAL A 321 -16.17 -2.47 -0.04
CA VAL A 321 -15.54 -3.02 -1.23
C VAL A 321 -15.73 -2.08 -2.41
N ILE A 322 -14.63 -1.80 -3.10
CA ILE A 322 -14.68 -1.01 -4.33
C ILE A 322 -14.75 -1.95 -5.52
N PHE A 323 -15.70 -1.68 -6.42
CA PHE A 323 -15.81 -2.41 -7.66
C PHE A 323 -15.31 -1.54 -8.82
N PHE A 324 -14.37 -2.08 -9.58
CA PHE A 324 -13.78 -1.38 -10.72
C PHE A 324 -14.29 -1.96 -12.03
N ALA A 325 -14.61 -1.08 -12.98
CA ALA A 325 -14.86 -1.52 -14.35
C ALA A 325 -13.55 -1.38 -15.11
N LEU A 326 -13.00 -2.50 -15.57
CA LEU A 326 -11.70 -2.52 -16.22
C LEU A 326 -11.80 -2.49 -17.74
N ILE A 327 -11.29 -1.41 -18.33
CA ILE A 327 -11.44 -1.14 -19.77
C ILE A 327 -10.75 -2.17 -20.69
N GLN A 328 -9.44 -2.33 -20.49
CA GLN A 328 -8.61 -3.20 -21.33
C GLN A 328 -8.88 -4.69 -21.07
N LEU A 329 -9.05 -5.06 -19.80
CA LEU A 329 -9.22 -6.46 -19.42
C LEU A 329 -10.63 -7.00 -19.66
N ASN A 330 -11.52 -6.14 -20.17
CA ASN A 330 -12.91 -6.49 -20.51
C ASN A 330 -13.66 -7.16 -19.34
N ALA A 331 -13.50 -6.60 -18.15
CA ALA A 331 -13.91 -7.26 -16.92
C ALA A 331 -14.33 -6.28 -15.81
N VAL A 332 -14.83 -6.84 -14.72
CA VAL A 332 -15.12 -6.10 -13.50
C VAL A 332 -14.34 -6.74 -12.37
N SER A 333 -13.53 -5.94 -11.68
CA SER A 333 -12.79 -6.43 -10.53
C SER A 333 -13.25 -5.74 -9.25
N CYS A 334 -12.84 -6.27 -8.11
CA CYS A 334 -13.16 -5.68 -6.83
C CYS A 334 -11.94 -5.55 -5.95
N TRP A 335 -12.07 -4.77 -4.88
CA TRP A 335 -11.01 -4.63 -3.88
C TRP A 335 -11.61 -4.29 -2.53
N ASP A 336 -11.14 -4.99 -1.49
CA ASP A 336 -11.49 -4.69 -0.11
C ASP A 336 -10.60 -3.54 0.35
N THR A 337 -11.22 -2.45 0.80
CA THR A 337 -10.49 -1.23 1.19
C THR A 337 -9.62 -1.41 2.43
N ARG A 338 -9.99 -2.37 3.29
CA ARG A 338 -9.22 -2.67 4.50
C ARG A 338 -7.85 -3.27 4.16
N LYS A 339 -7.78 -3.93 3.00
CA LYS A 339 -6.53 -4.55 2.54
C LYS A 339 -5.62 -3.49 1.88
N PRO A 340 -4.30 -3.78 1.80
CA PRO A 340 -3.39 -2.93 1.04
C PRO A 340 -3.75 -2.91 -0.44
N PHE A 341 -3.72 -1.73 -1.04
CA PHE A 341 -4.02 -1.58 -2.46
C PHE A 341 -2.92 -2.20 -3.32
N ALA A 342 -3.18 -3.42 -3.78
CA ALA A 342 -2.21 -4.21 -4.55
C ALA A 342 -2.94 -5.20 -5.44
N PRO A 343 -2.37 -5.52 -6.64
CA PRO A 343 -3.01 -6.43 -7.58
C PRO A 343 -3.43 -7.79 -6.99
N GLN A 344 -2.63 -8.32 -6.06
CA GLN A 344 -2.93 -9.62 -5.44
C GLN A 344 -3.97 -9.51 -4.32
N ASN A 345 -4.46 -8.29 -4.09
CA ASN A 345 -5.55 -8.07 -3.12
C ASN A 345 -6.85 -7.67 -3.83
N MET A 346 -6.81 -7.77 -5.16
CA MET A 346 -7.98 -7.55 -5.99
C MET A 346 -8.28 -8.82 -6.78
N ALA A 347 -9.56 -9.04 -7.07
CA ALA A 347 -9.99 -10.20 -7.82
C ALA A 347 -10.99 -9.81 -8.89
N ILE A 348 -10.91 -10.47 -10.04
CA ILE A 348 -11.86 -10.26 -11.12
C ILE A 348 -13.12 -11.08 -10.85
N VAL A 349 -14.24 -10.38 -10.64
CA VAL A 349 -15.51 -11.05 -10.34
C VAL A 349 -16.32 -11.42 -11.59
N TYR A 350 -16.08 -10.71 -12.69
CA TYR A 350 -16.71 -11.01 -13.96
C TYR A 350 -15.81 -10.66 -15.14
N LYS A 351 -15.87 -11.48 -16.19
CA LYS A 351 -15.07 -11.27 -17.41
C LYS A 351 -15.84 -11.75 -18.64
N ASN A 352 -15.80 -10.96 -19.71
CA ASN A 352 -16.54 -11.25 -20.93
C ASN A 352 -15.95 -10.50 -22.12
N ASP A 353 -15.07 -11.17 -22.85
CA ASP A 353 -14.40 -10.58 -24.01
C ASP A 353 -15.34 -10.35 -25.20
N ARG A 354 -16.48 -11.03 -25.20
CA ARG A 354 -17.43 -10.96 -26.30
C ARG A 354 -18.46 -9.84 -26.11
N ASP A 355 -18.93 -9.67 -24.87
CA ASP A 355 -20.01 -8.72 -24.58
C ASP A 355 -19.58 -7.42 -23.90
N ILE A 356 -18.47 -7.44 -23.18
CA ILE A 356 -17.89 -6.20 -22.62
C ILE A 356 -16.86 -5.63 -23.59
N ILE A 357 -17.28 -4.66 -24.38
CA ILE A 357 -16.38 -4.01 -25.33
C ILE A 357 -15.85 -2.69 -24.76
N TYR A 358 -16.72 -1.87 -24.19
CA TYR A 358 -16.29 -0.77 -23.34
C TYR A 358 -17.24 -0.67 -22.15
N PRO A 359 -16.72 -0.94 -20.94
CA PRO A 359 -17.55 -0.80 -19.75
C PRO A 359 -17.80 0.69 -19.46
N ASN A 360 -18.89 1.21 -20.02
CA ASN A 360 -19.16 2.64 -19.97
C ASN A 360 -19.66 3.13 -18.62
N ASP A 361 -20.27 2.25 -17.84
CA ASP A 361 -20.81 2.65 -16.54
C ASP A 361 -20.86 1.53 -15.50
N LEU A 362 -20.57 1.90 -14.27
CA LEU A 362 -20.71 1.03 -13.11
C LEU A 362 -21.41 1.83 -12.01
N SER A 363 -22.29 1.16 -11.27
CA SER A 363 -23.12 1.82 -10.26
C SER A 363 -23.56 0.85 -9.17
N ILE A 364 -23.72 1.39 -7.95
CA ILE A 364 -24.15 0.58 -6.80
C ILE A 364 -25.52 1.05 -6.32
N ASP A 365 -26.49 0.15 -6.39
CA ASP A 365 -27.88 0.47 -6.05
C ASP A 365 -28.13 0.53 -4.55
N GLN A 366 -29.39 0.70 -4.17
CA GLN A 366 -29.78 0.78 -2.77
C GLN A 366 -30.21 -0.60 -2.23
N GLU A 367 -29.83 -1.65 -2.95
CA GLU A 367 -30.25 -3.02 -2.62
C GLU A 367 -29.10 -4.03 -2.59
N GLY A 368 -27.87 -3.52 -2.50
CA GLY A 368 -26.68 -4.38 -2.37
C GLY A 368 -26.23 -5.12 -3.62
N ASN A 369 -26.46 -4.49 -4.78
CA ASN A 369 -26.04 -5.06 -6.06
C ASN A 369 -25.06 -4.14 -6.78
N VAL A 370 -24.13 -4.75 -7.53
CA VAL A 370 -23.25 -3.99 -8.42
C VAL A 370 -23.80 -4.05 -9.85
N TRP A 371 -24.03 -2.88 -10.42
CA TRP A 371 -24.57 -2.75 -11.77
C TRP A 371 -23.51 -2.23 -12.72
N PHE A 372 -23.40 -2.87 -13.88
CA PHE A 372 -22.45 -2.41 -14.90
C PHE A 372 -22.98 -2.55 -16.33
N MET A 373 -22.36 -1.80 -17.24
CA MET A 373 -22.89 -1.63 -18.60
C MET A 373 -21.78 -1.52 -19.63
N SER A 374 -22.01 -2.15 -20.78
CA SER A 374 -21.15 -1.99 -21.95
C SER A 374 -21.97 -1.54 -23.16
N ASN A 375 -21.44 -0.58 -23.92
CA ASN A 375 -22.16 -0.01 -25.06
C ASN A 375 -21.44 -0.14 -26.41
N SER A 376 -20.36 -0.91 -26.44
CA SER A 376 -19.56 -1.16 -27.65
C SER A 376 -19.17 0.13 -28.40
N ILE A 377 -18.86 1.18 -27.64
CA ILE A 377 -18.57 2.49 -28.21
C ILE A 377 -17.34 2.47 -29.14
N ILE A 378 -16.36 1.64 -28.80
CA ILE A 378 -15.14 1.49 -29.56
C ILE A 378 -15.43 1.01 -30.98
N LYS A 379 -16.31 0.01 -31.09
CA LYS A 379 -16.79 -0.48 -32.38
C LYS A 379 -17.37 0.65 -33.21
N LEU A 380 -18.28 1.43 -32.63
CA LEU A 380 -18.87 2.57 -33.32
C LEU A 380 -17.81 3.56 -33.77
N LEU A 381 -16.94 3.96 -32.85
CA LEU A 381 -15.95 5.00 -33.12
C LEU A 381 -14.94 4.60 -34.21
N TYR A 382 -14.48 3.36 -34.15
CA TYR A 382 -13.29 2.96 -34.91
C TYR A 382 -13.52 1.87 -35.95
N THR A 383 -14.77 1.41 -36.03
CA THR A 383 -15.14 0.26 -36.84
C THR A 383 -16.61 0.46 -37.20
N GLN A 384 -17.31 -0.61 -37.56
CA GLN A 384 -18.74 -0.50 -37.81
C GLN A 384 -19.53 -1.36 -36.84
N LEU A 385 -20.45 -0.70 -36.14
CA LEU A 385 -21.40 -1.38 -35.27
C LEU A 385 -22.42 -2.08 -36.16
N SER A 386 -22.96 -3.20 -35.68
CA SER A 386 -23.95 -3.94 -36.45
C SER A 386 -25.26 -4.09 -35.70
N LEU A 387 -26.32 -3.49 -36.25
CA LEU A 387 -27.64 -3.51 -35.60
C LEU A 387 -28.31 -4.89 -35.62
N GLU A 388 -27.71 -5.85 -36.31
CA GLU A 388 -28.14 -7.25 -36.25
C GLU A 388 -27.78 -7.87 -34.91
N GLU A 389 -26.60 -7.52 -34.40
CA GLU A 389 -26.07 -8.06 -33.14
C GLU A 389 -26.56 -7.25 -31.94
N PHE A 390 -26.43 -7.84 -30.75
CA PHE A 390 -26.68 -7.11 -29.51
C PHE A 390 -25.43 -6.33 -29.11
N ASN A 391 -25.59 -5.01 -29.05
CA ASN A 391 -24.46 -4.10 -28.85
C ASN A 391 -24.38 -3.54 -27.44
N PHE A 392 -25.53 -3.28 -26.83
CA PHE A 392 -25.58 -2.63 -25.52
C PHE A 392 -26.10 -3.59 -24.45
N HIS A 393 -25.31 -3.75 -23.38
CA HIS A 393 -25.59 -4.75 -22.35
C HIS A 393 -25.57 -4.14 -20.95
N ILE A 394 -26.44 -4.65 -20.07
CA ILE A 394 -26.47 -4.25 -18.65
C ILE A 394 -26.56 -5.49 -17.76
N TRP A 395 -25.57 -5.67 -16.88
CA TRP A 395 -25.56 -6.78 -15.92
C TRP A 395 -25.81 -6.30 -14.50
N ARG A 396 -26.07 -7.26 -13.61
CA ARG A 396 -26.10 -7.01 -12.17
C ARG A 396 -25.58 -8.22 -11.40
N ALA A 397 -25.00 -7.98 -10.23
CA ALA A 397 -24.53 -9.04 -9.36
C ALA A 397 -24.75 -8.67 -7.89
N ASN A 398 -25.19 -9.64 -7.10
CA ASN A 398 -25.34 -9.46 -5.66
C ASN A 398 -23.96 -9.38 -5.00
N ILE A 399 -23.64 -8.20 -4.46
CA ILE A 399 -22.32 -7.92 -3.92
C ILE A 399 -21.87 -8.97 -2.89
N LYS A 400 -22.61 -9.11 -1.80
CA LYS A 400 -22.26 -10.05 -0.72
C LYS A 400 -22.00 -11.45 -1.24
N GLU A 401 -22.77 -11.85 -2.25
CA GLU A 401 -22.65 -13.18 -2.83
C GLU A 401 -21.44 -13.31 -3.75
N ILE A 402 -21.15 -12.25 -4.52
CA ILE A 402 -20.07 -12.29 -5.51
C ILE A 402 -18.68 -12.26 -4.87
N ILE A 403 -18.57 -11.77 -3.64
CA ILE A 403 -17.28 -11.59 -2.98
C ILE A 403 -16.93 -12.71 -2.00
N LYS A 404 -17.84 -13.66 -1.81
CA LYS A 404 -17.74 -14.65 -0.73
C LYS A 404 -16.42 -15.42 -0.67
N GLY A 405 -16.10 -16.15 -1.74
CA GLY A 405 -14.87 -16.93 -1.77
C GLY A 405 -13.62 -16.09 -1.91
N THR A 406 -13.76 -14.95 -2.59
CA THR A 406 -12.62 -14.18 -3.10
C THR A 406 -11.85 -13.35 -2.06
N VAL A 407 -10.76 -12.74 -2.51
CA VAL A 407 -9.93 -11.85 -1.70
C VAL A 407 -10.69 -10.56 -1.35
N CYS A 408 -11.76 -10.27 -2.09
CA CYS A 408 -12.59 -9.10 -1.85
C CYS A 408 -13.49 -9.25 -0.63
N ASP A 409 -13.57 -10.47 -0.10
CA ASP A 409 -14.31 -10.72 1.13
C ASP A 409 -13.53 -10.17 2.32
N PRO A 410 -14.19 -9.35 3.15
CA PRO A 410 -13.61 -8.80 4.40
C PRO A 410 -13.15 -9.87 5.38
N THR A 411 -13.81 -11.03 5.37
CA THR A 411 -13.46 -12.13 6.27
C THR A 411 -12.23 -12.91 5.79
N VAL A 412 -11.86 -12.71 4.52
CA VAL A 412 -10.68 -13.34 3.94
C VAL A 412 -9.47 -12.42 4.12
N PRO A 413 -8.35 -12.95 4.65
CA PRO A 413 -7.12 -12.18 4.84
C PRO A 413 -6.47 -11.75 3.53
N PRO A 414 -5.69 -10.64 3.54
CA PRO A 414 -4.95 -10.19 2.36
C PRO A 414 -3.83 -11.14 1.98
N ASN A 415 -3.37 -11.06 0.74
CA ASN A 415 -2.35 -11.98 0.22
C ASN A 415 -0.93 -11.62 0.63
N VAL A 416 -0.10 -12.65 0.76
CA VAL A 416 1.26 -12.55 1.32
C VAL A 416 2.25 -11.77 0.45
N ASP A 417 2.13 -11.92 -0.87
CA ASP A 417 3.04 -11.34 -1.87
C ASP A 417 4.53 -11.30 -1.48
N GLN B 21 26.02 5.97 2.74
CA GLN B 21 27.07 5.06 3.28
C GLN B 21 28.40 5.80 3.53
N ARG B 22 28.64 6.86 2.76
CA ARG B 22 29.89 7.62 2.86
C ARG B 22 29.72 8.95 3.59
N GLN B 23 28.70 9.03 4.44
CA GLN B 23 28.48 10.18 5.32
C GLN B 23 27.80 9.77 6.65
N VAL B 24 28.04 8.53 7.05
CA VAL B 24 27.54 8.00 8.32
C VAL B 24 28.72 7.81 9.28
N GLU B 25 28.58 8.35 10.49
CA GLU B 25 29.64 8.33 11.49
C GLU B 25 29.60 7.10 12.40
N GLU B 26 30.75 6.45 12.55
CA GLU B 26 30.93 5.43 13.57
C GLU B 26 31.43 6.14 14.84
N VAL B 27 30.52 6.38 15.78
CA VAL B 27 30.81 7.18 16.97
C VAL B 27 31.62 6.41 18.01
N LEU B 28 31.15 5.21 18.35
CA LEU B 28 31.77 4.40 19.41
C LEU B 28 32.03 2.99 18.91
N LYS B 29 33.14 2.40 19.34
CA LYS B 29 33.44 0.99 19.04
C LYS B 29 34.30 0.32 20.12
N TRP B 30 33.86 -0.85 20.56
CA TRP B 30 34.55 -1.61 21.60
C TRP B 30 35.11 -2.93 21.08
N GLN B 31 35.88 -3.58 21.94
CA GLN B 31 36.26 -4.97 21.80
C GLN B 31 35.70 -5.68 23.02
N GLN B 32 35.51 -4.88 24.07
CA GLN B 32 35.03 -5.33 25.38
C GLN B 32 34.46 -4.12 26.12
N VAL B 33 33.68 -4.38 27.18
CA VAL B 33 33.03 -3.31 27.95
C VAL B 33 33.56 -3.28 29.40
N GLU B 34 34.21 -2.17 29.77
CA GLU B 34 34.73 -1.97 31.13
C GLU B 34 33.95 -0.90 31.89
N PHE B 35 34.03 -0.94 33.22
CA PHE B 35 33.16 -0.13 34.10
C PHE B 35 33.93 0.77 35.06
N ASP B 36 33.23 1.77 35.60
CA ASP B 36 33.79 2.73 36.56
C ASP B 36 33.09 2.62 37.92
N VAL B 37 33.63 1.76 38.78
CA VAL B 37 33.05 1.48 40.10
C VAL B 37 34.15 1.07 41.09
N PRO B 38 33.83 1.02 42.41
CA PRO B 38 34.80 0.53 43.41
C PRO B 38 35.40 -0.83 43.04
N ALA B 39 36.69 -0.98 43.34
CA ALA B 39 37.46 -2.16 42.95
C ALA B 39 37.05 -3.45 43.68
N SER B 40 36.28 -3.31 44.76
CA SER B 40 35.77 -4.46 45.52
C SER B 40 34.84 -5.32 44.68
N VAL B 41 34.09 -4.68 43.78
CA VAL B 41 33.20 -5.37 42.84
C VAL B 41 34.02 -5.98 41.70
N LEU B 42 34.94 -5.19 41.15
CA LEU B 42 35.77 -5.59 40.01
C LEU B 42 36.71 -6.74 40.33
N SER B 43 37.17 -6.81 41.58
CA SER B 43 38.12 -7.83 42.01
C SER B 43 37.46 -9.11 42.52
N ALA B 44 36.27 -8.98 43.10
CA ALA B 44 35.51 -10.12 43.61
C ALA B 44 35.23 -11.15 42.51
N PRO B 45 35.32 -12.45 42.85
CA PRO B 45 35.05 -13.52 41.87
C PRO B 45 33.63 -13.45 41.31
N ASP B 46 33.53 -13.52 39.98
CA ASP B 46 32.26 -13.44 39.24
C ASP B 46 31.46 -12.15 39.45
N GLY B 47 32.17 -11.08 39.81
CA GLY B 47 31.59 -9.74 39.90
C GLY B 47 31.69 -9.03 38.56
N TYR B 48 32.54 -9.56 37.68
CA TYR B 48 32.79 -9.00 36.35
C TYR B 48 33.46 -10.04 35.44
N ILE B 49 32.88 -10.24 34.26
CA ILE B 49 33.38 -11.20 33.26
C ILE B 49 33.42 -10.52 31.89
N PRO B 50 34.51 -10.71 31.12
CA PRO B 50 34.69 -10.01 29.84
C PRO B 50 33.60 -10.27 28.80
N ILE B 51 33.19 -11.54 28.64
CA ILE B 51 32.31 -11.95 27.56
C ILE B 51 30.81 -11.84 27.91
N ASN B 52 30.50 -11.82 29.20
CA ASN B 52 29.12 -11.79 29.68
C ASN B 52 28.43 -10.43 29.56
N ASN B 53 29.23 -9.38 29.37
CA ASN B 53 28.72 -8.01 29.29
C ASN B 53 28.41 -7.56 27.86
N ILE B 54 27.11 -7.52 27.54
CA ILE B 54 26.65 -7.09 26.21
C ILE B 54 25.63 -5.96 26.33
N PRO B 55 25.95 -4.79 25.74
CA PRO B 55 25.01 -3.67 25.64
C PRO B 55 24.00 -3.85 24.50
N MET B 56 22.74 -3.56 24.80
CA MET B 56 21.67 -3.69 23.81
C MET B 56 21.22 -2.35 23.26
N SER B 57 21.81 -1.26 23.76
CA SER B 57 21.35 0.07 23.37
C SER B 57 22.45 1.11 23.26
N GLY B 58 22.24 2.05 22.35
CA GLY B 58 23.01 3.29 22.27
C GLY B 58 22.04 4.43 22.06
N VAL B 59 21.97 5.34 23.02
CA VAL B 59 21.03 6.46 22.96
C VAL B 59 21.78 7.78 23.19
N HIS B 60 21.35 8.82 22.47
CA HIS B 60 22.03 10.10 22.52
C HIS B 60 21.25 11.16 23.28
N TYR B 61 21.94 11.82 24.20
CA TYR B 61 21.45 13.05 24.80
C TYR B 61 22.59 14.05 24.91
N LYS B 62 22.36 15.25 24.38
CA LYS B 62 23.24 16.41 24.57
C LYS B 62 24.68 16.04 24.86
N ASN B 63 25.29 15.34 23.91
CA ASN B 63 26.72 15.03 23.94
C ASN B 63 27.11 13.93 24.93
N ARG B 64 26.12 13.37 25.63
CA ARG B 64 26.35 12.18 26.44
C ARG B 64 25.42 11.04 26.01
N VAL B 65 26.02 9.87 25.78
CA VAL B 65 25.33 8.71 25.19
C VAL B 65 25.09 7.61 26.22
N PHE B 66 23.84 7.22 26.38
CA PHE B 66 23.44 6.19 27.33
C PHE B 66 23.53 4.78 26.73
N VAL B 67 24.33 3.94 27.36
CA VAL B 67 24.53 2.56 26.94
C VAL B 67 24.01 1.65 28.05
N THR B 68 23.34 0.56 27.69
CA THR B 68 22.78 -0.37 28.69
C THR B 68 23.28 -1.80 28.50
N VAL B 69 23.63 -2.45 29.60
CA VAL B 69 24.04 -3.86 29.60
C VAL B 69 23.04 -4.70 30.42
N PRO B 70 22.07 -5.32 29.73
CA PRO B 70 21.12 -6.25 30.35
C PRO B 70 21.79 -7.53 30.82
N ARG B 71 21.26 -8.10 31.90
CA ARG B 71 21.89 -9.24 32.56
C ARG B 71 21.43 -10.59 32.00
N ARG B 72 22.09 -11.00 30.92
CA ARG B 72 21.86 -12.30 30.31
C ARG B 72 22.70 -13.36 31.03
N ARG B 73 23.78 -12.91 31.66
CA ARG B 73 24.71 -13.79 32.36
C ARG B 73 25.20 -13.15 33.66
N TRP B 74 26.01 -13.88 34.43
CA TRP B 74 26.57 -13.36 35.68
C TRP B 74 27.73 -12.40 35.42
N GLY B 75 28.00 -11.54 36.41
CA GLY B 75 29.11 -10.60 36.31
C GLY B 75 28.78 -9.36 35.51
N ILE B 76 27.58 -8.83 35.71
CA ILE B 76 27.18 -7.55 35.14
C ILE B 76 27.13 -6.53 36.28
N PRO B 77 28.20 -5.75 36.44
CA PRO B 77 28.25 -4.78 37.54
C PRO B 77 27.11 -3.75 37.50
N SER B 78 26.80 -3.24 36.30
CA SER B 78 25.77 -2.20 36.14
C SER B 78 25.01 -2.37 34.82
N THR B 79 23.71 -2.08 34.87
CA THR B 79 22.86 -2.19 33.67
C THR B 79 22.78 -0.88 32.88
N LEU B 80 22.04 0.10 33.39
CA LEU B 80 21.91 1.41 32.74
C LEU B 80 23.14 2.26 33.00
N ASN B 81 23.80 2.68 31.92
CA ASN B 81 25.05 3.44 32.01
C ASN B 81 25.05 4.69 31.11
N VAL B 82 26.08 5.52 31.27
CA VAL B 82 26.26 6.71 30.43
C VAL B 82 27.74 6.89 30.04
N VAL B 83 27.96 7.46 28.85
CA VAL B 83 29.30 7.81 28.36
C VAL B 83 29.26 9.23 27.80
N GLU B 84 30.30 10.01 28.09
CA GLU B 84 30.44 11.37 27.54
C GLU B 84 31.12 11.36 26.18
N LEU B 85 30.67 12.23 25.28
CA LEU B 85 31.20 12.30 23.92
C LEU B 85 32.36 13.28 23.77
N GLU B 86 33.44 12.79 23.16
CA GLU B 86 34.63 13.60 22.87
C GLU B 86 35.33 13.05 21.64
N PRO B 87 35.56 13.91 20.63
CA PRO B 87 36.36 13.57 19.45
C PRO B 87 37.82 13.20 19.81
N PRO B 88 38.51 12.43 18.94
CA PRO B 88 38.07 11.95 17.63
C PRO B 88 37.04 10.82 17.72
N TYR B 89 36.36 10.57 16.61
CA TYR B 89 35.45 9.44 16.49
C TYR B 89 36.07 8.42 15.54
N PRO B 90 35.95 7.11 15.88
CA PRO B 90 35.24 6.56 17.03
C PRO B 90 36.01 6.62 18.34
N VAL B 91 35.30 6.89 19.44
CA VAL B 91 35.87 6.80 20.78
C VAL B 91 36.04 5.31 21.11
N THR B 92 37.28 4.88 21.26
CA THR B 92 37.60 3.45 21.37
C THR B 92 37.59 2.94 22.82
N ASN B 93 36.77 1.93 23.06
CA ASN B 93 36.64 1.25 24.36
C ASN B 93 36.39 2.17 25.57
N PRO B 94 35.42 3.10 25.47
CA PRO B 94 35.17 4.02 26.59
C PRO B 94 34.77 3.32 27.89
N VAL B 95 35.10 3.94 29.01
CA VAL B 95 34.80 3.38 30.33
C VAL B 95 33.38 3.77 30.74
N LEU B 96 32.50 2.77 30.79
CA LEU B 96 31.08 2.99 31.09
C LEU B 96 30.85 3.40 32.54
N LYS B 97 30.10 4.47 32.73
CA LYS B 97 29.77 4.99 34.04
C LYS B 97 28.31 4.71 34.40
N PRO B 98 28.08 3.93 35.49
CA PRO B 98 26.74 3.62 36.00
C PRO B 98 25.89 4.86 36.20
N TYR B 99 24.69 4.83 35.61
CA TYR B 99 23.77 5.97 35.63
C TYR B 99 22.42 5.54 36.21
N PRO B 100 21.77 6.42 37.01
CA PRO B 100 22.19 7.75 37.48
C PRO B 100 23.32 7.66 38.49
N SER B 101 23.44 6.50 39.13
CA SER B 101 24.52 6.19 40.05
C SER B 101 24.72 4.68 40.08
N PHE B 102 25.75 4.23 40.81
CA PHE B 102 26.00 2.81 41.00
C PHE B 102 25.08 2.22 42.07
N GLU B 103 24.59 3.07 42.97
CA GLU B 103 23.75 2.64 44.09
C GLU B 103 22.31 2.29 43.68
N LEU B 104 22.00 2.50 42.41
CA LEU B 104 20.75 2.02 41.83
C LEU B 104 21.03 0.87 40.86
N ASN B 105 22.30 0.68 40.52
CA ASN B 105 22.71 -0.37 39.58
C ASN B 105 23.40 -1.56 40.25
N GLU B 106 23.60 -1.48 41.56
CA GLU B 106 24.29 -2.52 42.31
C GLU B 106 23.41 -3.76 42.49
N LEU B 107 23.92 -4.90 42.01
CA LEU B 107 23.22 -6.17 42.14
C LEU B 107 23.27 -6.67 43.59
N ARG B 108 22.11 -7.03 44.12
CA ARG B 108 22.01 -7.53 45.49
C ARG B 108 22.38 -9.00 45.54
N ALA B 109 23.15 -9.37 46.56
CA ALA B 109 23.56 -10.76 46.78
C ALA B 109 22.38 -11.60 47.27
N ASP B 110 21.47 -10.96 48.00
CA ASP B 110 20.27 -11.61 48.53
C ASP B 110 19.17 -11.74 47.47
N LEU B 111 19.25 -10.92 46.42
CA LEU B 111 18.35 -10.96 45.26
C LEU B 111 16.88 -10.70 45.57
N GLN B 112 16.62 -9.93 46.63
CA GLN B 112 15.26 -9.53 46.99
C GLN B 112 14.80 -8.35 46.12
N PRO B 113 13.48 -8.04 46.13
CA PRO B 113 13.01 -6.88 45.36
C PRO B 113 13.59 -5.56 45.87
N ASP B 114 14.31 -4.86 45.00
CA ASP B 114 14.90 -3.57 45.34
C ASP B 114 14.18 -2.44 44.60
N ALA B 115 13.09 -1.96 45.20
CA ALA B 115 12.21 -0.93 44.63
C ALA B 115 12.93 0.36 44.27
N ASN B 116 14.21 0.46 44.64
CA ASN B 116 15.04 1.60 44.28
C ASN B 116 16.33 1.19 43.57
N ARG B 117 16.32 0.02 42.95
CA ARG B 117 17.45 -0.44 42.14
C ARG B 117 17.03 -1.00 40.79
N LEU B 118 18.03 -1.18 39.91
CA LEU B 118 17.81 -1.58 38.53
C LEU B 118 18.48 -2.92 38.25
N VAL B 119 17.66 -3.93 37.96
CA VAL B 119 18.15 -5.26 37.64
C VAL B 119 18.58 -5.29 36.17
N THR B 120 17.60 -5.30 35.27
CA THR B 120 17.87 -5.35 33.84
C THR B 120 17.06 -4.29 33.08
N VAL B 121 17.78 -3.45 32.35
CA VAL B 121 17.19 -2.42 31.49
C VAL B 121 17.69 -2.65 30.06
N TYR B 122 16.76 -2.60 29.11
CA TYR B 122 17.08 -2.94 27.70
C TYR B 122 17.33 -1.76 26.76
N ARG B 123 16.27 -1.17 26.23
CA ARG B 123 16.39 -0.06 25.27
C ARG B 123 15.65 1.18 25.77
N PRO B 124 16.38 2.18 26.27
CA PRO B 124 15.71 3.41 26.71
C PRO B 124 15.51 4.39 25.56
N ARG B 125 14.54 5.28 25.70
CA ARG B 125 14.28 6.31 24.71
C ARG B 125 14.35 7.71 25.34
N VAL B 126 14.78 8.69 24.54
CA VAL B 126 14.89 10.08 24.97
C VAL B 126 13.75 10.91 24.37
N ASP B 127 12.92 11.49 25.22
CA ASP B 127 11.81 12.33 24.77
C ASP B 127 12.24 13.80 24.63
N ARG B 128 11.28 14.68 24.37
CA ARG B 128 11.55 16.11 24.17
C ARG B 128 11.78 16.88 25.47
N CYS B 129 11.16 16.41 26.57
CA CYS B 129 11.19 17.13 27.84
C CYS B 129 12.38 16.78 28.72
N ASP B 130 13.54 16.56 28.11
CA ASP B 130 14.80 16.30 28.82
C ASP B 130 14.65 15.17 29.86
N ARG B 131 13.92 14.12 29.48
CA ARG B 131 13.70 12.95 30.32
C ARG B 131 14.18 11.67 29.64
N LEU B 132 14.62 10.71 30.44
CA LEU B 132 14.94 9.38 29.95
C LEU B 132 13.86 8.41 30.40
N TRP B 133 13.47 7.50 29.52
CA TRP B 133 12.46 6.50 29.85
C TRP B 133 12.98 5.10 29.55
N PHE B 134 12.71 4.18 30.46
CA PHE B 134 13.16 2.80 30.33
C PHE B 134 12.35 1.86 31.21
N VAL B 135 12.50 0.56 30.96
CA VAL B 135 11.84 -0.46 31.77
C VAL B 135 12.84 -1.24 32.62
N ASP B 136 12.48 -1.48 33.87
CA ASP B 136 13.21 -2.42 34.71
C ASP B 136 12.47 -3.74 34.57
N THR B 137 13.05 -4.66 33.81
CA THR B 137 12.46 -5.99 33.61
C THR B 137 12.34 -6.73 34.93
N GLY B 138 13.35 -6.53 35.79
CA GLY B 138 13.42 -7.19 37.09
C GLY B 138 13.71 -8.66 36.98
N MET B 139 14.19 -9.07 35.81
CA MET B 139 14.41 -10.48 35.50
C MET B 139 15.74 -10.68 34.79
N MET B 140 16.49 -11.68 35.26
CA MET B 140 17.76 -12.07 34.65
C MET B 140 17.59 -13.37 33.87
N GLU B 141 18.09 -13.37 32.63
CA GLU B 141 17.84 -14.46 31.69
C GLU B 141 19.08 -15.34 31.45
N ILE B 142 19.75 -15.73 32.53
CA ILE B 142 20.94 -16.59 32.45
C ILE B 142 20.61 -17.95 31.84
N PRO B 143 21.40 -18.38 30.83
CA PRO B 143 21.22 -19.73 30.28
C PRO B 143 21.36 -20.81 31.35
N GLY B 144 20.31 -21.63 31.48
CA GLY B 144 20.27 -22.65 32.53
C GLY B 144 19.52 -22.19 33.76
N ASN B 145 19.75 -20.94 34.17
CA ASN B 145 19.13 -20.38 35.37
C ASN B 145 18.41 -19.05 35.13
N PHE B 146 17.08 -19.10 35.14
CA PHE B 146 16.27 -17.89 35.03
C PHE B 146 15.90 -17.39 36.43
N THR B 147 16.09 -16.10 36.66
CA THR B 147 15.86 -15.51 37.98
C THR B 147 15.03 -14.23 37.91
N VAL B 148 13.81 -14.29 38.43
CA VAL B 148 12.93 -13.12 38.51
C VAL B 148 13.19 -12.40 39.83
N VAL B 149 14.11 -11.45 39.80
CA VAL B 149 14.49 -10.66 40.97
C VAL B 149 13.30 -9.84 41.49
N GLN B 150 12.65 -9.10 40.59
CA GLN B 150 11.48 -8.30 40.94
C GLN B 150 10.53 -8.12 39.75
N ARG B 151 9.37 -7.52 40.01
CA ARG B 151 8.37 -7.28 38.96
C ARG B 151 8.81 -6.19 37.98
N PRO B 152 8.22 -6.17 36.77
CA PRO B 152 8.56 -5.15 35.77
C PRO B 152 8.14 -3.76 36.21
N SER B 153 9.00 -2.78 35.96
CA SER B 153 8.75 -1.41 36.39
C SER B 153 9.32 -0.41 35.40
N ILE B 154 8.59 0.68 35.17
CA ILE B 154 9.04 1.73 34.25
C ILE B 154 9.45 3.01 34.98
N TRP B 155 10.47 3.68 34.45
CA TRP B 155 11.02 4.87 35.08
C TRP B 155 10.88 6.11 34.20
N SER B 156 11.04 7.28 34.83
CA SER B 156 11.25 8.54 34.13
C SER B 156 12.38 9.29 34.84
N ILE B 157 13.38 9.71 34.07
CA ILE B 157 14.59 10.33 34.62
C ILE B 157 14.76 11.77 34.15
N ASP B 158 14.86 12.70 35.10
CA ASP B 158 15.21 14.09 34.80
C ASP B 158 16.68 14.16 34.37
N LEU B 159 16.90 14.42 33.08
CA LEU B 159 18.26 14.43 32.52
C LEU B 159 19.04 15.71 32.83
N LYS B 160 18.33 16.71 33.36
CA LYS B 160 18.96 17.95 33.82
C LYS B 160 19.70 17.72 35.13
N THR B 161 18.97 17.22 36.14
CA THR B 161 19.52 17.01 37.49
C THR B 161 20.08 15.60 37.69
N ASN B 162 19.77 14.69 36.77
CA ASN B 162 20.12 13.27 36.86
C ASN B 162 19.37 12.53 37.97
N GLN B 163 18.19 13.05 38.32
CA GLN B 163 17.38 12.49 39.41
C GLN B 163 16.12 11.80 38.88
N PRO B 164 15.84 10.58 39.36
CA PRO B 164 14.60 9.86 39.03
C PRO B 164 13.35 10.68 39.39
N LEU B 165 12.38 10.68 38.49
CA LEU B 165 11.15 11.45 38.68
C LEU B 165 10.00 10.57 39.14
N SER B 166 9.83 9.42 38.48
CA SER B 166 8.76 8.48 38.80
C SER B 166 9.14 7.04 38.46
N ARG B 167 8.59 6.11 39.24
CA ARG B 167 8.67 4.68 38.94
C ARG B 167 7.27 4.08 39.04
N TYR B 168 6.95 3.18 38.12
CA TYR B 168 5.65 2.49 38.12
C TYR B 168 5.82 1.00 37.89
N GLU B 169 5.46 0.21 38.90
CA GLU B 169 5.50 -1.24 38.78
C GLU B 169 4.26 -1.71 38.03
N ILE B 170 4.47 -2.51 36.99
CA ILE B 170 3.38 -3.00 36.16
C ILE B 170 2.75 -4.23 36.81
N PRO B 171 1.41 -4.18 37.04
CA PRO B 171 0.65 -5.27 37.66
C PRO B 171 0.76 -6.60 36.92
N GLN B 172 0.57 -7.69 37.65
CA GLN B 172 0.60 -9.05 37.09
C GLN B 172 -0.49 -9.26 36.04
N LYS B 173 -1.57 -8.49 36.14
CA LYS B 173 -2.68 -8.55 35.19
C LYS B 173 -2.25 -8.23 33.75
N ASP B 174 -1.09 -7.60 33.60
CA ASP B 174 -0.58 -7.17 32.30
C ASP B 174 0.57 -8.04 31.81
N VAL B 175 1.63 -8.15 32.60
CA VAL B 175 2.78 -8.99 32.26
C VAL B 175 3.10 -9.87 33.46
N GLU B 176 3.44 -11.13 33.19
CA GLU B 176 3.79 -12.08 34.23
C GLU B 176 5.15 -11.77 34.85
N THR B 177 6.20 -11.76 34.02
CA THR B 177 7.57 -11.62 34.51
C THR B 177 8.26 -10.33 34.07
N GLY B 178 8.20 -10.03 32.78
CA GLY B 178 8.98 -8.95 32.18
C GLY B 178 10.10 -9.54 31.34
N TYR B 179 9.92 -10.80 30.96
CA TYR B 179 10.87 -11.56 30.16
C TYR B 179 11.19 -10.89 28.82
N GLY B 180 10.14 -10.51 28.09
CA GLY B 180 10.31 -9.98 26.74
C GLY B 180 10.15 -8.48 26.59
N LEU B 181 10.02 -7.77 27.70
CA LEU B 181 9.89 -6.31 27.67
C LEU B 181 11.24 -5.64 27.35
N THR B 182 11.67 -5.78 26.09
CA THR B 182 13.01 -5.35 25.68
C THR B 182 12.98 -4.09 24.83
N SER B 183 11.80 -3.50 24.66
CA SER B 183 11.62 -2.34 23.78
C SER B 183 10.50 -1.41 24.23
N ILE B 184 10.75 -0.11 24.07
CA ILE B 184 9.80 0.92 24.48
C ILE B 184 9.60 1.96 23.37
N THR B 185 8.39 2.50 23.29
CA THR B 185 8.11 3.64 22.39
C THR B 185 7.31 4.71 23.14
N LEU B 186 7.75 5.95 23.01
CA LEU B 186 7.21 7.07 23.78
C LEU B 186 6.14 7.85 23.05
N ASP B 187 5.03 8.10 23.73
CA ASP B 187 3.97 8.96 23.21
C ASP B 187 3.70 10.12 24.17
N VAL B 188 4.51 11.18 24.00
CA VAL B 188 4.41 12.38 24.82
C VAL B 188 3.54 13.43 24.10
N ASP B 189 2.72 14.15 24.87
CA ASP B 189 1.86 15.20 24.34
C ASP B 189 2.69 16.31 23.66
N PRO B 190 2.19 16.86 22.54
CA PRO B 190 2.86 17.97 21.83
C PRO B 190 2.98 19.26 22.66
N ASP B 191 1.89 19.68 23.28
CA ASP B 191 1.87 20.91 24.10
C ASP B 191 2.25 20.64 25.55
N ASP B 192 1.36 19.92 26.25
CA ASP B 192 1.58 19.52 27.65
C ASP B 192 2.66 18.43 27.72
N CYS B 193 3.24 18.25 28.91
CA CYS B 193 4.25 17.21 29.10
C CYS B 193 3.97 16.30 30.31
N SER B 194 2.84 16.56 30.98
CA SER B 194 2.36 15.69 32.06
C SER B 194 1.61 14.48 31.47
N LYS B 195 1.02 14.68 30.29
CA LYS B 195 0.31 13.62 29.58
C LYS B 195 1.27 12.80 28.73
N VAL B 196 1.57 11.59 29.19
CA VAL B 196 2.52 10.70 28.51
C VAL B 196 1.97 9.28 28.47
N PHE B 197 1.98 8.68 27.28
CA PHE B 197 1.68 7.26 27.12
C PHE B 197 2.95 6.52 26.70
N VAL B 198 3.01 5.23 27.04
CA VAL B 198 4.14 4.38 26.68
C VAL B 198 3.66 3.05 26.13
N TYR B 199 4.29 2.60 25.06
CA TYR B 199 3.94 1.31 24.45
C TYR B 199 5.15 0.38 24.44
N ILE B 200 5.08 -0.67 25.27
CA ILE B 200 6.18 -1.62 25.42
C ILE B 200 5.94 -2.88 24.58
N SER B 201 6.95 -3.27 23.81
CA SER B 201 6.87 -4.44 22.95
C SER B 201 7.43 -5.70 23.60
N ASP B 202 6.53 -6.63 23.92
CA ASP B 202 6.90 -7.91 24.50
C ASP B 202 7.11 -8.94 23.40
N LEU B 203 8.36 -9.22 23.07
CA LEU B 203 8.69 -10.18 22.01
C LEU B 203 8.67 -11.62 22.48
N GLN B 204 8.45 -11.84 23.78
CA GLN B 204 8.48 -13.19 24.32
C GLN B 204 7.11 -13.80 24.62
N THR B 205 6.24 -13.04 25.29
CA THR B 205 4.89 -13.51 25.54
C THR B 205 3.91 -13.05 24.45
N TYR B 206 4.45 -12.38 23.42
CA TYR B 206 3.69 -11.93 22.25
C TYR B 206 2.53 -11.00 22.58
N ARG B 207 2.86 -9.87 23.20
CA ARG B 207 1.86 -8.89 23.60
C ARG B 207 2.43 -7.48 23.63
N MET B 208 1.54 -6.50 23.73
CA MET B 208 1.93 -5.10 23.86
C MET B 208 1.30 -4.52 25.11
N VAL B 209 2.13 -4.08 26.05
CA VAL B 209 1.63 -3.42 27.26
C VAL B 209 1.73 -1.90 27.15
N VAL B 210 0.58 -1.25 27.32
CA VAL B 210 0.48 0.20 27.28
C VAL B 210 0.43 0.78 28.69
N TYR B 211 1.03 1.95 28.87
CA TYR B 211 1.12 2.61 30.16
C TYR B 211 0.65 4.08 30.10
N ASP B 212 -0.27 4.43 31.01
CA ASP B 212 -0.83 5.78 31.08
C ASP B 212 -0.20 6.55 32.23
N HIS B 213 0.69 7.49 31.91
CA HIS B 213 1.54 8.14 32.93
C HIS B 213 0.81 9.02 33.94
N GLU B 214 0.00 9.96 33.45
CA GLU B 214 -0.70 10.90 34.34
C GLU B 214 -1.64 10.18 35.31
N ASN B 215 -2.27 9.10 34.83
CA ASN B 215 -3.20 8.32 35.65
C ASN B 215 -2.53 7.18 36.41
N GLN B 216 -1.25 6.94 36.11
CA GLN B 216 -0.48 5.83 36.70
C GLN B 216 -1.28 4.52 36.69
N LYS B 217 -1.72 4.12 35.49
CA LYS B 217 -2.45 2.88 35.25
C LYS B 217 -1.94 2.25 33.97
N SER B 218 -1.91 0.93 33.92
CA SER B 218 -1.45 0.21 32.74
C SER B 218 -2.37 -0.95 32.36
N TRP B 219 -2.48 -1.21 31.06
CA TRP B 219 -3.20 -2.37 30.54
C TRP B 219 -2.44 -3.00 29.36
N ARG B 220 -2.94 -4.12 28.85
CA ARG B 220 -2.24 -4.86 27.78
C ARG B 220 -3.13 -5.31 26.61
N PHE B 221 -2.49 -5.43 25.44
CA PHE B 221 -3.15 -5.90 24.23
C PHE B 221 -2.62 -7.26 23.79
N LEU B 222 -3.54 -8.15 23.44
CA LEU B 222 -3.20 -9.44 22.84
C LEU B 222 -3.73 -9.47 21.41
N HIS B 223 -2.88 -9.88 20.47
CA HIS B 223 -3.28 -9.94 19.05
C HIS B 223 -2.47 -10.95 18.25
N ASN B 224 -3.08 -11.49 17.19
CA ASN B 224 -2.42 -12.44 16.30
C ASN B 224 -1.26 -11.85 15.51
N TYR B 225 -1.34 -10.54 15.24
CA TYR B 225 -0.31 -9.85 14.47
C TYR B 225 0.96 -9.56 15.28
N PHE B 226 0.90 -9.84 16.58
CA PHE B 226 2.06 -9.67 17.46
C PHE B 226 3.01 -10.85 17.38
N PHE B 227 2.58 -11.91 16.69
CA PHE B 227 3.40 -13.12 16.53
C PHE B 227 4.33 -13.04 15.33
N LEU B 228 5.28 -13.97 15.28
CA LEU B 228 6.20 -14.11 14.16
C LEU B 228 5.53 -14.75 12.95
N ASN B 229 6.15 -14.63 11.79
CA ASN B 229 5.73 -15.37 10.61
C ASN B 229 6.59 -16.64 10.49
N PRO B 230 5.94 -17.82 10.64
CA PRO B 230 6.64 -19.11 10.72
C PRO B 230 7.75 -19.31 9.69
N LEU B 231 7.52 -18.82 8.47
CA LEU B 231 8.46 -19.01 7.37
C LEU B 231 9.57 -17.96 7.36
N GLU B 232 9.27 -16.78 7.92
CA GLU B 232 10.16 -15.62 7.80
C GLU B 232 11.02 -15.39 9.03
N GLY B 233 11.31 -16.47 9.76
CA GLY B 233 12.09 -16.39 10.99
C GLY B 233 13.44 -17.08 10.94
N ASP B 234 13.94 -17.32 9.72
CA ASP B 234 15.20 -18.02 9.53
C ASP B 234 16.28 -17.10 8.97
N PHE B 235 17.38 -16.94 9.73
CA PHE B 235 18.44 -16.00 9.38
C PHE B 235 19.79 -16.68 9.18
N ASN B 236 20.68 -15.99 8.47
CA ASN B 236 22.03 -16.48 8.22
C ASN B 236 23.02 -15.32 8.08
N ILE B 237 23.54 -14.85 9.21
CA ILE B 237 24.52 -13.77 9.24
C ILE B 237 25.92 -14.32 9.49
N GLN B 238 26.87 -13.88 8.68
CA GLN B 238 28.27 -14.31 8.73
C GLN B 238 28.42 -15.83 8.58
N GLY B 239 27.60 -16.41 7.70
CA GLY B 239 27.60 -17.85 7.45
C GLY B 239 27.11 -18.67 8.63
N ILE B 240 26.49 -18.00 9.61
CA ILE B 240 25.93 -18.68 10.78
C ILE B 240 24.42 -18.78 10.67
N PRO B 241 23.90 -19.99 10.37
CA PRO B 241 22.46 -20.20 10.24
C PRO B 241 21.78 -20.32 11.59
N PHE B 242 20.66 -19.63 11.76
CA PHE B 242 19.86 -19.69 13.00
C PHE B 242 18.41 -19.31 12.74
N ALA B 243 17.56 -19.53 13.73
CA ALA B 243 16.15 -19.17 13.64
C ALA B 243 15.63 -18.70 14.99
N TRP B 244 14.94 -17.55 14.98
CA TRP B 244 14.32 -17.01 16.19
C TRP B 244 12.81 -16.94 16.06
N ASP B 245 12.12 -17.04 17.20
CA ASP B 245 10.66 -17.06 17.23
C ASP B 245 10.09 -15.82 17.91
N ASP B 246 10.86 -14.73 17.91
CA ASP B 246 10.50 -13.52 18.64
C ASP B 246 9.46 -12.68 17.91
N GLY B 247 8.47 -12.19 18.67
CA GLY B 247 7.34 -11.47 18.11
C GLY B 247 7.49 -9.96 18.11
N ILE B 248 6.38 -9.25 18.37
CA ILE B 248 6.36 -7.78 18.34
C ILE B 248 7.59 -7.19 19.01
N PHE B 249 8.32 -6.36 18.27
CA PHE B 249 9.62 -5.90 18.73
C PHE B 249 9.77 -4.39 18.77
N SER B 250 9.26 -3.71 17.75
CA SER B 250 9.44 -2.27 17.64
C SER B 250 8.13 -1.59 17.23
N ILE B 251 7.87 -0.42 17.81
CA ILE B 251 6.72 0.40 17.45
C ILE B 251 7.22 1.80 17.08
N ALA B 252 6.63 2.38 16.03
CA ALA B 252 6.97 3.73 15.58
C ALA B 252 5.72 4.58 15.41
N LEU B 253 5.77 5.81 15.88
CA LEU B 253 4.59 6.66 15.89
C LEU B 253 4.73 7.85 14.96
N SER B 254 3.73 8.03 14.09
CA SER B 254 3.63 9.21 13.24
C SER B 254 3.26 10.42 14.08
N ASN B 255 3.45 11.61 13.53
CA ASN B 255 3.02 12.85 14.18
C ASN B 255 1.52 12.83 14.44
N PRO B 256 1.05 13.56 15.47
CA PRO B 256 -0.38 13.57 15.76
C PRO B 256 -1.21 14.06 14.57
N ASP B 257 -2.31 13.38 14.28
CA ASP B 257 -3.21 13.78 13.21
C ASP B 257 -3.85 15.11 13.54
N PRO B 258 -3.74 16.10 12.62
CA PRO B 258 -4.30 17.44 12.82
C PRO B 258 -5.79 17.45 13.16
N MET B 259 -6.55 16.49 12.64
CA MET B 259 -8.02 16.53 12.86
C MET B 259 -8.43 15.73 14.11
N THR B 260 -7.73 14.63 14.39
CA THR B 260 -8.14 13.76 15.50
C THR B 260 -7.21 13.81 16.72
N LYS B 261 -6.00 14.35 16.53
CA LYS B 261 -4.98 14.42 17.57
C LYS B 261 -4.49 13.05 18.05
N PHE B 262 -4.64 12.04 17.18
CA PHE B 262 -4.13 10.69 17.43
C PHE B 262 -2.99 10.36 16.46
N ARG B 263 -2.31 9.25 16.74
CA ARG B 263 -1.13 8.86 15.97
C ARG B 263 -1.26 7.46 15.38
N THR B 264 -0.47 7.18 14.34
CA THR B 264 -0.44 5.86 13.73
C THR B 264 0.74 5.08 14.27
N ALA B 265 0.45 3.96 14.93
CA ALA B 265 1.49 3.07 15.43
C ALA B 265 1.88 2.07 14.35
N TYR B 266 3.16 2.11 13.96
CA TYR B 266 3.71 1.17 13.01
C TYR B 266 4.48 0.11 13.76
N PHE B 267 4.09 -1.16 13.60
CA PHE B 267 4.72 -2.24 14.34
C PHE B 267 4.95 -3.49 13.50
N HIS B 268 6.03 -4.19 13.82
CA HIS B 268 6.38 -5.45 13.18
C HIS B 268 6.97 -6.41 14.20
N ALA B 269 6.78 -7.69 13.97
CA ALA B 269 7.49 -8.72 14.73
C ALA B 269 8.93 -8.78 14.24
N LEU B 270 9.83 -9.28 15.08
CA LEU B 270 11.22 -9.47 14.70
C LEU B 270 11.31 -10.38 13.49
N SER B 271 10.71 -11.57 13.62
CA SER B 271 10.74 -12.59 12.57
C SER B 271 9.53 -12.48 11.65
N SER B 272 9.54 -11.43 10.82
CA SER B 272 8.48 -11.16 9.85
C SER B 272 8.97 -10.17 8.79
N ASN B 273 8.48 -10.36 7.57
CA ASN B 273 8.72 -9.40 6.49
C ASN B 273 7.51 -8.48 6.30
N SER B 274 6.62 -8.46 7.28
CA SER B 274 5.40 -7.68 7.20
C SER B 274 5.33 -6.57 8.24
N GLU B 275 4.69 -5.47 7.87
CA GLU B 275 4.46 -4.36 8.79
C GLU B 275 2.96 -4.18 9.03
N PHE B 276 2.59 -3.86 10.27
CA PHE B 276 1.20 -3.65 10.63
C PHE B 276 1.01 -2.28 11.28
N THR B 277 -0.19 -1.72 11.16
CA THR B 277 -0.49 -0.43 11.77
C THR B 277 -1.70 -0.50 12.70
N VAL B 278 -1.70 0.38 13.70
CA VAL B 278 -2.86 0.56 14.59
C VAL B 278 -2.92 2.00 15.10
N SER B 279 -4.13 2.57 15.13
CA SER B 279 -4.35 3.90 15.69
C SER B 279 -4.04 3.91 17.19
N THR B 280 -3.51 5.02 17.69
CA THR B 280 -3.23 5.17 19.12
C THR B 280 -4.52 5.36 19.92
N ALA B 281 -5.59 5.75 19.23
CA ALA B 281 -6.93 5.82 19.81
C ALA B 281 -7.35 4.46 20.38
N VAL B 282 -6.92 3.40 19.71
CA VAL B 282 -7.15 2.03 20.18
C VAL B 282 -6.22 1.71 21.35
N LEU B 283 -4.93 1.98 21.19
CA LEU B 283 -3.90 1.66 22.19
C LEU B 283 -4.09 2.38 23.53
N ARG B 284 -4.59 3.61 23.46
CA ARG B 284 -4.81 4.45 24.65
C ARG B 284 -6.13 4.11 25.35
N ASN B 285 -6.81 3.08 24.87
CA ASN B 285 -8.15 2.73 25.35
C ASN B 285 -8.16 1.42 26.13
N GLU B 286 -8.39 1.52 27.44
CA GLU B 286 -8.32 0.37 28.34
C GLU B 286 -9.39 -0.68 28.09
N THR B 287 -10.63 -0.23 27.87
CA THR B 287 -11.76 -1.14 27.63
C THR B 287 -11.61 -1.91 26.31
N ALA B 288 -10.86 -1.33 25.37
CA ALA B 288 -10.57 -1.97 24.09
C ALA B 288 -9.53 -3.08 24.21
N SER B 289 -8.66 -2.98 25.22
CA SER B 289 -7.60 -3.95 25.43
C SER B 289 -8.11 -5.25 26.07
N LYS B 290 -9.27 -5.16 26.71
CA LYS B 290 -9.86 -6.30 27.41
C LYS B 290 -10.85 -7.07 26.53
N ARG B 291 -10.95 -6.67 25.26
CA ARG B 291 -11.73 -7.40 24.27
C ARG B 291 -10.98 -8.68 23.88
N GLY B 292 -11.73 -9.74 23.59
CA GLY B 292 -11.16 -10.96 23.06
C GLY B 292 -11.03 -10.89 21.54
N TYR B 293 -11.69 -9.89 20.97
CA TYR B 293 -11.69 -9.68 19.52
C TYR B 293 -11.58 -8.20 19.20
N HIS B 294 -10.47 -7.81 18.58
CA HIS B 294 -10.16 -6.41 18.29
C HIS B 294 -10.61 -5.93 16.91
N GLY B 295 -11.39 -6.76 16.22
CA GLY B 295 -11.92 -6.42 14.89
C GLY B 295 -10.86 -6.08 13.87
N ASP B 296 -11.10 -5.01 13.10
CA ASP B 296 -10.14 -4.54 12.11
C ASP B 296 -9.33 -3.34 12.58
N ASP B 297 -9.22 -3.19 13.91
CA ASP B 297 -8.46 -2.08 14.52
C ASP B 297 -6.97 -2.16 14.19
N PHE B 298 -6.44 -3.38 14.17
CA PHE B 298 -5.07 -3.64 13.73
C PHE B 298 -5.14 -4.09 12.27
N LYS B 299 -4.26 -3.52 11.43
CA LYS B 299 -4.29 -3.78 9.99
C LYS B 299 -2.91 -4.08 9.44
N LEU B 300 -2.86 -4.88 8.39
CA LEU B 300 -1.63 -5.12 7.65
C LEU B 300 -1.32 -3.91 6.78
N LEU B 301 -0.11 -3.37 6.94
CA LEU B 301 0.37 -2.30 6.09
C LEU B 301 0.93 -2.87 4.79
N GLY B 302 1.75 -3.92 4.91
CA GLY B 302 2.26 -4.61 3.74
C GLY B 302 3.56 -5.36 3.93
N TYR B 303 4.23 -5.62 2.82
CA TYR B 303 5.43 -6.43 2.75
C TYR B 303 6.66 -5.52 2.68
N ARG B 304 7.63 -5.79 3.53
CA ARG B 304 8.83 -4.97 3.64
C ARG B 304 9.86 -5.31 2.56
N GLY B 305 9.79 -6.52 2.04
CA GLY B 305 10.73 -7.00 1.04
C GLY B 305 11.22 -8.40 1.37
N ALA B 306 11.83 -9.06 0.39
CA ALA B 306 12.42 -10.38 0.59
C ALA B 306 13.67 -10.23 1.44
N GLN B 307 13.76 -11.03 2.50
CA GLN B 307 14.85 -10.96 3.48
C GLN B 307 14.94 -9.56 4.12
N SER B 308 13.78 -8.98 4.42
CA SER B 308 13.72 -7.65 4.99
C SER B 308 13.15 -7.64 6.42
N GLN B 309 13.54 -8.62 7.21
CA GLN B 309 13.13 -8.67 8.62
C GLN B 309 13.86 -7.59 9.40
N SER B 310 13.10 -6.82 10.18
CA SER B 310 13.63 -5.68 10.91
C SER B 310 13.63 -5.89 12.41
N SER B 311 14.68 -5.41 13.07
CA SER B 311 14.75 -5.45 14.52
C SER B 311 14.08 -4.20 15.10
N ILE B 312 14.78 -3.07 15.06
CA ILE B 312 14.25 -1.82 15.59
C ILE B 312 14.05 -0.79 14.48
N HIS B 313 12.99 0.01 14.60
CA HIS B 313 12.74 1.09 13.66
C HIS B 313 12.24 2.35 14.37
N GLY B 314 12.33 3.50 13.68
CA GLY B 314 11.91 4.78 14.25
C GLY B 314 11.33 5.75 13.25
N PHE B 315 10.40 6.58 13.73
CA PHE B 315 9.74 7.60 12.91
C PHE B 315 10.30 8.98 13.23
N HIS B 316 10.82 9.66 12.22
CA HIS B 316 11.36 11.01 12.39
C HIS B 316 10.24 12.04 12.23
N PRO B 317 9.92 12.77 13.31
CA PRO B 317 8.79 13.71 13.30
C PRO B 317 8.84 14.80 12.22
N GLU B 318 10.04 15.29 11.91
CA GLU B 318 10.21 16.39 10.95
C GLU B 318 10.06 15.97 9.49
N THR B 319 10.78 14.92 9.09
CA THR B 319 10.73 14.43 7.72
C THR B 319 9.52 13.53 7.46
N GLY B 320 9.12 12.77 8.48
CA GLY B 320 8.03 11.80 8.35
C GLY B 320 8.54 10.47 7.83
N VAL B 321 9.81 10.19 8.09
CA VAL B 321 10.48 9.00 7.56
C VAL B 321 10.71 7.95 8.65
N ILE B 322 10.47 6.69 8.32
CA ILE B 322 10.81 5.58 9.21
C ILE B 322 12.12 4.93 8.78
N PHE B 323 13.05 4.83 9.73
CA PHE B 323 14.32 4.13 9.52
C PHE B 323 14.27 2.73 10.11
N PHE B 324 14.51 1.72 9.28
CA PHE B 324 14.46 0.32 9.69
C PHE B 324 15.87 -0.21 9.89
N ALA B 325 16.08 -0.89 11.01
CA ALA B 325 17.27 -1.70 11.19
C ALA B 325 16.99 -3.07 10.56
N LEU B 326 17.65 -3.36 9.44
CA LEU B 326 17.44 -4.61 8.73
C LEU B 326 18.40 -5.70 9.24
N ILE B 327 17.84 -6.82 9.67
CA ILE B 327 18.61 -7.89 10.30
C ILE B 327 19.38 -8.73 9.29
N GLN B 328 18.68 -9.24 8.28
CA GLN B 328 19.24 -10.20 7.32
C GLN B 328 20.15 -9.53 6.29
N LEU B 329 19.86 -8.27 5.97
CA LEU B 329 20.61 -7.55 4.94
C LEU B 329 21.78 -6.72 5.48
N ASN B 330 22.02 -6.80 6.80
CA ASN B 330 23.10 -6.10 7.49
C ASN B 330 23.13 -4.60 7.17
N ALA B 331 21.96 -3.97 7.23
CA ALA B 331 21.79 -2.62 6.70
C ALA B 331 20.75 -1.80 7.45
N VAL B 332 20.71 -0.51 7.14
CA VAL B 332 19.64 0.37 7.58
C VAL B 332 18.93 0.90 6.33
N SER B 333 17.61 0.75 6.31
CA SER B 333 16.78 1.25 5.21
C SER B 333 15.87 2.38 5.71
N CYS B 334 15.29 3.11 4.76
CA CYS B 334 14.34 4.18 5.09
C CYS B 334 13.05 4.07 4.27
N TRP B 335 11.99 4.68 4.79
CA TRP B 335 10.73 4.78 4.07
C TRP B 335 9.97 6.04 4.47
N ASP B 336 9.60 6.84 3.46
CA ASP B 336 8.75 8.01 3.64
C ASP B 336 7.32 7.53 3.82
N THR B 337 6.73 7.84 4.97
CA THR B 337 5.38 7.36 5.32
C THR B 337 4.29 7.90 4.41
N ARG B 338 4.59 8.96 3.65
CA ARG B 338 3.67 9.52 2.68
C ARG B 338 3.48 8.60 1.49
N LYS B 339 4.54 7.88 1.13
CA LYS B 339 4.53 6.98 -0.02
C LYS B 339 3.92 5.63 0.33
N PRO B 340 3.28 4.97 -0.67
CA PRO B 340 2.76 3.61 -0.45
C PRO B 340 3.86 2.65 0.02
N PHE B 341 3.51 1.80 0.98
CA PHE B 341 4.44 0.86 1.57
C PHE B 341 4.79 -0.26 0.59
N ALA B 342 5.93 -0.09 -0.09
CA ALA B 342 6.37 -1.01 -1.13
C ALA B 342 7.90 -0.97 -1.27
N PRO B 343 8.52 -2.10 -1.64
CA PRO B 343 9.99 -2.20 -1.71
C PRO B 343 10.66 -1.16 -2.61
N GLN B 344 10.00 -0.78 -3.70
CA GLN B 344 10.55 0.23 -4.61
C GLN B 344 10.45 1.65 -4.04
N ASN B 345 9.70 1.80 -2.96
CA ASN B 345 9.63 3.07 -2.23
C ASN B 345 10.46 3.03 -0.96
N MET B 346 11.43 2.11 -0.93
CA MET B 346 12.38 1.97 0.15
C MET B 346 13.80 1.99 -0.36
N ALA B 347 14.71 2.47 0.48
CA ALA B 347 16.12 2.59 0.10
C ALA B 347 17.04 2.22 1.27
N ILE B 348 18.13 1.55 0.96
CA ILE B 348 19.18 1.27 1.92
C ILE B 348 20.07 2.51 2.02
N VAL B 349 20.19 3.06 3.23
CA VAL B 349 21.03 4.24 3.47
C VAL B 349 22.41 3.90 4.01
N TYR B 350 22.51 2.75 4.67
CA TYR B 350 23.79 2.25 5.17
C TYR B 350 23.81 0.73 5.12
N LYS B 351 24.95 0.17 4.71
CA LYS B 351 25.13 -1.27 4.63
C LYS B 351 26.56 -1.64 5.00
N ASN B 352 26.70 -2.60 5.91
CA ASN B 352 28.02 -3.03 6.36
C ASN B 352 28.03 -4.51 6.75
N ASP B 353 28.41 -5.37 5.81
CA ASP B 353 28.40 -6.82 6.03
C ASP B 353 29.45 -7.27 7.04
N ARG B 354 30.62 -6.63 7.00
CA ARG B 354 31.73 -6.97 7.89
C ARG B 354 31.49 -6.50 9.33
N ASP B 355 31.02 -5.26 9.48
CA ASP B 355 30.84 -4.66 10.81
C ASP B 355 29.46 -4.85 11.43
N ILE B 356 28.42 -4.94 10.60
CA ILE B 356 27.07 -5.17 11.12
C ILE B 356 26.76 -6.66 11.19
N ILE B 357 26.64 -7.14 12.43
CA ILE B 357 26.27 -8.52 12.68
C ILE B 357 24.77 -8.54 12.98
N TYR B 358 24.39 -7.98 14.12
CA TYR B 358 22.98 -7.85 14.48
C TYR B 358 22.68 -6.42 14.93
N PRO B 359 21.96 -5.65 14.09
CA PRO B 359 21.53 -4.31 14.50
C PRO B 359 20.56 -4.39 15.67
N ASN B 360 21.09 -4.28 16.89
CA ASN B 360 20.31 -4.46 18.10
C ASN B 360 19.50 -3.25 18.54
N ASP B 361 19.79 -2.09 17.96
CA ASP B 361 19.06 -0.88 18.31
C ASP B 361 19.06 0.18 17.21
N LEU B 362 17.98 0.95 17.16
CA LEU B 362 17.87 2.13 16.32
C LEU B 362 16.99 3.15 17.03
N SER B 363 17.52 4.36 17.18
CA SER B 363 16.78 5.43 17.84
C SER B 363 17.01 6.77 17.15
N ILE B 364 16.01 7.64 17.24
CA ILE B 364 16.08 8.98 16.70
C ILE B 364 16.09 9.99 17.85
N ASP B 365 17.14 10.82 17.90
CA ASP B 365 17.32 11.80 18.96
C ASP B 365 16.49 13.08 18.76
N GLN B 366 16.87 14.14 19.47
CA GLN B 366 16.20 15.44 19.36
C GLN B 366 16.92 16.40 18.41
N GLU B 367 18.05 15.95 17.86
CA GLU B 367 18.89 16.79 17.00
C GLU B 367 18.81 16.45 15.50
N GLY B 368 17.89 15.55 15.14
CA GLY B 368 17.69 15.14 13.75
C GLY B 368 18.67 14.10 13.24
N ASN B 369 19.15 13.24 14.13
CA ASN B 369 20.10 12.20 13.78
C ASN B 369 19.51 10.80 13.97
N VAL B 370 19.90 9.88 13.09
CA VAL B 370 19.54 8.47 13.26
C VAL B 370 20.70 7.71 13.92
N TRP B 371 20.44 7.20 15.12
CA TRP B 371 21.43 6.45 15.88
C TRP B 371 21.13 4.96 15.81
N PHE B 372 22.08 4.18 15.29
CA PHE B 372 21.90 2.73 15.20
C PHE B 372 23.13 1.94 15.63
N MET B 373 22.90 0.77 16.22
CA MET B 373 23.95 -0.01 16.88
C MET B 373 23.92 -1.48 16.53
N SER B 374 25.11 -2.07 16.35
CA SER B 374 25.29 -3.51 16.18
C SER B 374 26.17 -4.05 17.32
N ASN B 375 25.77 -5.18 17.91
CA ASN B 375 26.48 -5.71 19.08
C ASN B 375 27.06 -7.13 18.95
N SER B 376 26.99 -7.69 17.74
CA SER B 376 27.55 -9.02 17.44
C SER B 376 27.03 -10.16 18.32
N ILE B 377 25.76 -10.09 18.70
CA ILE B 377 25.16 -11.09 19.60
C ILE B 377 25.19 -12.52 19.03
N ILE B 378 24.99 -12.65 17.72
CA ILE B 378 24.98 -13.96 17.03
C ILE B 378 26.26 -14.75 17.25
N LYS B 379 27.41 -14.07 17.10
CA LYS B 379 28.70 -14.73 17.27
C LYS B 379 28.91 -15.23 18.70
N LEU B 380 28.48 -14.45 19.69
CA LEU B 380 28.51 -14.89 21.07
C LEU B 380 27.61 -16.12 21.27
N LEU B 381 26.39 -16.02 20.78
CA LEU B 381 25.36 -17.05 20.99
C LEU B 381 25.68 -18.37 20.29
N TYR B 382 26.08 -18.28 19.03
CA TYR B 382 26.19 -19.47 18.18
C TYR B 382 27.60 -19.74 17.68
N THR B 383 28.54 -18.85 18.01
CA THR B 383 29.92 -18.99 17.54
C THR B 383 30.92 -18.45 18.58
N GLN B 384 32.11 -18.04 18.14
CA GLN B 384 33.16 -17.53 19.02
C GLN B 384 33.19 -16.01 19.00
N LEU B 385 33.24 -15.40 20.20
CA LEU B 385 33.35 -13.95 20.31
C LEU B 385 34.74 -13.53 20.80
N SER B 386 35.54 -13.01 19.86
CA SER B 386 36.92 -12.61 20.13
C SER B 386 37.01 -11.16 20.59
N LEU B 387 37.73 -10.93 21.69
CA LEU B 387 37.96 -9.59 22.20
C LEU B 387 39.17 -8.93 21.53
N GLU B 388 39.81 -9.68 20.63
CA GLU B 388 40.89 -9.15 19.80
C GLU B 388 40.30 -8.23 18.73
N GLU B 389 39.17 -8.65 18.16
CA GLU B 389 38.45 -7.85 17.17
C GLU B 389 37.52 -6.84 17.86
N PHE B 390 36.97 -5.95 17.05
CA PHE B 390 35.93 -5.03 17.51
C PHE B 390 34.56 -5.66 17.28
N ASN B 391 33.76 -5.70 18.34
CA ASN B 391 32.49 -6.44 18.35
C ASN B 391 31.27 -5.55 18.55
N PHE B 392 31.51 -4.33 19.02
CA PHE B 392 30.43 -3.39 19.33
C PHE B 392 30.64 -2.10 18.55
N HIS B 393 29.56 -1.60 17.94
CA HIS B 393 29.63 -0.37 17.14
C HIS B 393 28.37 0.49 17.33
N ILE B 394 28.59 1.79 17.44
CA ILE B 394 27.50 2.78 17.47
C ILE B 394 27.68 3.71 16.29
N TRP B 395 26.58 3.97 15.57
CA TRP B 395 26.62 4.89 14.44
C TRP B 395 25.62 6.03 14.58
N ARG B 396 25.94 7.16 13.94
CA ARG B 396 25.00 8.26 13.79
C ARG B 396 25.08 8.81 12.36
N ALA B 397 23.95 9.33 11.88
CA ALA B 397 23.86 9.93 10.56
C ALA B 397 22.80 11.01 10.54
N ASN B 398 23.08 12.08 9.79
CA ASN B 398 22.15 13.19 9.63
C ASN B 398 20.98 12.77 8.75
N ILE B 399 19.77 12.82 9.29
CA ILE B 399 18.59 12.32 8.58
C ILE B 399 18.25 13.11 7.32
N LYS B 400 18.05 14.42 7.46
CA LYS B 400 17.77 15.30 6.33
C LYS B 400 18.83 15.17 5.22
N GLU B 401 20.07 14.92 5.63
CA GLU B 401 21.19 14.85 4.70
C GLU B 401 21.38 13.47 4.07
N ILE B 402 21.04 12.41 4.81
CA ILE B 402 21.21 11.04 4.31
C ILE B 402 20.08 10.62 3.34
N ILE B 403 18.93 11.27 3.46
CA ILE B 403 17.78 10.94 2.61
C ILE B 403 17.66 11.82 1.36
N LYS B 404 18.36 12.95 1.35
CA LYS B 404 18.23 13.92 0.26
C LYS B 404 18.53 13.28 -1.09
N GLY B 405 17.54 13.28 -1.97
CA GLY B 405 17.67 12.70 -3.30
C GLY B 405 17.32 11.23 -3.41
N THR B 406 17.04 10.60 -2.27
CA THR B 406 16.56 9.21 -2.26
C THR B 406 15.03 9.19 -2.31
N VAL B 407 14.46 8.01 -2.51
CA VAL B 407 13.01 7.83 -2.49
C VAL B 407 12.44 8.25 -1.13
N CYS B 408 13.31 8.26 -0.12
CA CYS B 408 12.91 8.60 1.24
C CYS B 408 12.67 10.10 1.46
N ASP B 409 13.23 10.93 0.56
CA ASP B 409 12.99 12.38 0.58
C ASP B 409 11.53 12.67 0.26
N PRO B 410 10.82 13.37 1.18
CA PRO B 410 9.41 13.73 1.00
C PRO B 410 9.13 14.49 -0.30
N THR B 411 10.11 15.26 -0.77
CA THR B 411 9.97 16.04 -2.00
C THR B 411 10.14 15.20 -3.27
N VAL B 412 10.81 14.05 -3.14
CA VAL B 412 10.92 13.09 -4.24
C VAL B 412 9.62 12.29 -4.36
N PRO B 413 9.05 12.19 -5.58
CA PRO B 413 7.82 11.42 -5.83
C PRO B 413 8.02 9.91 -5.68
N PRO B 414 6.93 9.16 -5.38
CA PRO B 414 7.03 7.70 -5.23
C PRO B 414 7.25 6.99 -6.55
N ASN B 415 7.72 5.75 -6.48
CA ASN B 415 7.95 4.94 -7.67
C ASN B 415 6.75 4.07 -8.01
N VAL B 416 6.68 3.67 -9.28
CA VAL B 416 5.58 2.83 -9.78
C VAL B 416 6.15 1.60 -10.52
N ASP B 417 5.32 0.56 -10.65
CA ASP B 417 5.74 -0.80 -11.01
C ASP B 417 6.48 -0.99 -12.35
N HIS B 418 5.80 -0.72 -13.47
CA HIS B 418 6.39 -0.89 -14.81
C HIS B 418 7.45 0.17 -15.09
N GLN C 23 -23.90 -43.02 2.97
CA GLN C 23 -22.42 -42.97 2.72
C GLN C 23 -21.70 -42.24 3.86
N VAL C 24 -22.07 -40.99 4.10
CA VAL C 24 -21.69 -40.29 5.32
C VAL C 24 -22.94 -40.25 6.19
N GLU C 25 -22.86 -40.82 7.39
CA GLU C 25 -24.02 -40.84 8.28
C GLU C 25 -23.74 -40.31 9.67
N GLU C 26 -24.74 -39.64 10.23
CA GLU C 26 -24.73 -39.17 11.60
C GLU C 26 -24.96 -40.37 12.51
N VAL C 27 -24.13 -40.50 13.54
CA VAL C 27 -24.18 -41.66 14.42
C VAL C 27 -24.67 -41.29 15.82
N LEU C 28 -24.10 -40.23 16.39
CA LEU C 28 -24.46 -39.75 17.72
C LEU C 28 -24.63 -38.24 17.71
N LYS C 29 -25.73 -37.76 18.29
CA LYS C 29 -25.99 -36.33 18.37
C LYS C 29 -26.74 -35.94 19.65
N TRP C 30 -26.24 -34.91 20.32
CA TRP C 30 -26.78 -34.47 21.60
C TRP C 30 -27.45 -33.10 21.51
N GLN C 31 -28.53 -32.93 22.26
CA GLN C 31 -29.07 -31.60 22.54
C GLN C 31 -28.26 -31.01 23.68
N GLN C 32 -28.02 -31.85 24.69
CA GLN C 32 -27.08 -31.60 25.78
C GLN C 32 -26.47 -32.94 26.21
N VAL C 33 -25.57 -32.90 27.19
CA VAL C 33 -24.91 -34.13 27.67
C VAL C 33 -25.17 -34.41 29.15
N GLU C 34 -25.60 -35.64 29.44
CA GLU C 34 -25.81 -36.09 30.81
C GLU C 34 -24.96 -37.34 31.08
N PHE C 35 -24.68 -37.61 32.35
CA PHE C 35 -23.79 -38.70 32.72
C PHE C 35 -24.50 -39.76 33.56
N ASP C 36 -24.07 -41.01 33.43
CA ASP C 36 -24.59 -42.09 34.26
C ASP C 36 -23.78 -42.19 35.55
N VAL C 37 -24.10 -41.28 36.48
CA VAL C 37 -23.44 -41.19 37.77
C VAL C 37 -24.49 -41.08 38.89
N PRO C 38 -24.13 -41.49 40.12
CA PRO C 38 -25.00 -41.32 41.30
C PRO C 38 -25.71 -39.98 41.34
N ALA C 39 -26.97 -39.99 41.78
CA ALA C 39 -27.79 -38.77 41.89
C ALA C 39 -27.28 -37.82 42.99
N SER C 40 -26.32 -38.30 43.78
CA SER C 40 -25.69 -37.48 44.82
C SER C 40 -24.79 -36.40 44.22
N VAL C 41 -24.06 -36.76 43.16
CA VAL C 41 -23.24 -35.81 42.41
C VAL C 41 -24.14 -34.87 41.62
N LEU C 42 -25.27 -35.40 41.13
CA LEU C 42 -26.23 -34.63 40.34
C LEU C 42 -27.10 -33.69 41.18
N SER C 43 -27.19 -33.97 42.48
CA SER C 43 -27.99 -33.14 43.41
C SER C 43 -27.12 -32.27 44.34
N ALA C 44 -25.82 -32.27 44.10
CA ALA C 44 -24.87 -31.43 44.85
C ALA C 44 -25.00 -29.96 44.45
N PRO C 45 -24.41 -29.03 45.24
CA PRO C 45 -24.42 -27.62 44.82
C PRO C 45 -23.52 -27.40 43.60
N ASP C 46 -24.12 -27.54 42.42
CA ASP C 46 -23.43 -27.40 41.14
C ASP C 46 -22.40 -28.51 40.86
N GLY C 47 -22.89 -29.75 40.89
CA GLY C 47 -22.10 -30.91 40.48
C GLY C 47 -22.32 -31.19 39.00
N TYR C 48 -23.31 -30.49 38.44
CA TYR C 48 -23.64 -30.58 37.02
C TYR C 48 -24.36 -29.31 36.55
N ILE C 49 -23.68 -28.53 35.73
CA ILE C 49 -24.32 -27.42 35.01
C ILE C 49 -24.35 -27.78 33.53
N PRO C 50 -25.56 -27.90 32.95
CA PRO C 50 -25.78 -28.38 31.58
C PRO C 50 -24.99 -27.62 30.51
N ILE C 51 -25.01 -26.29 30.58
CA ILE C 51 -24.40 -25.42 29.58
C ILE C 51 -22.86 -25.50 29.56
N ASN C 52 -22.28 -25.96 30.66
CA ASN C 52 -20.84 -26.00 30.84
C ASN C 52 -20.17 -27.25 30.25
N ASN C 53 -20.98 -28.25 29.89
CA ASN C 53 -20.45 -29.53 29.42
C ASN C 53 -20.40 -29.63 27.90
N ILE C 54 -19.20 -29.43 27.34
CA ILE C 54 -19.00 -29.47 25.89
C ILE C 54 -18.02 -30.60 25.52
N PRO C 55 -18.55 -31.70 24.94
CA PRO C 55 -17.74 -32.82 24.48
C PRO C 55 -16.77 -32.45 23.36
N MET C 56 -15.51 -32.86 23.50
CA MET C 56 -14.44 -32.43 22.61
C MET C 56 -13.98 -33.51 21.63
N SER C 57 -14.27 -34.78 21.95
CA SER C 57 -13.83 -35.88 21.10
C SER C 57 -14.84 -37.02 21.03
N GLY C 58 -14.66 -37.89 20.03
CA GLY C 58 -15.47 -39.09 19.83
C GLY C 58 -14.73 -40.07 18.95
N VAL C 59 -14.23 -41.15 19.55
CA VAL C 59 -13.44 -42.15 18.81
C VAL C 59 -14.07 -43.54 18.83
N HIS C 60 -13.74 -44.36 17.83
CA HIS C 60 -14.41 -45.64 17.62
C HIS C 60 -13.56 -46.87 17.92
N TYR C 61 -14.20 -47.87 18.54
CA TYR C 61 -13.62 -49.20 18.75
C TYR C 61 -14.73 -50.23 18.91
N LYS C 62 -14.88 -51.09 17.90
CA LYS C 62 -15.84 -52.21 17.92
C LYS C 62 -17.17 -51.86 18.60
N ASN C 63 -17.96 -51.03 17.92
CA ASN C 63 -19.28 -50.57 18.39
C ASN C 63 -19.28 -49.82 19.73
N ARG C 64 -18.13 -49.24 20.07
CA ARG C 64 -17.98 -48.39 21.24
C ARG C 64 -17.37 -47.05 20.84
N VAL C 65 -17.94 -45.96 21.33
CA VAL C 65 -17.43 -44.62 21.04
C VAL C 65 -17.12 -43.86 22.33
N PHE C 66 -15.87 -43.37 22.42
CA PHE C 66 -15.44 -42.61 23.60
C PHE C 66 -15.62 -41.12 23.40
N VAL C 67 -16.43 -40.52 24.27
CA VAL C 67 -16.72 -39.10 24.22
C VAL C 67 -16.10 -38.41 25.44
N THR C 68 -15.30 -37.37 25.19
CA THR C 68 -14.59 -36.68 26.28
C THR C 68 -15.15 -35.30 26.55
N VAL C 69 -15.28 -34.96 27.83
CA VAL C 69 -15.64 -33.60 28.24
C VAL C 69 -14.53 -33.04 29.13
N PRO C 70 -13.58 -32.30 28.53
CA PRO C 70 -12.51 -31.64 29.28
C PRO C 70 -13.09 -30.58 30.22
N ARG C 71 -12.52 -30.47 31.42
CA ARG C 71 -13.03 -29.55 32.42
C ARG C 71 -12.52 -28.12 32.20
N ARG C 72 -13.34 -27.34 31.48
CA ARG C 72 -13.03 -25.94 31.17
C ARG C 72 -13.95 -25.03 31.96
N ARG C 73 -14.92 -25.63 32.65
CA ARG C 73 -15.85 -24.92 33.52
C ARG C 73 -16.05 -25.73 34.79
N TRP C 74 -17.02 -25.30 35.60
CA TRP C 74 -17.44 -26.07 36.77
C TRP C 74 -18.68 -26.89 36.47
N GLY C 75 -18.77 -28.06 37.10
CA GLY C 75 -19.94 -28.93 36.98
C GLY C 75 -19.81 -30.02 35.94
N ILE C 76 -18.64 -30.64 35.86
CA ILE C 76 -18.39 -31.73 34.92
C ILE C 76 -17.96 -32.99 35.69
N PRO C 77 -18.86 -33.98 35.82
CA PRO C 77 -18.65 -35.22 36.57
C PRO C 77 -17.55 -36.14 36.03
N SER C 78 -17.48 -36.27 34.70
CA SER C 78 -16.55 -37.22 34.08
C SER C 78 -15.86 -36.60 32.86
N THR C 79 -14.53 -36.68 32.84
CA THR C 79 -13.75 -36.15 31.73
C THR C 79 -13.66 -37.15 30.57
N LEU C 80 -13.65 -38.44 30.90
CA LEU C 80 -13.62 -39.51 29.91
C LEU C 80 -14.91 -40.32 30.00
N ASN C 81 -15.47 -40.68 28.85
CA ASN C 81 -16.73 -41.41 28.80
C ASN C 81 -16.77 -42.49 27.72
N VAL C 82 -17.86 -43.25 27.70
CA VAL C 82 -18.10 -44.27 26.68
C VAL C 82 -19.59 -44.33 26.30
N VAL C 83 -19.84 -44.59 25.01
CA VAL C 83 -21.20 -44.76 24.48
C VAL C 83 -21.23 -46.04 23.62
N GLU C 84 -22.33 -46.78 23.72
CA GLU C 84 -22.52 -48.02 22.97
C GLU C 84 -23.27 -47.80 21.65
N LEU C 85 -22.73 -48.34 20.57
CA LEU C 85 -23.34 -48.20 19.24
C LEU C 85 -24.44 -49.23 19.00
N GLU C 86 -25.69 -48.77 19.03
CA GLU C 86 -26.85 -49.61 18.77
C GLU C 86 -27.90 -48.88 17.94
N PRO C 87 -28.20 -49.38 16.72
CA PRO C 87 -29.19 -48.83 15.80
C PRO C 87 -30.56 -48.58 16.46
N PRO C 88 -31.36 -47.62 15.93
CA PRO C 88 -31.14 -46.83 14.72
C PRO C 88 -30.24 -45.60 14.91
N TYR C 89 -29.61 -45.16 13.83
CA TYR C 89 -28.76 -43.97 13.83
C TYR C 89 -29.48 -42.78 13.17
N PRO C 90 -29.23 -41.55 13.65
CA PRO C 90 -28.34 -41.23 14.77
C PRO C 90 -29.02 -41.41 16.12
N VAL C 91 -28.32 -42.04 17.06
CA VAL C 91 -28.84 -42.26 18.40
C VAL C 91 -28.97 -40.92 19.14
N THR C 92 -30.17 -40.68 19.67
CA THR C 92 -30.52 -39.39 20.26
C THR C 92 -30.15 -39.32 21.73
N ASN C 93 -29.52 -38.21 22.11
CA ASN C 93 -29.14 -37.91 23.50
C ASN C 93 -28.66 -39.09 24.34
N PRO C 94 -27.57 -39.76 23.91
CA PRO C 94 -27.07 -40.89 24.69
C PRO C 94 -26.55 -40.42 26.04
N VAL C 95 -26.69 -41.27 27.06
CA VAL C 95 -26.12 -40.99 28.37
C VAL C 95 -24.67 -41.46 28.41
N LEU C 96 -23.78 -40.60 28.89
CA LEU C 96 -22.34 -40.88 28.89
C LEU C 96 -21.96 -41.69 30.12
N LYS C 97 -21.35 -42.85 29.89
CA LYS C 97 -20.90 -43.73 30.97
C LYS C 97 -19.43 -43.46 31.25
N PRO C 98 -19.10 -43.00 32.48
CA PRO C 98 -17.71 -42.74 32.86
C PRO C 98 -16.81 -43.95 32.62
N TYR C 99 -15.72 -43.72 31.89
CA TYR C 99 -14.81 -44.79 31.50
C TYR C 99 -13.38 -44.49 31.98
N PRO C 100 -12.66 -45.51 32.48
CA PRO C 100 -13.11 -46.89 32.69
C PRO C 100 -14.15 -46.97 33.81
N SER C 101 -14.00 -46.13 34.82
CA SER C 101 -14.92 -46.08 35.95
C SER C 101 -15.19 -44.62 36.35
N PHE C 102 -16.21 -44.42 37.18
CA PHE C 102 -16.51 -43.09 37.71
C PHE C 102 -15.48 -42.68 38.77
N GLU C 103 -15.01 -43.65 39.54
CA GLU C 103 -14.04 -43.42 40.62
C GLU C 103 -12.79 -42.66 40.13
N LEU C 104 -12.32 -43.01 38.94
CA LEU C 104 -11.18 -42.35 38.31
C LEU C 104 -11.54 -40.99 37.72
N ASN C 105 -12.77 -40.88 37.22
CA ASN C 105 -13.26 -39.64 36.60
C ASN C 105 -13.76 -38.58 37.60
N GLU C 106 -13.82 -38.96 38.88
CA GLU C 106 -14.38 -38.10 39.92
C GLU C 106 -13.48 -36.89 40.22
N LEU C 107 -14.11 -35.78 40.60
CA LEU C 107 -13.42 -34.53 40.90
C LEU C 107 -13.20 -34.36 42.41
N ARG C 108 -11.92 -34.28 42.82
CA ARG C 108 -11.55 -34.09 44.21
C ARG C 108 -11.89 -32.69 44.70
N ALA C 109 -12.70 -32.60 45.74
CA ALA C 109 -13.04 -31.32 46.37
C ALA C 109 -11.83 -30.73 47.11
N ASP C 110 -10.86 -31.59 47.41
CA ASP C 110 -9.60 -31.18 48.03
C ASP C 110 -8.57 -30.76 46.99
N LEU C 111 -8.82 -31.13 45.73
CA LEU C 111 -8.06 -30.68 44.55
C LEU C 111 -6.56 -31.04 44.55
N GLN C 112 -6.17 -31.98 45.42
CA GLN C 112 -4.78 -32.40 45.53
C GLN C 112 -4.38 -33.39 44.44
N PRO C 113 -3.10 -33.34 44.01
CA PRO C 113 -2.59 -34.27 42.99
C PRO C 113 -2.92 -35.72 43.32
N ASP C 114 -3.44 -36.44 42.33
CA ASP C 114 -3.84 -37.83 42.51
C ASP C 114 -3.44 -38.64 41.29
N ALA C 115 -2.66 -39.69 41.52
CA ALA C 115 -2.14 -40.53 40.43
C ALA C 115 -3.20 -41.43 39.80
N ASN C 116 -4.16 -41.88 40.60
CA ASN C 116 -5.24 -42.74 40.12
C ASN C 116 -6.58 -42.02 39.95
N ARG C 117 -6.52 -40.81 39.42
CA ARG C 117 -7.71 -40.05 39.03
C ARG C 117 -7.50 -39.34 37.68
N LEU C 118 -8.59 -38.80 37.13
CA LEU C 118 -8.55 -38.09 35.86
C LEU C 118 -9.18 -36.71 35.99
N VAL C 119 -8.48 -35.70 35.51
CA VAL C 119 -8.88 -34.30 35.67
C VAL C 119 -9.47 -33.73 34.38
N THR C 120 -8.70 -33.78 33.30
CA THR C 120 -9.12 -33.23 32.00
C THR C 120 -8.50 -33.99 30.83
N VAL C 121 -9.37 -34.59 30.01
CA VAL C 121 -8.93 -35.35 28.83
C VAL C 121 -9.55 -34.75 27.56
N TYR C 122 -8.74 -34.61 26.52
CA TYR C 122 -9.19 -34.03 25.25
C TYR C 122 -9.46 -35.07 24.17
N ARG C 123 -8.41 -35.44 23.42
CA ARG C 123 -8.57 -36.29 22.24
C ARG C 123 -7.84 -37.62 22.36
N PRO C 124 -8.57 -38.69 22.73
CA PRO C 124 -7.93 -40.01 22.77
C PRO C 124 -7.81 -40.62 21.38
N ARG C 125 -6.91 -41.60 21.24
CA ARG C 125 -6.75 -42.34 19.99
C ARG C 125 -6.73 -43.85 20.25
N VAL C 126 -7.04 -44.63 19.22
CA VAL C 126 -7.09 -46.09 19.32
C VAL C 126 -6.16 -46.73 18.29
N ASP C 127 -5.27 -47.62 18.76
CA ASP C 127 -4.28 -48.25 17.89
C ASP C 127 -4.63 -49.69 17.48
N ARG C 128 -3.69 -50.33 16.79
CA ARG C 128 -3.87 -51.68 16.25
C ARG C 128 -3.65 -52.81 17.27
N CYS C 129 -3.25 -52.45 18.49
CA CYS C 129 -3.01 -53.45 19.54
C CYS C 129 -4.05 -53.37 20.66
N ASP C 130 -5.29 -53.02 20.28
CA ASP C 130 -6.43 -52.97 21.20
C ASP C 130 -6.21 -52.14 22.47
N ARG C 131 -5.55 -51.00 22.30
CA ARG C 131 -5.28 -50.08 23.41
C ARG C 131 -5.85 -48.70 23.14
N LEU C 132 -6.37 -48.07 24.18
CA LEU C 132 -6.82 -46.68 24.11
C LEU C 132 -5.78 -45.78 24.76
N TRP C 133 -5.37 -44.73 24.03
CA TRP C 133 -4.36 -43.80 24.52
C TRP C 133 -4.92 -42.39 24.62
N PHE C 134 -4.66 -41.73 25.73
CA PHE C 134 -5.04 -40.33 25.91
C PHE C 134 -4.07 -39.58 26.82
N VAL C 135 -4.33 -38.28 26.98
CA VAL C 135 -3.57 -37.44 27.90
C VAL C 135 -4.52 -36.73 28.86
N ASP C 136 -4.28 -36.89 30.16
CA ASP C 136 -4.92 -36.08 31.18
C ASP C 136 -4.02 -34.90 31.45
N THR C 137 -4.52 -33.70 31.14
CA THR C 137 -3.76 -32.46 31.29
C THR C 137 -3.50 -32.12 32.75
N GLY C 138 -4.46 -32.49 33.61
CA GLY C 138 -4.39 -32.20 35.04
C GLY C 138 -4.70 -30.76 35.35
N MET C 139 -5.13 -30.02 34.34
CA MET C 139 -5.33 -28.59 34.42
C MET C 139 -6.75 -28.22 34.02
N MET C 140 -7.39 -27.37 34.82
CA MET C 140 -8.75 -26.93 34.57
C MET C 140 -8.80 -25.44 34.21
N GLU C 141 -9.17 -25.17 32.96
CA GLU C 141 -9.12 -23.82 32.40
C GLU C 141 -10.43 -23.07 32.60
N ILE C 142 -10.80 -22.85 33.85
CA ILE C 142 -12.02 -22.11 34.18
C ILE C 142 -11.78 -20.60 34.02
N PRO C 143 -12.73 -19.88 33.37
CA PRO C 143 -12.66 -18.43 33.30
C PRO C 143 -12.63 -17.80 34.69
N GLY C 144 -11.60 -16.98 34.96
CA GLY C 144 -11.42 -16.37 36.26
C GLY C 144 -10.33 -17.04 37.08
N ASN C 145 -10.34 -18.38 37.08
CA ASN C 145 -9.34 -19.16 37.81
C ASN C 145 -8.83 -20.37 37.02
N PHE C 146 -7.64 -20.23 36.46
CA PHE C 146 -6.94 -21.36 35.86
C PHE C 146 -6.29 -22.19 36.96
N THR C 147 -6.72 -23.43 37.11
CA THR C 147 -6.27 -24.27 38.21
C THR C 147 -5.50 -25.50 37.74
N VAL C 148 -4.22 -25.55 38.11
CA VAL C 148 -3.39 -26.73 37.89
C VAL C 148 -3.54 -27.64 39.10
N VAL C 149 -4.12 -28.83 38.87
CA VAL C 149 -4.36 -29.80 39.94
C VAL C 149 -3.17 -30.76 40.04
N GLN C 150 -2.82 -31.37 38.91
CA GLN C 150 -1.70 -32.28 38.83
C GLN C 150 -0.96 -32.07 37.50
N ARG C 151 0.20 -32.70 37.37
CA ARG C 151 0.97 -32.66 36.13
C ARG C 151 0.29 -33.49 35.04
N PRO C 152 0.56 -33.16 33.76
CA PRO C 152 0.01 -33.93 32.64
C PRO C 152 0.46 -35.40 32.67
N SER C 153 -0.42 -36.28 32.22
CA SER C 153 -0.20 -37.72 32.28
C SER C 153 -0.72 -38.45 31.04
N ILE C 154 0.12 -39.29 30.45
CA ILE C 154 -0.30 -40.12 29.30
C ILE C 154 -0.73 -41.51 29.75
N TRP C 155 -1.83 -41.99 29.18
CA TRP C 155 -2.44 -43.26 29.59
C TRP C 155 -2.60 -44.25 28.44
N SER C 156 -2.41 -45.53 28.77
CA SER C 156 -2.83 -46.63 27.91
C SER C 156 -3.96 -47.35 28.62
N ILE C 157 -4.92 -47.87 27.85
CA ILE C 157 -6.02 -48.65 28.41
C ILE C 157 -6.22 -49.89 27.56
N ASP C 158 -6.06 -51.08 28.16
CA ASP C 158 -6.36 -52.33 27.47
C ASP C 158 -7.87 -52.39 27.24
N LEU C 159 -8.24 -52.29 25.97
CA LEU C 159 -9.64 -52.12 25.57
C LEU C 159 -10.51 -53.36 25.79
N LYS C 160 -9.90 -54.53 25.74
CA LYS C 160 -10.60 -55.79 25.97
C LYS C 160 -11.00 -55.97 27.44
N THR C 161 -10.11 -55.56 28.33
CA THR C 161 -10.30 -55.76 29.78
C THR C 161 -10.83 -54.52 30.52
N ASN C 162 -10.67 -53.35 29.91
CA ASN C 162 -10.95 -52.05 30.53
C ASN C 162 -10.01 -51.73 31.70
N GLN C 163 -8.81 -52.30 31.66
CA GLN C 163 -7.85 -52.18 32.75
C GLN C 163 -6.65 -51.33 32.34
N PRO C 164 -6.45 -50.18 33.03
CA PRO C 164 -5.33 -49.28 32.75
C PRO C 164 -3.99 -50.01 32.69
N LEU C 165 -3.36 -49.97 31.51
CA LEU C 165 -2.10 -50.67 31.27
C LEU C 165 -0.88 -49.93 31.82
N SER C 166 -0.71 -48.68 31.38
CA SER C 166 0.43 -47.87 31.80
C SER C 166 0.01 -46.44 32.11
N ARG C 167 0.89 -45.72 32.81
CA ARG C 167 0.68 -44.31 33.13
C ARG C 167 2.01 -43.61 33.35
N TYR C 168 2.32 -42.68 32.45
CA TYR C 168 3.55 -41.90 32.53
C TYR C 168 3.23 -40.44 32.81
N GLU C 169 3.91 -39.86 33.80
CA GLU C 169 3.79 -38.44 34.09
C GLU C 169 4.89 -37.69 33.36
N ILE C 170 4.50 -36.63 32.64
CA ILE C 170 5.45 -35.83 31.86
C ILE C 170 6.19 -34.85 32.78
N PRO C 171 7.53 -34.92 32.80
CA PRO C 171 8.37 -34.08 33.68
C PRO C 171 8.34 -32.60 33.33
N GLN C 172 8.71 -31.76 34.29
CA GLN C 172 8.74 -30.30 34.12
C GLN C 172 9.74 -29.86 33.04
N LYS C 173 10.72 -30.71 32.75
CA LYS C 173 11.76 -30.43 31.77
C LYS C 173 11.27 -30.38 30.32
N ASP C 174 10.09 -30.95 30.06
CA ASP C 174 9.55 -31.07 28.70
C ASP C 174 8.39 -30.11 28.41
N VAL C 175 7.42 -30.06 29.32
CA VAL C 175 6.31 -29.11 29.26
C VAL C 175 5.87 -28.76 30.68
N GLU C 176 5.60 -27.48 30.91
CA GLU C 176 5.37 -27.00 32.28
C GLU C 176 3.97 -27.29 32.83
N THR C 177 2.94 -27.12 32.00
CA THR C 177 1.57 -27.04 32.51
C THR C 177 0.54 -28.02 31.93
N GLY C 178 0.73 -28.45 30.69
CA GLY C 178 -0.25 -29.32 30.02
C GLY C 178 -1.47 -28.54 29.53
N TYR C 179 -1.34 -27.21 29.56
CA TYR C 179 -2.38 -26.27 29.12
C TYR C 179 -2.89 -26.58 27.71
N GLY C 180 -1.98 -26.91 26.79
CA GLY C 180 -2.35 -27.11 25.39
C GLY C 180 -2.14 -28.50 24.83
N LEU C 181 -1.96 -29.49 25.70
CA LEU C 181 -1.84 -30.88 25.27
C LEU C 181 -3.24 -31.45 25.01
N THR C 182 -3.80 -31.05 23.87
CA THR C 182 -5.19 -31.35 23.52
C THR C 182 -5.30 -32.40 22.41
N SER C 183 -4.16 -32.91 21.96
CA SER C 183 -4.13 -33.85 20.83
C SER C 183 -2.86 -34.71 20.81
N ILE C 184 -3.03 -35.98 20.46
CA ILE C 184 -1.91 -36.93 20.34
C ILE C 184 -2.00 -37.73 19.04
N THR C 185 -0.85 -38.23 18.58
CA THR C 185 -0.79 -39.10 17.41
C THR C 185 0.15 -40.28 17.69
N LEU C 186 -0.35 -41.49 17.44
CA LEU C 186 0.33 -42.72 17.85
C LEU C 186 1.17 -43.36 16.75
N ASP C 187 2.41 -43.68 17.09
CA ASP C 187 3.32 -44.39 16.20
C ASP C 187 3.63 -45.76 16.80
N VAL C 188 2.98 -46.78 16.27
CA VAL C 188 3.18 -48.15 16.73
C VAL C 188 3.94 -48.94 15.67
N ASP C 189 4.99 -49.65 16.11
CA ASP C 189 5.78 -50.53 15.25
C ASP C 189 4.86 -51.58 14.62
N PRO C 190 4.96 -51.78 13.29
CA PRO C 190 4.10 -52.71 12.55
C PRO C 190 4.22 -54.18 12.96
N ASP C 191 5.18 -54.50 13.81
CA ASP C 191 5.40 -55.86 14.29
C ASP C 191 5.19 -55.97 15.81
N ASP C 192 6.12 -55.39 16.57
CA ASP C 192 6.09 -55.46 18.03
C ASP C 192 5.22 -54.33 18.61
N CYS C 193 4.27 -54.70 19.47
CA CYS C 193 3.34 -53.73 20.07
C CYS C 193 3.94 -52.96 21.26
N SER C 194 5.07 -53.42 21.77
CA SER C 194 5.73 -52.75 22.90
C SER C 194 6.49 -51.48 22.49
N LYS C 195 6.90 -51.42 21.22
CA LYS C 195 7.63 -50.27 20.69
C LYS C 195 6.67 -49.19 20.18
N VAL C 196 6.28 -48.28 21.05
CA VAL C 196 5.33 -47.21 20.71
C VAL C 196 5.95 -45.82 20.94
N PHE C 197 5.77 -44.95 19.96
CA PHE C 197 6.09 -43.53 20.12
C PHE C 197 4.82 -42.70 20.04
N VAL C 198 4.63 -41.82 21.02
CA VAL C 198 3.50 -40.91 21.03
C VAL C 198 3.96 -39.47 20.84
N TYR C 199 3.37 -38.79 19.88
CA TYR C 199 3.65 -37.38 19.63
C TYR C 199 2.46 -36.52 20.07
N ILE C 200 2.72 -35.62 21.00
CA ILE C 200 1.67 -34.77 21.55
C ILE C 200 1.80 -33.35 20.99
N SER C 201 0.67 -32.79 20.58
CA SER C 201 0.64 -31.43 20.05
C SER C 201 0.27 -30.41 21.13
N ASP C 202 1.08 -29.37 21.26
CA ASP C 202 0.80 -28.27 22.18
C ASP C 202 0.50 -27.00 21.39
N LEU C 203 -0.79 -26.66 21.33
CA LEU C 203 -1.27 -25.50 20.56
C LEU C 203 -1.19 -24.18 21.34
N GLN C 204 -0.83 -24.27 22.62
CA GLN C 204 -0.80 -23.10 23.50
C GLN C 204 0.61 -22.57 23.77
N THR C 205 1.56 -23.48 23.96
CA THR C 205 2.96 -23.10 24.21
C THR C 205 3.84 -23.38 22.99
N TYR C 206 3.21 -23.86 21.93
CA TYR C 206 3.82 -24.05 20.60
C TYR C 206 5.00 -25.03 20.61
N ARG C 207 4.69 -26.27 20.97
CA ARG C 207 5.68 -27.35 21.07
C ARG C 207 5.10 -28.73 20.75
N MET C 208 5.99 -29.67 20.45
CA MET C 208 5.62 -31.06 20.27
C MET C 208 6.39 -31.93 21.27
N VAL C 209 5.65 -32.63 22.12
CA VAL C 209 6.25 -33.50 23.14
C VAL C 209 6.31 -34.94 22.61
N VAL C 210 7.52 -35.50 22.59
CA VAL C 210 7.75 -36.86 22.09
C VAL C 210 7.92 -37.83 23.25
N TYR C 211 7.11 -38.90 23.24
CA TYR C 211 7.11 -39.88 24.33
C TYR C 211 7.52 -41.29 23.89
N ASP C 212 8.61 -41.77 24.48
CA ASP C 212 9.10 -43.13 24.26
C ASP C 212 8.41 -44.06 25.26
N HIS C 213 7.55 -44.94 24.75
CA HIS C 213 6.74 -45.84 25.59
C HIS C 213 7.56 -46.91 26.29
N GLU C 214 8.52 -47.50 25.58
CA GLU C 214 9.37 -48.56 26.12
C GLU C 214 10.28 -48.04 27.24
N ASN C 215 11.24 -47.19 26.88
CA ASN C 215 12.23 -46.66 27.83
C ASN C 215 11.67 -45.75 28.91
N GLN C 216 10.40 -45.36 28.76
CA GLN C 216 9.69 -44.47 29.70
C GLN C 216 10.33 -43.08 29.84
N LYS C 217 10.86 -42.57 28.73
CA LYS C 217 11.48 -41.25 28.67
C LYS C 217 10.65 -40.31 27.80
N SER C 218 10.99 -39.01 27.83
CA SER C 218 10.34 -38.02 26.98
C SER C 218 11.24 -36.83 26.69
N TRP C 219 11.00 -36.17 25.56
CA TRP C 219 11.71 -34.95 25.16
C TRP C 219 10.82 -34.09 24.27
N ARG C 220 11.03 -32.79 24.29
CA ARG C 220 10.17 -31.87 23.54
C ARG C 220 10.91 -31.18 22.39
N PHE C 221 10.14 -30.76 21.38
CA PHE C 221 10.67 -29.99 20.25
C PHE C 221 10.05 -28.59 20.21
N LEU C 222 10.88 -27.60 19.87
CA LEU C 222 10.42 -26.24 19.63
C LEU C 222 10.88 -25.79 18.24
N HIS C 223 9.93 -25.33 17.43
CA HIS C 223 10.22 -24.88 16.07
C HIS C 223 9.32 -23.73 15.64
N ASN C 224 9.79 -22.95 14.66
CA ASN C 224 9.02 -21.85 14.09
C ASN C 224 7.73 -22.30 13.41
N TYR C 225 7.71 -23.53 12.92
CA TYR C 225 6.56 -24.04 12.17
C TYR C 225 5.41 -24.50 13.06
N PHE C 226 5.63 -24.54 14.38
CA PHE C 226 4.57 -24.91 15.33
C PHE C 226 3.69 -23.72 15.69
N PHE C 227 4.11 -22.52 15.28
CA PHE C 227 3.37 -21.29 15.55
C PHE C 227 2.24 -21.06 14.58
N LEU C 228 1.38 -20.09 14.91
CA LEU C 228 0.30 -19.65 14.03
C LEU C 228 0.86 -18.81 12.86
N ASN C 229 0.05 -18.65 11.82
CA ASN C 229 0.32 -17.65 10.80
C ASN C 229 -0.51 -16.42 11.11
N PRO C 230 0.15 -15.29 11.46
CA PRO C 230 -0.51 -14.08 11.96
C PRO C 230 -1.75 -13.64 11.16
N LEU C 231 -1.69 -13.77 9.84
CA LEU C 231 -2.78 -13.36 8.98
C LEU C 231 -3.91 -14.39 8.92
N GLU C 232 -3.56 -15.65 9.13
CA GLU C 232 -4.48 -16.76 8.85
C GLU C 232 -5.13 -17.35 10.11
N GLY C 233 -5.54 -16.47 11.02
CA GLY C 233 -6.12 -16.90 12.30
C GLY C 233 -7.47 -16.29 12.64
N ASP C 234 -8.11 -15.65 11.66
CA ASP C 234 -9.43 -15.06 11.85
C ASP C 234 -10.51 -15.93 11.21
N PHE C 235 -11.63 -16.09 11.90
CA PHE C 235 -12.70 -16.95 11.42
C PHE C 235 -14.08 -16.30 11.52
N ASN C 236 -14.98 -16.74 10.63
CA ASN C 236 -16.37 -16.33 10.68
C ASN C 236 -17.29 -17.54 10.44
N ILE C 237 -17.61 -18.23 11.52
CA ILE C 237 -18.53 -19.36 11.46
C ILE C 237 -19.88 -18.95 12.03
N GLN C 238 -20.96 -19.28 11.30
CA GLN C 238 -22.33 -18.95 11.69
C GLN C 238 -22.53 -17.44 11.90
N GLY C 239 -21.89 -16.66 11.02
CA GLY C 239 -21.91 -15.20 11.12
C GLY C 239 -21.20 -14.65 12.35
N ILE C 240 -20.32 -15.45 12.94
CA ILE C 240 -19.62 -15.07 14.17
C ILE C 240 -18.12 -14.85 13.93
N PRO C 241 -17.65 -13.59 14.05
CA PRO C 241 -16.24 -13.29 13.89
C PRO C 241 -15.45 -13.53 15.18
N PHE C 242 -14.27 -14.13 15.05
CA PHE C 242 -13.36 -14.38 16.16
C PHE C 242 -11.95 -14.65 15.64
N ALA C 243 -10.97 -14.59 16.53
CA ALA C 243 -9.59 -14.90 16.19
C ALA C 243 -8.90 -15.71 17.29
N TRP C 244 -8.21 -16.77 16.88
CA TRP C 244 -7.48 -17.62 17.82
C TRP C 244 -5.99 -17.63 17.52
N ASP C 245 -5.18 -17.64 18.58
CA ASP C 245 -3.72 -17.71 18.44
C ASP C 245 -3.21 -19.16 18.56
N ASP C 246 -4.09 -20.13 18.32
CA ASP C 246 -3.77 -21.54 18.49
C ASP C 246 -2.74 -22.05 17.49
N GLY C 247 -1.74 -22.78 18.01
CA GLY C 247 -0.63 -23.30 17.20
C GLY C 247 -0.79 -24.75 16.81
N ILE C 248 0.32 -25.48 16.72
CA ILE C 248 0.34 -26.88 16.28
C ILE C 248 -0.77 -27.71 16.96
N PHE C 249 -1.59 -28.36 16.15
CA PHE C 249 -2.83 -28.96 16.63
C PHE C 249 -2.98 -30.43 16.27
N SER C 250 -2.45 -30.82 15.10
CA SER C 250 -2.64 -32.17 14.62
C SER C 250 -1.43 -32.68 13.84
N ILE C 251 -1.14 -33.97 14.00
CA ILE C 251 -0.06 -34.64 13.28
C ILE C 251 -0.60 -35.92 12.62
N ALA C 252 -0.16 -36.18 11.40
CA ALA C 252 -0.56 -37.38 10.67
C ALA C 252 0.67 -38.16 10.19
N LEU C 253 0.74 -39.42 10.60
CA LEU C 253 1.91 -40.25 10.32
C LEU C 253 1.67 -41.21 9.15
N SER C 254 2.59 -41.16 8.17
CA SER C 254 2.51 -42.03 7.00
C SER C 254 2.99 -43.45 7.32
N ASN C 255 2.79 -44.37 6.37
CA ASN C 255 3.27 -45.74 6.49
C ASN C 255 4.80 -45.77 6.47
N PRO C 256 5.40 -46.62 7.33
CA PRO C 256 6.88 -46.70 7.37
C PRO C 256 7.49 -46.97 6.00
N ASP C 257 8.46 -46.15 5.62
CA ASP C 257 9.23 -46.35 4.41
C ASP C 257 9.84 -47.76 4.44
N PRO C 258 9.52 -48.60 3.45
CA PRO C 258 9.89 -50.02 3.43
C PRO C 258 11.36 -50.31 3.81
N MET C 259 12.25 -49.35 3.60
CA MET C 259 13.68 -49.65 3.85
C MET C 259 14.12 -49.02 5.18
N THR C 260 14.02 -47.69 5.30
CA THR C 260 14.46 -47.01 6.52
C THR C 260 13.59 -47.34 7.73
N LYS C 261 12.36 -47.79 7.44
CA LYS C 261 11.32 -48.07 8.45
C LYS C 261 10.83 -46.82 9.20
N PHE C 262 11.19 -45.65 8.65
CA PHE C 262 10.75 -44.37 9.20
C PHE C 262 9.54 -43.81 8.45
N ARG C 263 8.92 -42.79 9.03
CA ARG C 263 7.67 -42.24 8.53
C ARG C 263 7.77 -40.74 8.29
N THR C 264 6.80 -40.21 7.55
CA THR C 264 6.67 -38.77 7.34
C THR C 264 5.54 -38.23 8.20
N ALA C 265 5.87 -37.32 9.12
CA ALA C 265 4.89 -36.71 10.01
C ALA C 265 4.38 -35.39 9.41
N TYR C 266 3.10 -35.38 9.07
CA TYR C 266 2.43 -34.20 8.52
C TYR C 266 1.79 -33.42 9.64
N PHE C 267 2.18 -32.16 9.81
CA PHE C 267 1.63 -31.33 10.89
C PHE C 267 1.22 -29.93 10.46
N HIS C 268 0.18 -29.42 11.11
CA HIS C 268 -0.32 -28.07 10.88
C HIS C 268 -0.77 -27.41 12.17
N ALA C 269 -0.69 -26.08 12.20
CA ALA C 269 -1.29 -25.29 13.25
C ALA C 269 -2.78 -25.10 12.96
N LEU C 270 -3.56 -24.80 14.00
CA LEU C 270 -4.97 -24.48 13.83
C LEU C 270 -5.14 -23.21 12.99
N SER C 271 -4.36 -22.17 13.34
CA SER C 271 -4.38 -20.90 12.62
C SER C 271 -3.34 -20.86 11.50
N SER C 272 -3.47 -21.79 10.56
CA SER C 272 -2.57 -21.85 9.39
C SER C 272 -3.20 -22.58 8.21
N ASN C 273 -2.92 -22.08 7.01
CA ASN C 273 -3.30 -22.74 5.77
C ASN C 273 -2.20 -23.64 5.25
N SER C 274 -1.07 -23.68 5.96
CA SER C 274 0.09 -24.43 5.51
C SER C 274 0.20 -25.79 6.20
N GLU C 275 0.67 -26.77 5.43
CA GLU C 275 0.96 -28.10 5.96
C GLU C 275 2.47 -28.32 5.90
N PHE C 276 3.01 -28.91 6.97
CA PHE C 276 4.44 -29.12 7.11
C PHE C 276 4.75 -30.59 7.32
N THR C 277 5.96 -31.01 6.92
CA THR C 277 6.39 -32.40 7.04
C THR C 277 7.71 -32.51 7.78
N VAL C 278 7.85 -33.59 8.56
CA VAL C 278 9.09 -33.91 9.26
C VAL C 278 9.26 -35.43 9.36
N SER C 279 10.49 -35.90 9.13
CA SER C 279 10.83 -37.31 9.27
C SER C 279 10.67 -37.75 10.73
N THR C 280 10.22 -38.98 10.93
CA THR C 280 10.03 -39.50 12.28
C THR C 280 11.37 -39.88 12.94
N ALA C 281 12.43 -39.98 12.12
CA ALA C 281 13.79 -40.20 12.59
C ALA C 281 14.27 -39.06 13.48
N VAL C 282 13.90 -37.83 13.10
CA VAL C 282 14.26 -36.62 13.84
C VAL C 282 13.44 -36.51 15.13
N LEU C 283 12.16 -36.84 15.04
CA LEU C 283 11.26 -36.75 16.18
C LEU C 283 11.57 -37.76 17.28
N ARG C 284 12.06 -38.94 16.88
CA ARG C 284 12.40 -40.02 17.80
C ARG C 284 13.80 -39.89 18.40
N ASN C 285 14.50 -38.81 18.05
CA ASN C 285 15.88 -38.57 18.45
C ASN C 285 15.97 -37.51 19.55
N GLU C 286 16.36 -37.93 20.74
CA GLU C 286 16.44 -37.04 21.91
C GLU C 286 17.55 -35.99 21.78
N THR C 287 18.66 -36.38 21.18
CA THR C 287 19.82 -35.50 21.00
C THR C 287 19.46 -34.32 20.09
N ALA C 288 18.64 -34.59 19.09
CA ALA C 288 18.14 -33.56 18.17
C ALA C 288 17.12 -32.66 18.86
N SER C 289 16.47 -33.19 19.91
CA SER C 289 15.45 -32.47 20.66
C SER C 289 16.00 -31.36 21.55
N LYS C 290 17.29 -31.43 21.87
CA LYS C 290 17.92 -30.45 22.74
C LYS C 290 18.71 -29.38 21.98
N ARG C 291 18.62 -29.41 20.65
CA ARG C 291 19.29 -28.42 19.81
C ARG C 291 18.63 -27.03 19.90
N GLY C 292 19.36 -26.02 19.44
CA GLY C 292 18.81 -24.67 19.33
C GLY C 292 18.41 -24.35 17.90
N TYR C 293 18.93 -25.14 16.96
CA TYR C 293 18.71 -24.93 15.53
C TYR C 293 18.59 -26.26 14.80
N HIS C 294 17.39 -26.58 14.32
CA HIS C 294 17.10 -27.85 13.65
C HIS C 294 17.42 -27.82 12.16
N GLY C 295 17.70 -26.63 11.64
CA GLY C 295 18.15 -26.47 10.26
C GLY C 295 17.14 -26.83 9.17
N ASP C 296 17.57 -27.72 8.28
CA ASP C 296 16.80 -28.10 7.10
C ASP C 296 15.91 -29.32 7.35
N ASP C 297 15.79 -29.74 8.61
CA ASP C 297 15.04 -30.95 8.98
C ASP C 297 13.52 -30.82 8.81
N PHE C 298 12.96 -29.76 9.38
CA PHE C 298 11.53 -29.50 9.27
C PHE C 298 11.19 -28.82 7.94
N LYS C 299 10.25 -29.40 7.21
CA LYS C 299 9.96 -28.97 5.83
C LYS C 299 8.55 -28.39 5.71
N LEU C 300 8.41 -27.38 4.86
CA LEU C 300 7.11 -26.90 4.43
C LEU C 300 6.63 -27.75 3.26
N LEU C 301 5.43 -28.30 3.38
CA LEU C 301 4.84 -29.11 2.32
C LEU C 301 4.14 -28.24 1.28
N GLY C 302 3.42 -27.21 1.74
CA GLY C 302 2.75 -26.28 0.83
C GLY C 302 1.54 -25.57 1.41
N TYR C 303 0.73 -25.00 0.51
CA TYR C 303 -0.42 -24.17 0.86
C TYR C 303 -1.73 -24.92 0.57
N ARG C 304 -2.47 -25.23 1.65
CA ARG C 304 -3.70 -26.02 1.57
C ARG C 304 -4.81 -25.32 0.78
N GLY C 305 -4.86 -23.99 0.87
CA GLY C 305 -5.83 -23.21 0.12
C GLY C 305 -6.47 -22.10 0.93
N ALA C 306 -7.23 -21.25 0.24
CA ALA C 306 -7.94 -20.15 0.87
C ALA C 306 -9.00 -20.67 1.83
N GLN C 307 -8.99 -20.13 3.06
CA GLN C 307 -9.92 -20.53 4.13
C GLN C 307 -9.89 -22.04 4.40
N SER C 308 -8.75 -22.66 4.11
CA SER C 308 -8.57 -24.09 4.29
C SER C 308 -7.80 -24.41 5.57
N GLN C 309 -8.03 -23.61 6.62
CA GLN C 309 -7.45 -23.90 7.93
C GLN C 309 -8.09 -25.17 8.43
N SER C 310 -7.30 -25.99 9.10
CA SER C 310 -7.78 -27.28 9.55
C SER C 310 -7.47 -27.50 11.01
N SER C 311 -8.33 -28.27 11.66
CA SER C 311 -8.09 -28.62 13.05
C SER C 311 -7.37 -29.97 13.12
N ILE C 312 -8.15 -31.04 13.13
CA ILE C 312 -7.61 -32.39 13.30
C ILE C 312 -7.68 -33.16 12.00
N HIS C 313 -6.53 -33.70 11.59
CA HIS C 313 -6.45 -34.49 10.37
C HIS C 313 -5.82 -35.86 10.66
N GLY C 314 -6.19 -36.85 9.87
CA GLY C 314 -5.69 -38.22 10.05
C GLY C 314 -5.26 -38.86 8.76
N PHE C 315 -4.29 -39.78 8.87
CA PHE C 315 -3.75 -40.50 7.73
C PHE C 315 -4.24 -41.94 7.74
N HIS C 316 -4.92 -42.35 6.67
CA HIS C 316 -5.39 -43.73 6.53
C HIS C 316 -4.31 -44.60 5.91
N PRO C 317 -3.81 -45.59 6.67
CA PRO C 317 -2.68 -46.43 6.25
C PRO C 317 -2.90 -47.23 4.95
N GLU C 318 -4.12 -47.72 4.74
CA GLU C 318 -4.38 -48.62 3.61
C GLU C 318 -4.44 -47.92 2.24
N THR C 319 -4.97 -46.71 2.21
CA THR C 319 -5.14 -45.96 0.97
C THR C 319 -4.08 -44.88 0.77
N GLY C 320 -3.41 -44.51 1.86
CA GLY C 320 -2.41 -43.43 1.84
C GLY C 320 -3.07 -42.06 1.70
N VAL C 321 -4.28 -41.94 2.22
CA VAL C 321 -5.07 -40.71 2.10
C VAL C 321 -5.20 -40.00 3.45
N ILE C 322 -4.94 -38.70 3.44
CA ILE C 322 -5.15 -37.85 4.61
C ILE C 322 -6.53 -37.22 4.53
N PHE C 323 -7.23 -37.21 5.66
CA PHE C 323 -8.51 -36.53 5.77
C PHE C 323 -8.37 -35.33 6.69
N PHE C 324 -8.73 -34.15 6.16
CA PHE C 324 -8.67 -32.90 6.91
C PHE C 324 -10.05 -32.50 7.41
N ALA C 325 -10.09 -31.94 8.61
CA ALA C 325 -11.30 -31.29 9.11
C ALA C 325 -11.14 -29.77 8.94
N LEU C 326 -11.90 -29.19 8.01
CA LEU C 326 -11.77 -27.78 7.66
C LEU C 326 -12.69 -26.90 8.51
N ILE C 327 -12.08 -25.94 9.22
CA ILE C 327 -12.77 -25.13 10.21
C ILE C 327 -13.70 -24.08 9.60
N GLN C 328 -13.13 -23.25 8.72
CA GLN C 328 -13.88 -22.17 8.08
C GLN C 328 -14.85 -22.68 7.01
N LEU C 329 -14.43 -23.70 6.27
CA LEU C 329 -15.24 -24.27 5.20
C LEU C 329 -16.38 -25.19 5.68
N ASN C 330 -16.46 -25.42 6.99
CA ASN C 330 -17.49 -26.26 7.62
C ASN C 330 -17.58 -27.65 6.99
N ALA C 331 -16.42 -28.28 6.79
CA ALA C 331 -16.34 -29.44 5.93
C ALA C 331 -15.22 -30.41 6.27
N VAL C 332 -15.25 -31.58 5.63
CA VAL C 332 -14.18 -32.57 5.70
C VAL C 332 -13.66 -32.81 4.29
N SER C 333 -12.34 -32.80 4.14
CA SER C 333 -11.71 -33.00 2.84
C SER C 333 -10.69 -34.14 2.87
N CYS C 334 -10.20 -34.53 1.69
CA CYS C 334 -9.20 -35.59 1.59
C CYS C 334 -8.03 -35.22 0.68
N TRP C 335 -6.95 -36.00 0.78
CA TRP C 335 -5.77 -35.83 -0.07
C TRP C 335 -4.97 -37.13 -0.20
N ASP C 336 -4.65 -37.50 -1.44
CA ASP C 336 -3.77 -38.64 -1.72
C ASP C 336 -2.31 -38.20 -1.65
N THR C 337 -1.57 -38.77 -0.70
CA THR C 337 -0.19 -38.36 -0.41
C THR C 337 0.78 -38.59 -1.58
N ARG C 338 0.47 -39.57 -2.42
CA ARG C 338 1.25 -39.88 -3.63
C ARG C 338 1.21 -38.74 -4.64
N LYS C 339 0.09 -38.01 -4.65
CA LYS C 339 -0.08 -36.84 -5.50
C LYS C 339 0.53 -35.60 -4.82
N PRO C 340 1.14 -34.70 -5.62
CA PRO C 340 1.70 -33.47 -5.08
C PRO C 340 0.65 -32.62 -4.37
N PHE C 341 1.06 -32.04 -3.23
CA PHE C 341 0.17 -31.24 -2.38
C PHE C 341 -0.24 -29.95 -3.07
N ALA C 342 -1.52 -29.89 -3.45
CA ALA C 342 -2.10 -28.74 -4.16
C ALA C 342 -3.63 -28.80 -4.08
N PRO C 343 -4.30 -27.63 -3.96
CA PRO C 343 -5.77 -27.56 -3.92
C PRO C 343 -6.47 -28.42 -4.98
N GLN C 344 -5.94 -28.40 -6.21
CA GLN C 344 -6.52 -29.15 -7.33
C GLN C 344 -6.46 -30.68 -7.10
N ASN C 345 -5.46 -31.13 -6.34
CA ASN C 345 -5.30 -32.55 -6.02
C ASN C 345 -6.04 -32.94 -4.74
N MET C 346 -6.94 -32.07 -4.29
CA MET C 346 -7.72 -32.32 -3.07
C MET C 346 -9.21 -32.22 -3.35
N ALA C 347 -10.01 -32.90 -2.53
CA ALA C 347 -11.45 -32.92 -2.71
C ALA C 347 -12.16 -32.88 -1.37
N ILE C 348 -13.24 -32.11 -1.33
CA ILE C 348 -14.11 -32.03 -0.17
C ILE C 348 -15.10 -33.21 -0.23
N VAL C 349 -15.06 -34.06 0.78
CA VAL C 349 -15.90 -35.27 0.78
C VAL C 349 -17.24 -35.10 1.50
N TYR C 350 -17.33 -34.09 2.37
CA TYR C 350 -18.57 -33.78 3.09
C TYR C 350 -18.59 -32.32 3.51
N LYS C 351 -19.75 -31.68 3.37
CA LYS C 351 -19.94 -30.28 3.75
C LYS C 351 -21.32 -30.07 4.39
N ASN C 352 -21.32 -29.42 5.54
CA ASN C 352 -22.55 -29.12 6.26
C ASN C 352 -22.46 -27.77 6.98
N ASP C 353 -22.99 -26.73 6.34
CA ASP C 353 -22.99 -25.38 6.92
C ASP C 353 -23.96 -25.25 8.10
N ARG C 354 -24.97 -26.11 8.12
CA ARG C 354 -25.96 -26.13 9.18
C ARG C 354 -25.39 -26.77 10.45
N ASP C 355 -24.97 -28.03 10.32
CA ASP C 355 -24.56 -28.83 11.48
C ASP C 355 -23.10 -28.64 11.89
N ILE C 356 -22.18 -28.79 10.94
CA ILE C 356 -20.76 -28.56 11.21
C ILE C 356 -20.48 -27.08 11.40
N ILE C 357 -20.38 -26.66 12.65
CA ILE C 357 -19.92 -25.31 12.95
C ILE C 357 -18.38 -25.33 13.04
N TYR C 358 -17.87 -25.96 14.10
CA TYR C 358 -16.44 -26.16 14.30
C TYR C 358 -16.18 -27.66 14.44
N PRO C 359 -15.39 -28.23 13.51
CA PRO C 359 -14.98 -29.62 13.64
C PRO C 359 -13.86 -29.75 14.69
N ASN C 360 -14.18 -30.41 15.80
CA ASN C 360 -13.25 -30.51 16.93
C ASN C 360 -12.32 -31.74 16.90
N ASP C 361 -12.84 -32.86 16.42
CA ASP C 361 -12.05 -34.08 16.31
C ASP C 361 -12.25 -34.79 14.98
N LEU C 362 -11.19 -35.41 14.50
CA LEU C 362 -11.24 -36.34 13.37
C LEU C 362 -10.31 -37.51 13.63
N SER C 363 -10.87 -38.72 13.64
CA SER C 363 -10.13 -39.93 13.93
C SER C 363 -10.43 -41.03 12.91
N ILE C 364 -9.45 -41.90 12.69
CA ILE C 364 -9.63 -43.03 11.78
C ILE C 364 -9.59 -44.32 12.57
N ASP C 365 -10.70 -45.06 12.55
CA ASP C 365 -10.82 -46.31 13.29
C ASP C 365 -10.05 -47.46 12.62
N GLN C 366 -10.03 -48.61 13.28
CA GLN C 366 -9.30 -49.79 12.80
C GLN C 366 -10.00 -50.51 11.64
N GLU C 367 -11.13 -49.97 11.21
CA GLU C 367 -11.99 -50.67 10.25
C GLU C 367 -12.08 -50.00 8.87
N GLY C 368 -11.36 -48.89 8.70
CA GLY C 368 -11.36 -48.14 7.44
C GLY C 368 -12.46 -47.09 7.34
N ASN C 369 -12.81 -46.50 8.48
CA ASN C 369 -13.77 -45.40 8.52
C ASN C 369 -13.13 -44.11 9.04
N VAL C 370 -13.57 -42.98 8.49
CA VAL C 370 -13.15 -41.67 9.02
C VAL C 370 -14.25 -41.07 9.89
N TRP C 371 -13.86 -40.64 11.08
CA TRP C 371 -14.78 -40.14 12.11
C TRP C 371 -14.53 -38.66 12.38
N PHE C 372 -15.61 -37.88 12.45
CA PHE C 372 -15.50 -36.46 12.78
C PHE C 372 -16.67 -35.93 13.59
N MET C 373 -16.38 -34.91 14.40
CA MET C 373 -17.33 -34.38 15.38
C MET C 373 -17.45 -32.86 15.36
N SER C 374 -18.64 -32.35 15.66
CA SER C 374 -18.88 -30.93 15.87
C SER C 374 -19.51 -30.73 17.26
N ASN C 375 -19.14 -29.64 17.93
CA ASN C 375 -19.55 -29.41 19.32
C ASN C 375 -20.18 -28.04 19.62
N SER C 376 -20.37 -27.23 18.58
CA SER C 376 -20.93 -25.86 18.72
C SER C 376 -20.23 -25.01 19.77
N ILE C 377 -18.90 -25.13 19.82
CA ILE C 377 -18.08 -24.46 20.85
C ILE C 377 -18.12 -22.94 20.74
N ILE C 378 -18.09 -22.43 19.50
CA ILE C 378 -18.04 -20.99 19.26
C ILE C 378 -19.35 -20.30 19.60
N LYS C 379 -20.44 -21.05 19.58
CA LYS C 379 -21.75 -20.56 20.01
C LYS C 379 -21.75 -20.35 21.53
N LEU C 380 -21.13 -21.28 22.26
CA LEU C 380 -20.99 -21.16 23.71
C LEU C 380 -20.18 -19.93 24.07
N LEU C 381 -19.02 -19.78 23.41
CA LEU C 381 -18.05 -18.75 23.75
C LEU C 381 -18.50 -17.33 23.43
N TYR C 382 -19.06 -17.13 22.25
CA TYR C 382 -19.31 -15.78 21.75
C TYR C 382 -20.78 -15.36 21.68
N THR C 383 -21.68 -16.34 21.56
CA THR C 383 -23.11 -16.11 21.70
C THR C 383 -23.64 -16.93 22.89
N GLN C 384 -24.88 -17.41 22.82
CA GLN C 384 -25.37 -18.37 23.80
C GLN C 384 -25.81 -19.67 23.13
N LEU C 385 -25.65 -20.77 23.85
CA LEU C 385 -26.00 -22.09 23.34
C LEU C 385 -27.43 -22.45 23.72
N SER C 386 -28.17 -22.99 22.77
CA SER C 386 -29.56 -23.42 23.00
C SER C 386 -29.62 -24.93 23.21
N LEU C 387 -30.01 -25.34 24.42
CA LEU C 387 -30.11 -26.75 24.79
C LEU C 387 -31.31 -27.43 24.14
N GLU C 388 -32.16 -26.63 23.48
CA GLU C 388 -33.34 -27.14 22.79
C GLU C 388 -33.03 -27.54 21.34
N GLU C 389 -31.78 -27.36 20.94
CA GLU C 389 -31.30 -27.76 19.62
C GLU C 389 -30.12 -28.72 19.73
N PHE C 390 -29.91 -29.52 18.70
CA PHE C 390 -28.78 -30.44 18.66
C PHE C 390 -27.47 -29.72 18.35
N ASN C 391 -26.64 -29.59 19.38
CA ASN C 391 -25.39 -28.83 19.30
C ASN C 391 -24.17 -29.69 19.01
N PHE C 392 -24.27 -30.98 19.33
CA PHE C 392 -23.13 -31.88 19.27
C PHE C 392 -23.42 -33.04 18.32
N HIS C 393 -22.55 -33.22 17.32
CA HIS C 393 -22.78 -34.20 16.25
C HIS C 393 -21.53 -35.03 15.96
N ILE C 394 -21.72 -36.34 15.77
CA ILE C 394 -20.64 -37.23 15.36
C ILE C 394 -21.02 -37.99 14.09
N TRP C 395 -20.09 -38.08 13.14
CA TRP C 395 -20.32 -38.75 11.86
C TRP C 395 -19.27 -39.84 11.60
N ARG C 396 -19.64 -40.82 10.79
CA ARG C 396 -18.68 -41.80 10.27
C ARG C 396 -18.83 -41.95 8.75
N ALA C 397 -17.70 -42.15 8.07
CA ALA C 397 -17.69 -42.35 6.62
C ALA C 397 -16.76 -43.48 6.22
N ASN C 398 -17.22 -44.33 5.30
CA ASN C 398 -16.38 -45.38 4.75
C ASN C 398 -15.40 -44.79 3.74
N ILE C 399 -14.12 -44.90 4.06
CA ILE C 399 -13.03 -44.28 3.29
C ILE C 399 -13.02 -44.68 1.82
N LYS C 400 -13.07 -45.99 1.55
CA LYS C 400 -13.00 -46.52 0.18
C LYS C 400 -14.18 -46.12 -0.70
N GLU C 401 -15.35 -45.95 -0.09
CA GLU C 401 -16.55 -45.52 -0.80
C GLU C 401 -16.53 -44.02 -1.04
N ILE C 402 -15.96 -43.28 -0.10
CA ILE C 402 -16.02 -41.82 -0.13
C ILE C 402 -14.99 -41.18 -1.08
N ILE C 403 -13.87 -41.85 -1.30
CA ILE C 403 -12.81 -41.34 -2.18
C ILE C 403 -12.93 -41.88 -3.61
N LYS C 404 -13.87 -42.82 -3.80
CA LYS C 404 -14.01 -43.60 -5.03
C LYS C 404 -13.98 -42.76 -6.31
N GLY C 405 -14.96 -41.88 -6.47
CA GLY C 405 -15.08 -41.06 -7.69
C GLY C 405 -14.37 -39.72 -7.63
N THR C 406 -13.34 -39.62 -6.78
CA THR C 406 -12.62 -38.36 -6.57
C THR C 406 -11.13 -38.47 -6.88
N VAL C 407 -10.44 -37.34 -6.73
CA VAL C 407 -8.99 -37.25 -6.94
C VAL C 407 -8.24 -38.02 -5.85
N CYS C 408 -8.91 -38.19 -4.71
CA CYS C 408 -8.33 -38.88 -3.56
C CYS C 408 -8.11 -40.38 -3.79
N ASP C 409 -8.78 -40.93 -4.81
CA ASP C 409 -8.58 -42.31 -5.24
C ASP C 409 -7.16 -42.50 -5.77
N PRO C 410 -6.38 -43.40 -5.14
CA PRO C 410 -4.99 -43.66 -5.55
C PRO C 410 -4.83 -44.17 -6.99
N THR C 411 -5.91 -44.72 -7.56
CA THR C 411 -5.90 -45.24 -8.94
C THR C 411 -6.13 -44.14 -9.98
N VAL C 412 -6.88 -43.11 -9.61
CA VAL C 412 -7.11 -41.94 -10.46
C VAL C 412 -5.86 -41.04 -10.44
N PRO C 413 -5.47 -40.50 -11.62
CA PRO C 413 -4.33 -39.57 -11.72
C PRO C 413 -4.60 -38.19 -11.10
N PRO C 414 -3.52 -37.42 -10.82
CA PRO C 414 -3.69 -36.06 -10.30
C PRO C 414 -4.18 -35.06 -11.35
N ASN C 415 -4.93 -34.06 -10.90
CA ASN C 415 -5.31 -32.94 -11.77
C ASN C 415 -4.10 -32.07 -12.11
N VAL C 416 -3.16 -32.01 -11.18
CA VAL C 416 -1.96 -31.18 -11.32
C VAL C 416 -0.71 -32.02 -11.02
N ASP C 417 0.23 -32.01 -11.97
CA ASP C 417 1.52 -32.69 -11.81
C ASP C 417 2.53 -31.78 -11.11
N HIS C 418 2.11 -30.53 -10.87
CA HIS C 418 2.91 -29.48 -10.23
C HIS C 418 4.05 -28.98 -11.12
N GLN D 23 35.48 27.02 -16.09
CA GLN D 23 35.35 27.15 -17.57
C GLN D 23 33.94 27.51 -18.03
N VAL D 24 32.97 27.42 -17.11
CA VAL D 24 31.64 27.99 -17.33
C VAL D 24 31.67 29.43 -16.84
N GLU D 25 31.48 30.37 -17.75
CA GLU D 25 31.56 31.79 -17.39
C GLU D 25 30.23 32.53 -17.50
N GLU D 26 29.96 33.35 -16.49
CA GLU D 26 28.78 34.21 -16.46
C GLU D 26 29.01 35.43 -17.35
N VAL D 27 28.16 35.58 -18.35
CA VAL D 27 28.34 36.62 -19.36
C VAL D 27 27.53 37.88 -19.02
N LEU D 28 26.29 37.68 -18.60
CA LEU D 28 25.39 38.79 -18.29
C LEU D 28 24.64 38.56 -16.99
N LYS D 29 24.40 39.63 -16.26
CA LYS D 29 23.53 39.58 -15.08
C LYS D 29 22.87 40.91 -14.76
N TRP D 30 21.60 40.84 -14.34
CA TRP D 30 20.82 42.01 -13.98
C TRP D 30 20.26 41.89 -12.56
N GLN D 31 20.19 43.01 -11.87
CA GLN D 31 19.35 43.14 -10.68
C GLN D 31 17.93 43.38 -11.18
N GLN D 32 17.82 44.33 -12.11
CA GLN D 32 16.58 44.60 -12.81
C GLN D 32 16.87 44.94 -14.26
N VAL D 33 15.88 44.74 -15.10
CA VAL D 33 15.99 44.99 -16.53
C VAL D 33 15.56 46.42 -16.84
N GLU D 34 16.35 47.11 -17.67
CA GLU D 34 16.02 48.45 -18.13
C GLU D 34 16.11 48.54 -19.64
N PHE D 35 15.35 49.46 -20.22
CA PHE D 35 15.24 49.58 -21.67
C PHE D 35 15.71 50.93 -22.20
N ASP D 36 16.40 50.91 -23.33
CA ASP D 36 16.77 52.13 -24.03
C ASP D 36 15.58 52.58 -24.88
N VAL D 37 14.85 53.57 -24.36
CA VAL D 37 13.55 53.96 -24.90
C VAL D 37 13.23 55.42 -24.52
N PRO D 38 12.55 56.17 -25.42
CA PRO D 38 12.11 57.54 -25.13
C PRO D 38 11.45 57.69 -23.76
N ALA D 39 11.89 58.69 -23.00
CA ALA D 39 11.41 58.94 -21.63
C ALA D 39 9.89 59.00 -21.48
N SER D 40 9.22 59.48 -22.52
CA SER D 40 7.75 59.57 -22.54
C SER D 40 7.09 58.21 -22.34
N VAL D 41 7.74 57.16 -22.83
CA VAL D 41 7.27 55.78 -22.62
C VAL D 41 7.48 55.36 -21.17
N LEU D 42 8.60 55.76 -20.58
CA LEU D 42 8.93 55.39 -19.20
C LEU D 42 8.08 56.14 -18.19
N SER D 43 7.61 57.33 -18.56
CA SER D 43 6.79 58.16 -17.69
C SER D 43 5.29 57.85 -17.83
N ALA D 44 4.91 57.29 -18.97
CA ALA D 44 3.52 56.92 -19.25
C ALA D 44 2.94 56.03 -18.15
N PRO D 45 1.61 56.15 -17.90
CA PRO D 45 0.94 55.41 -16.81
C PRO D 45 1.09 53.90 -16.97
N ASP D 46 1.83 53.28 -16.05
CA ASP D 46 2.18 51.86 -16.09
C ASP D 46 2.98 51.49 -17.35
N GLY D 47 3.85 52.41 -17.77
CA GLY D 47 4.71 52.18 -18.93
C GLY D 47 5.84 51.22 -18.60
N TYR D 48 6.46 51.41 -17.44
CA TYR D 48 7.59 50.60 -17.01
C TYR D 48 7.50 50.21 -15.54
N ILE D 49 7.16 48.94 -15.28
CA ILE D 49 7.12 48.41 -13.92
C ILE D 49 8.26 47.39 -13.77
N PRO D 50 9.38 47.83 -13.16
CA PRO D 50 10.64 47.07 -13.06
C PRO D 50 10.46 45.61 -12.64
N ILE D 51 9.64 45.38 -11.61
CA ILE D 51 9.46 44.04 -11.06
C ILE D 51 8.74 43.10 -12.04
N ASN D 52 7.91 43.66 -12.91
CA ASN D 52 7.19 42.88 -13.92
C ASN D 52 8.06 42.38 -15.07
N ASN D 53 9.17 43.07 -15.32
CA ASN D 53 10.05 42.74 -16.44
C ASN D 53 10.99 41.58 -16.16
N ILE D 54 10.49 40.36 -16.42
CA ILE D 54 11.29 39.16 -16.24
C ILE D 54 11.73 38.65 -17.61
N PRO D 55 13.04 38.65 -17.87
CA PRO D 55 13.55 38.13 -19.14
C PRO D 55 13.38 36.61 -19.21
N MET D 56 13.16 36.08 -20.40
CA MET D 56 12.91 34.65 -20.56
C MET D 56 13.91 33.92 -21.46
N SER D 57 14.67 34.66 -22.26
CA SER D 57 15.66 34.04 -23.12
C SER D 57 16.84 34.95 -23.40
N GLY D 58 18.01 34.34 -23.60
CA GLY D 58 19.21 35.06 -24.04
C GLY D 58 19.96 34.19 -25.02
N VAL D 59 20.01 34.60 -26.28
CA VAL D 59 20.62 33.78 -27.33
C VAL D 59 21.73 34.51 -28.07
N HIS D 60 22.80 33.78 -28.40
CA HIS D 60 24.03 34.39 -28.92
C HIS D 60 24.16 34.32 -30.42
N TYR D 61 24.57 35.45 -31.00
CA TYR D 61 25.00 35.52 -32.38
C TYR D 61 26.05 36.61 -32.53
N LYS D 62 27.25 36.20 -32.97
CA LYS D 62 28.37 37.12 -33.25
C LYS D 62 28.44 38.29 -32.26
N ASN D 63 28.68 37.95 -30.99
CA ASN D 63 28.85 38.91 -29.89
C ASN D 63 27.62 39.77 -29.55
N ARG D 64 26.45 39.32 -30.00
CA ARG D 64 25.19 39.96 -29.64
C ARG D 64 24.31 38.92 -28.96
N VAL D 65 23.73 39.30 -27.81
CA VAL D 65 22.81 38.42 -27.10
C VAL D 65 21.41 39.00 -27.12
N PHE D 66 20.48 38.25 -27.70
CA PHE D 66 19.09 38.67 -27.81
C PHE D 66 18.31 38.26 -26.57
N VAL D 67 17.82 39.25 -25.83
CA VAL D 67 17.08 39.02 -24.59
C VAL D 67 15.61 39.37 -24.78
N THR D 68 14.72 38.47 -24.37
CA THR D 68 13.29 38.72 -24.48
C THR D 68 12.63 38.93 -23.14
N VAL D 69 11.60 39.77 -23.13
CA VAL D 69 10.74 39.97 -21.96
C VAL D 69 9.29 39.78 -22.41
N PRO D 70 8.76 38.54 -22.27
CA PRO D 70 7.37 38.25 -22.65
C PRO D 70 6.41 39.06 -21.81
N ARG D 71 5.39 39.63 -22.43
CA ARG D 71 4.44 40.47 -21.72
C ARG D 71 3.41 39.62 -20.98
N ARG D 72 3.78 39.20 -19.78
CA ARG D 72 2.93 38.44 -18.88
C ARG D 72 2.37 39.35 -17.78
N ARG D 73 2.71 40.63 -17.89
CA ARG D 73 2.30 41.67 -16.95
C ARG D 73 2.36 43.02 -17.64
N TRP D 74 1.65 44.00 -17.10
CA TRP D 74 1.71 45.37 -17.62
C TRP D 74 3.06 45.98 -17.27
N GLY D 75 3.48 46.96 -18.06
CA GLY D 75 4.68 47.74 -17.75
C GLY D 75 5.95 47.22 -18.36
N ILE D 76 5.82 46.65 -19.57
CA ILE D 76 6.98 46.12 -20.29
C ILE D 76 7.12 46.88 -21.62
N PRO D 77 8.08 47.82 -21.71
CA PRO D 77 8.24 48.69 -22.89
C PRO D 77 8.52 47.95 -24.20
N SER D 78 9.29 46.87 -24.13
CA SER D 78 9.72 46.13 -25.33
C SER D 78 9.90 44.64 -25.03
N THR D 79 9.39 43.80 -25.93
CA THR D 79 9.40 42.34 -25.69
C THR D 79 10.62 41.60 -26.25
N LEU D 80 11.19 42.12 -27.35
CA LEU D 80 12.40 41.57 -27.94
C LEU D 80 13.51 42.61 -27.90
N ASN D 81 14.67 42.22 -27.35
CA ASN D 81 15.78 43.16 -27.16
C ASN D 81 17.13 42.57 -27.52
N VAL D 82 18.11 43.45 -27.73
CA VAL D 82 19.48 43.05 -28.03
C VAL D 82 20.49 43.67 -27.06
N VAL D 83 21.50 42.89 -26.68
CA VAL D 83 22.61 43.40 -25.87
C VAL D 83 23.92 43.11 -26.60
N GLU D 84 24.77 44.13 -26.70
CA GLU D 84 26.06 43.99 -27.37
C GLU D 84 27.13 43.55 -26.37
N LEU D 85 27.68 42.36 -26.58
CA LEU D 85 28.67 41.79 -25.68
C LEU D 85 30.05 42.43 -25.78
N GLU D 86 30.57 42.83 -24.63
CA GLU D 86 31.92 43.37 -24.50
C GLU D 86 32.49 43.09 -23.10
N PRO D 87 33.78 42.70 -23.03
CA PRO D 87 34.49 42.51 -21.77
C PRO D 87 34.61 43.81 -20.96
N PRO D 88 34.82 43.71 -19.63
CA PRO D 88 34.95 42.47 -18.85
C PRO D 88 33.61 41.84 -18.45
N TYR D 89 33.58 40.51 -18.41
CA TYR D 89 32.39 39.77 -18.00
C TYR D 89 32.46 39.45 -16.51
N PRO D 90 31.29 39.32 -15.85
CA PRO D 90 29.94 39.50 -16.41
C PRO D 90 29.61 40.97 -16.66
N VAL D 91 28.89 41.24 -17.75
CA VAL D 91 28.39 42.58 -18.01
C VAL D 91 27.24 42.82 -17.04
N THR D 92 27.45 43.74 -16.11
CA THR D 92 26.50 44.03 -15.06
C THR D 92 25.45 45.06 -15.49
N ASN D 93 24.18 44.66 -15.39
CA ASN D 93 23.03 45.52 -15.68
C ASN D 93 23.06 46.23 -17.04
N PRO D 94 23.26 45.47 -18.13
CA PRO D 94 23.22 46.12 -19.45
C PRO D 94 21.83 46.67 -19.75
N VAL D 95 21.77 47.83 -20.36
CA VAL D 95 20.49 48.39 -20.79
C VAL D 95 20.06 47.70 -22.07
N LEU D 96 18.89 47.08 -22.04
CA LEU D 96 18.35 46.37 -23.20
C LEU D 96 17.95 47.34 -24.31
N LYS D 97 18.42 47.06 -25.52
CA LYS D 97 18.04 47.84 -26.69
C LYS D 97 16.97 47.07 -27.48
N PRO D 98 15.81 47.72 -27.72
CA PRO D 98 14.75 47.07 -28.49
C PRO D 98 15.25 46.63 -29.85
N TYR D 99 14.83 45.44 -30.29
CA TYR D 99 15.29 44.86 -31.53
C TYR D 99 14.11 44.26 -32.30
N PRO D 100 14.06 44.45 -33.64
CA PRO D 100 14.99 45.21 -34.49
C PRO D 100 15.00 46.69 -34.14
N SER D 101 13.84 47.21 -33.76
CA SER D 101 13.68 48.58 -33.34
C SER D 101 12.57 48.66 -32.31
N PHE D 102 12.40 49.83 -31.71
CA PHE D 102 11.30 50.06 -30.78
C PHE D 102 9.97 50.20 -31.51
N GLU D 103 10.03 50.57 -32.79
CA GLU D 103 8.84 50.76 -33.63
C GLU D 103 8.03 49.47 -33.81
N LEU D 104 8.71 48.33 -33.75
CA LEU D 104 8.05 47.03 -33.82
C LEU D 104 7.70 46.49 -32.44
N ASN D 105 8.52 46.88 -31.46
CA ASN D 105 8.39 46.36 -30.10
C ASN D 105 7.37 47.08 -29.24
N GLU D 106 7.05 48.32 -29.60
CA GLU D 106 6.16 49.16 -28.79
C GLU D 106 4.74 48.64 -28.78
N LEU D 107 4.19 48.50 -27.58
CA LEU D 107 2.83 48.01 -27.40
C LEU D 107 1.83 49.11 -27.71
N ARG D 108 0.93 48.83 -28.66
CA ARG D 108 -0.16 49.72 -29.02
C ARG D 108 -1.10 49.91 -27.84
N ALA D 109 -1.40 51.16 -27.50
CA ALA D 109 -2.31 51.47 -26.40
C ALA D 109 -3.73 50.95 -26.66
N ASP D 110 -4.21 51.14 -27.89
CA ASP D 110 -5.52 50.69 -28.32
C ASP D 110 -5.67 49.17 -28.35
N LEU D 111 -4.54 48.47 -28.21
CA LEU D 111 -4.50 47.00 -28.15
C LEU D 111 -5.20 46.30 -29.33
N GLN D 112 -5.13 46.90 -30.51
CA GLN D 112 -5.68 46.28 -31.71
C GLN D 112 -4.61 45.40 -32.37
N PRO D 113 -5.03 44.39 -33.16
CA PRO D 113 -4.08 43.55 -33.88
C PRO D 113 -3.21 44.38 -34.83
N ASP D 114 -1.97 43.94 -35.03
CA ASP D 114 -1.05 44.63 -35.94
C ASP D 114 0.08 43.69 -36.35
N ALA D 115 0.15 43.41 -37.66
CA ALA D 115 1.18 42.54 -38.22
C ALA D 115 2.58 43.17 -38.20
N ASN D 116 2.64 44.45 -37.85
CA ASN D 116 3.92 45.15 -37.73
C ASN D 116 4.32 45.44 -36.29
N ARG D 117 3.68 44.76 -35.36
CA ARG D 117 3.98 44.90 -33.94
C ARG D 117 4.38 43.55 -33.35
N LEU D 118 5.28 43.60 -32.36
CA LEU D 118 5.67 42.44 -31.58
C LEU D 118 5.05 42.54 -30.19
N VAL D 119 4.12 41.64 -29.89
CA VAL D 119 3.42 41.66 -28.61
C VAL D 119 4.20 40.90 -27.53
N THR D 120 4.44 39.61 -27.78
CA THR D 120 5.03 38.72 -26.79
C THR D 120 5.94 37.68 -27.46
N VAL D 121 7.22 37.73 -27.12
CA VAL D 121 8.21 36.79 -27.64
C VAL D 121 8.93 36.10 -26.47
N TYR D 122 8.89 34.78 -26.46
CA TYR D 122 9.57 34.00 -25.42
C TYR D 122 11.02 33.63 -25.77
N ARG D 123 11.22 32.60 -26.61
CA ARG D 123 12.57 32.05 -26.85
C ARG D 123 12.98 32.02 -28.32
N PRO D 124 13.74 33.03 -28.76
CA PRO D 124 14.21 33.03 -30.14
C PRO D 124 15.30 31.99 -30.36
N ARG D 125 15.54 31.64 -31.63
CA ARG D 125 16.61 30.71 -31.98
C ARG D 125 17.34 31.21 -33.21
N VAL D 126 18.66 31.04 -33.21
CA VAL D 126 19.52 31.46 -34.32
C VAL D 126 19.94 30.23 -35.12
N ASP D 127 19.75 30.28 -36.45
CA ASP D 127 20.17 29.20 -37.34
C ASP D 127 21.55 29.44 -37.94
N ARG D 128 21.96 28.58 -38.87
CA ARG D 128 23.24 28.72 -39.55
C ARG D 128 23.22 29.78 -40.67
N CYS D 129 22.02 30.19 -41.07
CA CYS D 129 21.85 31.06 -42.24
C CYS D 129 21.79 32.56 -41.91
N ASP D 130 22.32 32.96 -40.76
CA ASP D 130 22.27 34.36 -40.29
C ASP D 130 20.85 34.90 -40.08
N ARG D 131 19.98 34.06 -39.53
CA ARG D 131 18.60 34.44 -39.29
C ARG D 131 18.23 34.27 -37.82
N LEU D 132 17.39 35.16 -37.32
CA LEU D 132 16.81 35.02 -35.99
C LEU D 132 15.36 34.61 -36.14
N TRP D 133 15.04 33.44 -35.61
CA TRP D 133 13.68 32.90 -35.67
C TRP D 133 13.00 33.01 -34.30
N PHE D 134 11.74 33.43 -34.31
CA PHE D 134 10.93 33.48 -33.08
C PHE D 134 9.43 33.49 -33.35
N VAL D 135 8.66 33.22 -32.30
CA VAL D 135 7.20 33.32 -32.34
C VAL D 135 6.74 34.49 -31.48
N ASP D 136 5.96 35.40 -32.08
CA ASP D 136 5.19 36.37 -31.31
C ASP D 136 3.87 35.70 -30.97
N THR D 137 3.66 35.40 -29.69
CA THR D 137 2.46 34.67 -29.26
C THR D 137 1.20 35.50 -29.48
N GLY D 138 1.36 36.82 -29.48
CA GLY D 138 0.25 37.74 -29.71
C GLY D 138 -0.66 37.90 -28.50
N MET D 139 -0.29 37.25 -27.40
CA MET D 139 -1.10 37.19 -26.21
C MET D 139 -0.34 37.66 -24.97
N MET D 140 -1.05 38.32 -24.06
CA MET D 140 -0.49 38.76 -22.80
C MET D 140 -1.15 38.02 -21.65
N GLU D 141 -0.36 37.20 -20.95
CA GLU D 141 -0.85 36.37 -19.86
C GLU D 141 -0.81 37.09 -18.51
N ILE D 142 -1.53 38.21 -18.43
CA ILE D 142 -1.62 39.01 -17.21
C ILE D 142 -2.56 38.30 -16.23
N PRO D 143 -2.08 38.07 -14.98
CA PRO D 143 -2.91 37.40 -13.99
C PRO D 143 -4.21 38.17 -13.74
N GLY D 144 -5.35 37.50 -13.89
CA GLY D 144 -6.65 38.16 -13.75
C GLY D 144 -7.34 38.37 -15.08
N ASN D 145 -6.69 39.11 -15.98
CA ASN D 145 -7.15 39.21 -17.38
C ASN D 145 -6.10 38.90 -18.45
N PHE D 146 -6.18 37.69 -18.98
CA PHE D 146 -5.43 37.33 -20.17
C PHE D 146 -5.95 38.16 -21.33
N THR D 147 -5.04 38.78 -22.08
CA THR D 147 -5.42 39.66 -23.18
C THR D 147 -4.82 39.17 -24.49
N VAL D 148 -5.69 38.70 -25.38
CA VAL D 148 -5.29 38.26 -26.71
C VAL D 148 -5.35 39.45 -27.67
N VAL D 149 -4.18 40.02 -27.96
CA VAL D 149 -4.07 41.18 -28.84
C VAL D 149 -4.20 40.77 -30.31
N GLN D 150 -3.54 39.67 -30.66
CA GLN D 150 -3.50 39.20 -32.04
C GLN D 150 -3.17 37.70 -32.05
N ARG D 151 -3.33 37.09 -33.21
CA ARG D 151 -2.97 35.68 -33.39
C ARG D 151 -1.46 35.51 -33.30
N PRO D 152 -0.98 34.28 -32.97
CA PRO D 152 0.45 34.02 -32.95
C PRO D 152 1.06 34.03 -34.35
N SER D 153 2.32 34.44 -34.45
CA SER D 153 3.01 34.51 -35.73
C SER D 153 4.48 34.07 -35.64
N ILE D 154 5.05 33.64 -36.76
CA ILE D 154 6.44 33.18 -36.81
C ILE D 154 7.28 34.10 -37.69
N TRP D 155 8.31 34.68 -37.09
CA TRP D 155 9.17 35.64 -37.78
C TRP D 155 10.57 35.08 -38.04
N SER D 156 11.17 35.54 -39.13
CA SER D 156 12.61 35.37 -39.34
C SER D 156 13.21 36.73 -39.65
N ILE D 157 14.32 37.05 -38.99
CA ILE D 157 14.99 38.34 -39.19
C ILE D 157 16.43 38.17 -39.67
N ASP D 158 16.76 38.82 -40.79
CA ASP D 158 18.12 38.80 -41.33
C ASP D 158 19.07 39.53 -40.40
N LEU D 159 19.98 38.77 -39.78
CA LEU D 159 20.87 39.31 -38.76
C LEU D 159 22.04 40.14 -39.32
N LYS D 160 22.16 40.18 -40.65
CA LYS D 160 23.18 40.98 -41.29
C LYS D 160 22.70 42.41 -41.54
N THR D 161 21.40 42.56 -41.78
CA THR D 161 20.80 43.84 -42.11
C THR D 161 19.86 44.35 -41.01
N ASN D 162 19.52 43.46 -40.07
CA ASN D 162 18.53 43.72 -39.01
C ASN D 162 17.12 43.99 -39.54
N GLN D 163 16.84 43.50 -40.75
CA GLN D 163 15.52 43.66 -41.37
C GLN D 163 14.76 42.34 -41.33
N PRO D 164 13.46 42.38 -40.97
CA PRO D 164 12.64 41.17 -40.96
C PRO D 164 12.57 40.56 -42.35
N LEU D 165 12.76 39.25 -42.44
CA LEU D 165 12.70 38.53 -43.70
C LEU D 165 11.29 38.01 -44.00
N SER D 166 10.64 37.44 -42.99
CA SER D 166 9.30 36.85 -43.17
C SER D 166 8.50 36.82 -41.88
N ARG D 167 7.18 36.88 -42.04
CA ARG D 167 6.22 36.74 -40.95
C ARG D 167 5.06 35.88 -41.43
N TYR D 168 4.64 34.93 -40.62
CA TYR D 168 3.56 34.03 -40.98
C TYR D 168 2.62 33.87 -39.81
N GLU D 169 1.33 34.15 -40.03
CA GLU D 169 0.33 33.98 -38.99
C GLU D 169 -0.15 32.52 -38.95
N ILE D 170 -0.10 31.90 -37.78
CA ILE D 170 -0.61 30.54 -37.60
C ILE D 170 -2.15 30.59 -37.60
N PRO D 171 -2.79 29.90 -38.56
CA PRO D 171 -4.25 29.89 -38.64
C PRO D 171 -4.91 29.21 -37.45
N GLN D 172 -6.17 29.53 -37.19
CA GLN D 172 -6.86 29.05 -35.99
C GLN D 172 -7.13 27.53 -35.96
N LYS D 173 -6.93 26.88 -37.10
CA LYS D 173 -7.07 25.43 -37.21
C LYS D 173 -5.97 24.67 -36.45
N ASP D 174 -4.78 25.28 -36.37
CA ASP D 174 -3.61 24.63 -35.78
C ASP D 174 -3.49 24.87 -34.28
N VAL D 175 -3.63 26.13 -33.88
CA VAL D 175 -3.61 26.49 -32.46
C VAL D 175 -4.68 27.55 -32.15
N GLU D 176 -5.18 27.54 -30.92
CA GLU D 176 -6.23 28.46 -30.52
C GLU D 176 -5.75 29.91 -30.37
N THR D 177 -4.88 30.17 -29.39
CA THR D 177 -4.51 31.55 -29.03
C THR D 177 -3.02 31.90 -29.11
N GLY D 178 -2.15 30.92 -28.87
CA GLY D 178 -0.72 31.20 -28.73
C GLY D 178 -0.32 31.32 -27.28
N TYR D 179 -1.24 30.92 -26.39
CA TYR D 179 -1.02 30.86 -24.94
C TYR D 179 0.29 30.14 -24.56
N GLY D 180 0.55 29.01 -25.19
CA GLY D 180 1.72 28.19 -24.84
C GLY D 180 2.77 28.00 -25.90
N LEU D 181 2.88 28.92 -26.86
CA LEU D 181 3.88 28.83 -27.91
C LEU D 181 5.17 29.54 -27.52
N THR D 182 5.85 28.95 -26.54
CA THR D 182 6.96 29.60 -25.85
C THR D 182 8.33 29.03 -26.22
N SER D 183 8.35 28.08 -27.16
CA SER D 183 9.57 27.36 -27.51
C SER D 183 9.50 26.77 -28.92
N ILE D 184 10.55 27.02 -29.70
CA ILE D 184 10.64 26.56 -31.09
C ILE D 184 11.95 25.81 -31.33
N THR D 185 11.96 24.98 -32.38
CA THR D 185 13.15 24.26 -32.81
C THR D 185 13.28 24.31 -34.33
N LEU D 186 14.49 24.60 -34.81
CA LEU D 186 14.74 24.76 -36.23
C LEU D 186 15.21 23.46 -36.87
N ASP D 187 14.58 23.12 -38.00
CA ASP D 187 15.03 22.03 -38.85
C ASP D 187 15.39 22.65 -40.19
N VAL D 188 16.64 23.08 -40.32
CA VAL D 188 17.12 23.72 -41.55
C VAL D 188 17.84 22.70 -42.44
N ASP D 189 17.48 22.70 -43.72
CA ASP D 189 18.14 21.87 -44.73
C ASP D 189 19.64 22.21 -44.76
N PRO D 190 20.51 21.19 -44.56
CA PRO D 190 21.96 21.38 -44.54
C PRO D 190 22.51 22.01 -45.82
N ASP D 191 21.83 21.79 -46.94
CA ASP D 191 22.26 22.32 -48.23
C ASP D 191 21.55 23.63 -48.56
N ASP D 192 20.23 23.64 -48.46
CA ASP D 192 19.40 24.77 -48.87
C ASP D 192 18.87 25.56 -47.68
N CYS D 193 19.21 26.85 -47.61
CA CYS D 193 18.74 27.73 -46.52
C CYS D 193 17.25 28.06 -46.61
N SER D 194 16.66 27.94 -47.79
CA SER D 194 15.26 28.30 -48.00
C SER D 194 14.29 27.19 -47.59
N LYS D 195 14.83 26.00 -47.35
CA LYS D 195 14.04 24.84 -46.97
C LYS D 195 14.12 24.61 -45.47
N VAL D 196 13.15 25.19 -44.75
CA VAL D 196 13.13 25.15 -43.29
C VAL D 196 11.80 24.60 -42.78
N PHE D 197 11.88 23.80 -41.72
CA PHE D 197 10.71 23.46 -40.91
C PHE D 197 10.98 23.92 -39.49
N VAL D 198 9.94 24.43 -38.82
CA VAL D 198 10.06 24.84 -37.42
C VAL D 198 9.02 24.10 -36.59
N TYR D 199 9.49 23.37 -35.58
CA TYR D 199 8.59 22.66 -34.69
C TYR D 199 8.44 23.46 -33.40
N ILE D 200 7.20 23.76 -33.06
CA ILE D 200 6.86 24.61 -31.92
C ILE D 200 6.19 23.78 -30.84
N SER D 201 6.68 23.91 -29.60
CA SER D 201 6.12 23.18 -28.46
C SER D 201 5.06 24.02 -27.74
N ASP D 202 3.86 23.49 -27.62
CA ASP D 202 2.81 24.13 -26.82
C ASP D 202 2.61 23.38 -25.51
N LEU D 203 3.14 23.96 -24.43
CA LEU D 203 3.14 23.35 -23.11
C LEU D 203 1.82 23.57 -22.36
N GLN D 204 0.97 24.43 -22.91
CA GLN D 204 -0.30 24.77 -22.28
C GLN D 204 -1.46 23.94 -22.80
N THR D 205 -1.51 23.74 -24.12
CA THR D 205 -2.58 22.94 -24.74
C THR D 205 -2.08 21.57 -25.17
N TYR D 206 -0.85 21.24 -24.77
CA TYR D 206 -0.25 19.92 -25.00
C TYR D 206 -0.31 19.49 -26.48
N ARG D 207 0.35 20.28 -27.31
CA ARG D 207 0.41 20.00 -28.73
C ARG D 207 1.74 20.46 -29.32
N MET D 208 1.98 20.04 -30.55
CA MET D 208 3.12 20.50 -31.30
C MET D 208 2.61 21.11 -32.59
N VAL D 209 3.09 22.31 -32.89
CA VAL D 209 2.73 22.98 -34.13
C VAL D 209 3.91 22.91 -35.09
N VAL D 210 3.67 22.41 -36.29
CA VAL D 210 4.69 22.26 -37.31
C VAL D 210 4.54 23.37 -38.34
N TYR D 211 5.64 24.08 -38.61
CA TYR D 211 5.62 25.17 -39.58
C TYR D 211 6.46 24.84 -40.81
N ASP D 212 5.81 24.86 -41.97
CA ASP D 212 6.46 24.67 -43.26
C ASP D 212 6.78 26.04 -43.85
N HIS D 213 8.05 26.39 -43.84
CA HIS D 213 8.51 27.72 -44.24
C HIS D 213 8.44 27.93 -45.75
N GLU D 214 8.88 26.93 -46.51
CA GLU D 214 8.91 27.00 -47.97
C GLU D 214 7.50 27.10 -48.56
N ASN D 215 6.57 26.33 -48.03
CA ASN D 215 5.21 26.25 -48.56
C ASN D 215 4.21 27.15 -47.83
N GLN D 216 4.70 27.90 -46.85
CA GLN D 216 3.86 28.78 -46.02
C GLN D 216 2.58 28.08 -45.55
N LYS D 217 2.77 26.90 -44.98
CA LYS D 217 1.69 26.10 -44.41
C LYS D 217 2.05 25.65 -43.00
N SER D 218 1.06 25.14 -42.27
CA SER D 218 1.26 24.65 -40.91
C SER D 218 0.20 23.64 -40.50
N TRP D 219 0.56 22.73 -39.59
CA TRP D 219 -0.36 21.76 -39.02
C TRP D 219 0.02 21.46 -37.56
N ARG D 220 -0.80 20.70 -36.86
CA ARG D 220 -0.56 20.40 -35.45
C ARG D 220 -0.57 18.90 -35.16
N PHE D 221 0.14 18.49 -34.11
CA PHE D 221 0.13 17.10 -33.64
C PHE D 221 -0.40 17.02 -32.22
N LEU D 222 -1.38 16.15 -32.01
CA LEU D 222 -1.89 15.87 -30.67
C LEU D 222 -1.50 14.45 -30.28
N HIS D 223 -1.03 14.28 -29.05
CA HIS D 223 -0.50 12.99 -28.58
C HIS D 223 -0.40 12.93 -27.07
N ASN D 224 -0.68 11.76 -26.50
CA ASN D 224 -0.59 11.53 -25.06
C ASN D 224 0.76 11.89 -24.44
N TYR D 225 1.83 11.77 -25.23
CA TYR D 225 3.18 11.98 -24.73
C TYR D 225 3.55 13.45 -24.57
N PHE D 226 2.69 14.33 -25.09
CA PHE D 226 2.88 15.77 -24.95
C PHE D 226 2.43 16.25 -23.58
N PHE D 227 1.68 15.40 -22.88
CA PHE D 227 1.20 15.70 -21.53
C PHE D 227 2.27 15.52 -20.45
N LEU D 228 2.00 16.10 -19.29
CA LEU D 228 2.85 15.94 -18.11
C LEU D 228 2.64 14.56 -17.50
N ASN D 229 3.58 14.15 -16.66
CA ASN D 229 3.39 12.96 -15.86
C ASN D 229 2.89 13.37 -14.48
N PRO D 230 1.68 12.89 -14.09
CA PRO D 230 0.97 13.37 -12.90
C PRO D 230 1.83 13.46 -11.64
N LEU D 231 2.72 12.48 -11.43
CA LEU D 231 3.50 12.40 -10.21
C LEU D 231 4.80 13.22 -10.25
N GLU D 232 5.20 13.66 -11.44
CA GLU D 232 6.51 14.28 -11.64
C GLU D 232 6.43 15.78 -11.93
N GLY D 233 5.42 16.44 -11.38
CA GLY D 233 5.21 17.87 -11.59
C GLY D 233 5.33 18.69 -10.32
N ASP D 234 5.91 18.09 -9.29
CA ASP D 234 6.10 18.73 -7.98
C ASP D 234 7.53 19.20 -7.81
N PHE D 235 7.70 20.46 -7.46
CA PHE D 235 9.04 21.03 -7.30
C PHE D 235 9.23 21.69 -5.95
N ASN D 236 10.49 21.77 -5.52
CA ASN D 236 10.87 22.62 -4.41
C ASN D 236 12.23 23.25 -4.67
N ILE D 237 12.19 24.47 -5.21
CA ILE D 237 13.40 25.22 -5.51
C ILE D 237 13.55 26.34 -4.50
N GLN D 238 14.77 26.46 -3.94
CA GLN D 238 15.10 27.50 -2.95
C GLN D 238 14.09 27.52 -1.79
N GLY D 239 13.66 26.32 -1.38
CA GLY D 239 12.70 26.15 -0.29
C GLY D 239 11.28 26.56 -0.64
N ILE D 240 11.00 26.76 -1.93
CA ILE D 240 9.69 27.16 -2.39
C ILE D 240 8.98 25.98 -3.07
N PRO D 241 7.92 25.47 -2.43
CA PRO D 241 7.19 24.33 -2.98
C PRO D 241 6.11 24.77 -3.97
N PHE D 242 6.10 24.13 -5.13
CA PHE D 242 5.10 24.43 -6.17
C PHE D 242 4.89 23.25 -7.11
N ALA D 243 3.79 23.29 -7.87
CA ALA D 243 3.49 22.29 -8.87
C ALA D 243 3.02 22.94 -10.16
N TRP D 244 3.53 22.44 -11.29
CA TRP D 244 3.09 22.88 -12.62
C TRP D 244 2.53 21.72 -13.43
N ASP D 245 1.58 22.03 -14.33
CA ASP D 245 0.98 21.04 -15.21
C ASP D 245 1.51 21.15 -16.64
N ASP D 246 2.70 21.71 -16.79
CA ASP D 246 3.27 22.04 -18.09
C ASP D 246 3.71 20.83 -18.90
N GLY D 247 3.26 20.78 -20.15
CA GLY D 247 3.55 19.67 -21.05
C GLY D 247 4.77 19.88 -21.94
N ILE D 248 4.66 19.42 -23.19
CA ILE D 248 5.78 19.47 -24.14
C ILE D 248 6.44 20.86 -24.16
N PHE D 249 7.71 20.89 -23.80
CA PHE D 249 8.40 22.16 -23.59
C PHE D 249 9.54 22.38 -24.57
N SER D 250 10.38 21.35 -24.75
CA SER D 250 11.53 21.48 -25.63
C SER D 250 11.65 20.31 -26.60
N ILE D 251 12.29 20.58 -27.74
CA ILE D 251 12.52 19.61 -28.80
C ILE D 251 13.96 19.81 -29.31
N ALA D 252 14.71 18.71 -29.39
CA ALA D 252 16.09 18.75 -29.87
C ALA D 252 16.30 17.79 -31.03
N LEU D 253 16.89 18.30 -32.11
CA LEU D 253 17.03 17.54 -33.36
C LEU D 253 18.44 17.00 -33.56
N SER D 254 18.52 15.71 -33.83
CA SER D 254 19.78 15.03 -34.15
C SER D 254 20.30 15.50 -35.51
N ASN D 255 21.46 14.97 -35.91
CA ASN D 255 22.00 15.23 -37.24
C ASN D 255 21.18 14.47 -38.30
N PRO D 256 20.95 15.09 -39.48
CA PRO D 256 20.08 14.49 -40.49
C PRO D 256 20.67 13.26 -41.17
N ASP D 257 19.83 12.27 -41.45
CA ASP D 257 20.21 11.08 -42.23
C ASP D 257 20.81 11.53 -43.56
N PRO D 258 22.04 11.06 -43.88
CA PRO D 258 22.76 11.59 -45.05
C PRO D 258 21.94 11.50 -46.33
N MET D 259 21.22 10.41 -46.49
CA MET D 259 20.43 10.23 -47.72
C MET D 259 19.11 11.01 -47.62
N THR D 260 18.24 10.61 -46.71
CA THR D 260 16.86 11.19 -46.64
C THR D 260 16.76 12.54 -45.96
N LYS D 261 17.74 12.89 -45.15
CA LYS D 261 17.77 14.18 -44.42
C LYS D 261 16.77 14.32 -43.27
N PHE D 262 16.19 13.19 -42.86
CA PHE D 262 15.31 13.15 -41.68
C PHE D 262 16.14 13.06 -40.40
N ARG D 263 15.59 13.59 -39.32
CA ARG D 263 16.30 13.66 -38.04
C ARG D 263 15.46 13.03 -36.92
N THR D 264 16.10 12.74 -35.80
CA THR D 264 15.41 12.27 -34.60
C THR D 264 15.07 13.45 -33.71
N ALA D 265 13.78 13.61 -33.42
CA ALA D 265 13.31 14.68 -32.54
C ALA D 265 13.21 14.21 -31.10
N TYR D 266 14.13 14.68 -30.26
CA TYR D 266 14.10 14.39 -28.84
C TYR D 266 13.22 15.42 -28.13
N PHE D 267 12.11 14.97 -27.57
CA PHE D 267 11.20 15.90 -26.88
C PHE D 267 10.78 15.43 -25.49
N HIS D 268 10.54 16.40 -24.62
CA HIS D 268 10.07 16.11 -23.27
C HIS D 268 9.08 17.18 -22.77
N ALA D 269 8.23 16.77 -21.85
CA ALA D 269 7.38 17.68 -21.09
C ALA D 269 8.21 18.28 -19.95
N LEU D 270 7.81 19.47 -19.49
CA LEU D 270 8.47 20.11 -18.34
C LEU D 270 8.28 19.28 -17.08
N SER D 271 7.04 18.84 -16.86
CA SER D 271 6.68 18.05 -15.69
C SER D 271 6.74 16.55 -16.00
N SER D 272 7.94 16.07 -16.29
CA SER D 272 8.18 14.68 -16.63
C SER D 272 9.65 14.36 -16.47
N ASN D 273 9.95 13.13 -16.07
CA ASN D 273 11.33 12.64 -16.00
C ASN D 273 11.66 11.76 -17.20
N SER D 274 10.73 11.71 -18.15
CA SER D 274 10.89 10.86 -19.32
C SER D 274 11.22 11.68 -20.57
N GLU D 275 11.99 11.07 -21.46
CA GLU D 275 12.33 11.65 -22.75
C GLU D 275 11.74 10.79 -23.85
N PHE D 276 11.27 11.43 -24.90
CA PHE D 276 10.64 10.74 -26.02
C PHE D 276 11.32 11.08 -27.33
N THR D 277 11.11 10.25 -28.34
CA THR D 277 11.62 10.51 -29.67
C THR D 277 10.54 10.35 -30.72
N VAL D 278 10.72 11.05 -31.84
CA VAL D 278 9.90 10.86 -33.03
C VAL D 278 10.73 11.26 -34.25
N SER D 279 10.49 10.59 -35.38
CA SER D 279 11.17 10.92 -36.62
C SER D 279 10.57 12.16 -37.23
N THR D 280 11.41 13.06 -37.73
CA THR D 280 10.95 14.28 -38.40
C THR D 280 10.17 13.92 -39.67
N ALA D 281 10.42 12.72 -40.18
CA ALA D 281 9.63 12.14 -41.28
C ALA D 281 8.14 12.22 -40.95
N VAL D 282 7.81 12.07 -39.67
CA VAL D 282 6.44 12.12 -39.20
C VAL D 282 5.97 13.57 -39.04
N LEU D 283 6.76 14.37 -38.33
CA LEU D 283 6.41 15.77 -38.06
C LEU D 283 6.22 16.58 -39.35
N ARG D 284 7.05 16.32 -40.35
CA ARG D 284 7.01 17.02 -41.64
C ARG D 284 5.93 16.48 -42.59
N ASN D 285 5.02 15.67 -42.04
CA ASN D 285 3.97 15.03 -42.83
C ASN D 285 2.59 15.49 -42.35
N GLU D 286 1.99 16.41 -43.10
CA GLU D 286 0.69 17.00 -42.75
C GLU D 286 -0.42 15.94 -42.62
N THR D 287 -0.40 14.95 -43.51
CA THR D 287 -1.40 13.88 -43.50
C THR D 287 -1.32 13.07 -42.20
N ALA D 288 -0.11 12.81 -41.73
CA ALA D 288 0.12 12.07 -40.49
C ALA D 288 -0.44 12.78 -39.26
N SER D 289 -0.48 14.11 -39.32
CA SER D 289 -0.95 14.94 -38.20
C SER D 289 -2.47 14.94 -38.05
N LYS D 290 -3.17 14.46 -39.07
CA LYS D 290 -4.62 14.44 -39.08
C LYS D 290 -5.21 13.12 -38.59
N ARG D 291 -4.35 12.15 -38.31
CA ARG D 291 -4.78 10.87 -37.73
C ARG D 291 -5.28 11.08 -36.30
N GLY D 292 -6.25 10.26 -35.90
CA GLY D 292 -6.68 10.22 -34.51
C GLY D 292 -5.77 9.33 -33.68
N TYR D 293 -5.10 8.40 -34.36
CA TYR D 293 -4.18 7.46 -33.73
C TYR D 293 -2.85 7.47 -34.46
N HIS D 294 -1.76 7.68 -33.72
CA HIS D 294 -0.44 7.80 -34.32
C HIS D 294 0.36 6.49 -34.33
N GLY D 295 -0.20 5.45 -33.72
CA GLY D 295 0.46 4.15 -33.65
C GLY D 295 1.76 4.20 -32.86
N ASP D 296 2.82 3.63 -33.44
CA ASP D 296 4.11 3.52 -32.78
C ASP D 296 5.12 4.57 -33.24
N ASP D 297 4.64 5.62 -33.90
CA ASP D 297 5.51 6.69 -34.41
C ASP D 297 6.28 7.44 -33.32
N PHE D 298 5.61 7.76 -32.22
CA PHE D 298 6.23 8.41 -31.07
C PHE D 298 6.69 7.38 -30.05
N LYS D 299 8.00 7.32 -29.81
CA LYS D 299 8.57 6.31 -28.91
C LYS D 299 9.07 6.87 -27.58
N LEU D 300 8.85 6.11 -26.51
CA LEU D 300 9.46 6.42 -25.21
C LEU D 300 10.95 6.09 -25.28
N LEU D 301 11.78 7.11 -25.15
CA LEU D 301 13.22 6.89 -25.14
C LEU D 301 13.62 6.29 -23.79
N GLY D 302 13.20 6.94 -22.70
CA GLY D 302 13.47 6.41 -21.37
C GLY D 302 13.39 7.41 -20.24
N TYR D 303 14.00 7.04 -19.12
CA TYR D 303 13.90 7.76 -17.87
C TYR D 303 15.20 8.54 -17.63
N ARG D 304 15.07 9.79 -17.21
CA ARG D 304 16.20 10.71 -17.12
C ARG D 304 16.86 10.69 -15.74
N GLY D 305 16.17 10.15 -14.74
CA GLY D 305 16.67 10.11 -13.38
C GLY D 305 15.74 10.79 -12.39
N ALA D 306 15.92 10.48 -11.11
CA ALA D 306 15.14 11.10 -10.04
C ALA D 306 15.38 12.59 -10.01
N GLN D 307 14.29 13.36 -9.93
CA GLN D 307 14.33 14.83 -9.88
C GLN D 307 15.04 15.43 -11.10
N SER D 308 14.88 14.80 -12.25
CA SER D 308 15.58 15.23 -13.46
C SER D 308 14.64 15.87 -14.49
N GLN D 309 13.60 16.54 -14.02
CA GLN D 309 12.70 17.27 -14.89
C GLN D 309 13.50 18.32 -15.62
N SER D 310 13.45 18.27 -16.94
CA SER D 310 14.17 19.24 -17.75
C SER D 310 13.22 20.28 -18.30
N SER D 311 13.75 21.50 -18.44
CA SER D 311 13.02 22.55 -19.13
C SER D 311 13.44 22.55 -20.59
N ILE D 312 14.56 23.22 -20.90
CA ILE D 312 15.05 23.31 -22.26
C ILE D 312 16.32 22.47 -22.44
N HIS D 313 16.40 21.79 -23.58
CA HIS D 313 17.59 21.05 -23.93
C HIS D 313 17.97 21.31 -25.39
N GLY D 314 19.22 21.00 -25.74
CA GLY D 314 19.69 21.25 -27.09
C GLY D 314 20.64 20.18 -27.59
N PHE D 315 20.68 20.01 -28.91
CA PHE D 315 21.58 19.06 -29.55
C PHE D 315 22.73 19.81 -30.23
N HIS D 316 23.95 19.39 -29.94
CA HIS D 316 25.13 19.98 -30.57
C HIS D 316 25.62 19.06 -31.69
N PRO D 317 25.52 19.53 -32.95
CA PRO D 317 25.83 18.69 -34.11
C PRO D 317 27.24 18.07 -34.11
N GLU D 318 28.25 18.85 -33.77
CA GLU D 318 29.65 18.40 -33.84
C GLU D 318 29.98 17.23 -32.91
N THR D 319 29.45 17.26 -31.69
CA THR D 319 29.72 16.20 -30.71
C THR D 319 28.63 15.14 -30.64
N GLY D 320 27.41 15.52 -30.98
CA GLY D 320 26.25 14.65 -30.85
C GLY D 320 25.77 14.56 -29.40
N VAL D 321 26.14 15.55 -28.60
CA VAL D 321 25.79 15.61 -27.18
C VAL D 321 24.58 16.51 -26.96
N ILE D 322 23.62 16.02 -26.19
CA ILE D 322 22.46 16.82 -25.80
C ILE D 322 22.69 17.41 -24.41
N PHE D 323 22.45 18.71 -24.29
CA PHE D 323 22.49 19.38 -22.98
C PHE D 323 21.07 19.60 -22.45
N PHE D 324 20.89 19.37 -21.15
CA PHE D 324 19.61 19.54 -20.47
C PHE D 324 19.69 20.64 -19.43
N ALA D 325 18.67 21.51 -19.39
CA ALA D 325 18.50 22.42 -18.27
C ALA D 325 17.63 21.73 -17.22
N LEU D 326 18.18 21.54 -16.03
CA LEU D 326 17.50 20.77 -14.98
C LEU D 326 16.88 21.69 -13.94
N ILE D 327 15.56 21.64 -13.86
CA ILE D 327 14.77 22.53 -13.03
C ILE D 327 15.03 22.32 -11.52
N GLN D 328 14.80 21.09 -11.06
CA GLN D 328 14.86 20.76 -9.64
C GLN D 328 16.30 20.72 -9.11
N LEU D 329 17.24 20.35 -9.98
CA LEU D 329 18.63 20.14 -9.56
C LEU D 329 19.52 21.38 -9.68
N ASN D 330 18.94 22.50 -10.10
CA ASN D 330 19.65 23.77 -10.23
C ASN D 330 20.91 23.63 -11.09
N ALA D 331 20.80 22.84 -12.16
CA ALA D 331 21.98 22.36 -12.87
C ALA D 331 21.78 22.18 -14.37
N VAL D 332 22.91 22.07 -15.08
CA VAL D 332 22.92 21.70 -16.49
C VAL D 332 23.60 20.35 -16.60
N SER D 333 22.93 19.39 -17.23
CA SER D 333 23.50 18.06 -17.46
C SER D 333 23.63 17.79 -18.95
N CYS D 334 24.40 16.76 -19.29
CA CYS D 334 24.60 16.36 -20.68
C CYS D 334 24.44 14.85 -20.91
N TRP D 335 24.31 14.47 -22.18
CA TRP D 335 24.18 13.07 -22.57
C TRP D 335 24.65 12.89 -24.01
N ASP D 336 25.54 11.93 -24.21
CA ASP D 336 25.96 11.53 -25.55
C ASP D 336 24.89 10.60 -26.13
N THR D 337 24.32 11.02 -27.25
CA THR D 337 23.20 10.31 -27.88
C THR D 337 23.57 8.90 -28.36
N ARG D 338 24.87 8.64 -28.48
CA ARG D 338 25.37 7.34 -28.92
C ARG D 338 25.32 6.32 -27.79
N LYS D 339 25.53 6.78 -26.56
CA LYS D 339 25.38 5.95 -25.37
C LYS D 339 23.90 5.84 -25.01
N PRO D 340 23.45 4.64 -24.56
CA PRO D 340 22.06 4.43 -24.14
C PRO D 340 21.58 5.47 -23.14
N PHE D 341 20.30 5.83 -23.25
CA PHE D 341 19.71 6.88 -22.43
C PHE D 341 19.42 6.39 -21.01
N ALA D 342 20.33 6.69 -20.10
CA ALA D 342 20.24 6.24 -18.71
C ALA D 342 20.98 7.19 -17.76
N PRO D 343 20.46 7.37 -16.53
CA PRO D 343 21.00 8.33 -15.55
C PRO D 343 22.51 8.33 -15.37
N GLN D 344 23.12 7.14 -15.37
CA GLN D 344 24.57 7.01 -15.17
C GLN D 344 25.38 7.38 -16.43
N ASN D 345 24.70 7.42 -17.57
CA ASN D 345 25.30 7.87 -18.82
C ASN D 345 25.18 9.37 -19.01
N MET D 346 24.77 10.06 -17.95
CA MET D 346 24.60 11.50 -17.97
C MET D 346 25.41 12.14 -16.85
N ALA D 347 25.97 13.30 -17.14
CA ALA D 347 26.79 14.01 -16.18
C ALA D 347 26.34 15.45 -16.02
N ILE D 348 26.46 15.96 -14.80
CA ILE D 348 26.21 17.37 -14.52
C ILE D 348 27.46 18.16 -14.87
N VAL D 349 27.33 19.11 -15.78
CA VAL D 349 28.46 19.94 -16.20
C VAL D 349 28.54 21.27 -15.45
N TYR D 350 27.42 21.69 -14.86
CA TYR D 350 27.38 22.91 -14.06
C TYR D 350 26.24 22.87 -13.06
N LYS D 351 26.57 23.18 -11.80
CA LYS D 351 25.58 23.21 -10.73
C LYS D 351 25.76 24.46 -9.89
N ASN D 352 24.69 25.23 -9.73
CA ASN D 352 24.73 26.44 -8.94
C ASN D 352 23.40 26.68 -8.24
N ASP D 353 23.31 26.18 -7.01
CA ASP D 353 22.08 26.25 -6.22
C ASP D 353 21.71 27.68 -5.85
N ARG D 354 22.74 28.51 -5.65
CA ARG D 354 22.54 29.91 -5.27
C ARG D 354 21.99 30.74 -6.42
N ASP D 355 22.55 30.54 -7.63
CA ASP D 355 22.24 31.39 -8.77
C ASP D 355 21.17 30.82 -9.71
N ILE D 356 21.32 29.55 -10.10
CA ILE D 356 20.30 28.90 -10.92
C ILE D 356 19.07 28.60 -10.06
N ILE D 357 18.04 29.43 -10.24
CA ILE D 357 16.79 29.23 -9.53
C ILE D 357 15.78 28.61 -10.49
N TYR D 358 15.32 29.34 -11.48
CA TYR D 358 14.62 28.68 -12.56
C TYR D 358 15.42 28.75 -13.86
N PRO D 359 15.99 27.61 -14.29
CA PRO D 359 16.73 27.62 -15.56
C PRO D 359 15.75 27.77 -16.72
N ASN D 360 15.59 29.01 -17.18
CA ASN D 360 14.51 29.34 -18.11
C ASN D 360 14.81 29.12 -19.59
N ASP D 361 16.08 28.93 -19.92
CA ASP D 361 16.49 28.74 -21.31
C ASP D 361 17.87 28.10 -21.48
N LEU D 362 18.03 27.36 -22.57
CA LEU D 362 19.31 26.78 -22.96
C LEU D 362 19.41 26.76 -24.48
N SER D 363 20.44 27.40 -25.01
CA SER D 363 20.63 27.46 -26.45
C SER D 363 22.02 27.00 -26.85
N ILE D 364 22.14 26.49 -28.07
CA ILE D 364 23.43 26.10 -28.62
C ILE D 364 23.72 26.99 -29.83
N ASP D 365 24.81 27.76 -29.74
CA ASP D 365 25.13 28.76 -30.76
C ASP D 365 25.88 28.18 -31.97
N GLN D 366 26.31 29.06 -32.86
CA GLN D 366 27.06 28.67 -34.05
C GLN D 366 28.57 28.59 -33.79
N GLU D 367 28.97 28.75 -32.53
CA GLU D 367 30.38 28.77 -32.16
C GLU D 367 30.75 27.71 -31.10
N GLY D 368 30.03 26.58 -31.14
CA GLY D 368 30.29 25.46 -30.23
C GLY D 368 30.16 25.78 -28.76
N ASN D 369 29.24 26.68 -28.40
CA ASN D 369 28.97 27.00 -27.01
C ASN D 369 27.61 26.52 -26.59
N VAL D 370 27.49 26.20 -25.30
CA VAL D 370 26.18 26.04 -24.68
C VAL D 370 25.87 27.32 -23.88
N TRP D 371 24.65 27.81 -24.05
CA TRP D 371 24.18 28.99 -23.35
C TRP D 371 22.99 28.62 -22.46
N PHE D 372 22.98 29.15 -21.23
CA PHE D 372 21.84 28.94 -20.33
C PHE D 372 21.53 30.13 -19.43
N MET D 373 20.29 30.17 -18.94
CA MET D 373 19.77 31.33 -18.25
C MET D 373 18.92 30.96 -17.04
N SER D 374 19.05 31.74 -15.97
CA SER D 374 18.16 31.67 -14.82
C SER D 374 17.56 33.03 -14.54
N ASN D 375 16.24 33.09 -14.37
CA ASN D 375 15.53 34.35 -14.21
C ASN D 375 14.73 34.47 -12.91
N SER D 376 14.88 33.48 -12.04
CA SER D 376 14.25 33.48 -10.70
C SER D 376 12.74 33.69 -10.72
N ILE D 377 12.09 33.26 -11.81
CA ILE D 377 10.64 33.45 -11.98
C ILE D 377 9.82 33.01 -10.75
N ILE D 378 10.27 31.96 -10.09
CA ILE D 378 9.52 31.37 -8.97
C ILE D 378 9.53 32.24 -7.71
N LYS D 379 10.52 33.11 -7.60
CA LYS D 379 10.58 34.09 -6.51
C LYS D 379 9.59 35.23 -6.73
N LEU D 380 9.39 35.63 -7.98
CA LEU D 380 8.37 36.63 -8.30
C LEU D 380 6.99 36.05 -8.04
N LEU D 381 6.79 34.82 -8.50
CA LEU D 381 5.49 34.15 -8.47
C LEU D 381 4.99 33.78 -7.09
N TYR D 382 5.86 33.19 -6.28
CA TYR D 382 5.42 32.57 -5.04
C TYR D 382 6.04 33.21 -3.82
N THR D 383 6.82 34.26 -4.06
CA THR D 383 7.63 34.84 -3.02
C THR D 383 7.86 36.28 -3.45
N GLN D 384 8.97 36.87 -3.02
CA GLN D 384 9.26 38.22 -3.44
C GLN D 384 10.64 38.31 -4.08
N LEU D 385 10.75 39.25 -5.02
CA LEU D 385 11.98 39.49 -5.73
C LEU D 385 12.56 40.81 -5.25
N SER D 386 13.81 40.79 -4.81
CA SER D 386 14.48 42.00 -4.33
C SER D 386 15.42 42.56 -5.40
N LEU D 387 15.18 43.80 -5.79
CA LEU D 387 15.89 44.42 -6.90
C LEU D 387 17.32 44.87 -6.52
N GLU D 388 17.74 44.56 -5.31
CA GLU D 388 19.12 44.77 -4.87
C GLU D 388 19.97 43.57 -5.24
N GLU D 389 19.33 42.40 -5.32
CA GLU D 389 19.99 41.15 -5.68
C GLU D 389 20.07 41.00 -7.19
N PHE D 390 21.05 40.23 -7.66
CA PHE D 390 21.11 39.84 -9.05
C PHE D 390 20.19 38.66 -9.29
N ASN D 391 19.11 38.90 -10.02
CA ASN D 391 18.05 37.92 -10.20
C ASN D 391 18.06 37.22 -11.56
N PHE D 392 18.72 37.81 -12.53
CA PHE D 392 18.78 37.24 -13.88
C PHE D 392 20.22 37.01 -14.30
N HIS D 393 20.54 35.78 -14.68
CA HIS D 393 21.91 35.41 -15.03
C HIS D 393 21.98 34.67 -16.36
N ILE D 394 23.00 34.98 -17.15
CA ILE D 394 23.27 34.23 -18.39
C ILE D 394 24.70 33.67 -18.35
N TRP D 395 24.83 32.38 -18.63
CA TRP D 395 26.13 31.71 -18.69
C TRP D 395 26.41 31.12 -20.06
N ARG D 396 27.70 31.01 -20.40
CA ARG D 396 28.15 30.26 -21.58
C ARG D 396 29.30 29.31 -21.23
N ALA D 397 29.46 28.27 -22.06
CA ALA D 397 30.54 27.29 -21.89
C ALA D 397 30.91 26.67 -23.23
N ASN D 398 32.19 26.35 -23.41
CA ASN D 398 32.63 25.62 -24.59
C ASN D 398 32.28 24.14 -24.47
N ILE D 399 31.49 23.66 -25.43
CA ILE D 399 30.92 22.32 -25.39
C ILE D 399 31.98 21.22 -25.33
N LYS D 400 32.97 21.30 -26.23
CA LYS D 400 34.01 20.28 -26.30
C LYS D 400 34.92 20.30 -25.07
N GLU D 401 35.14 21.47 -24.50
CA GLU D 401 35.95 21.62 -23.30
C GLU D 401 35.20 21.15 -22.05
N ILE D 402 33.88 21.34 -22.03
CA ILE D 402 33.06 21.00 -20.87
C ILE D 402 32.79 19.49 -20.77
N ILE D 403 32.89 18.80 -21.89
CA ILE D 403 32.63 17.36 -21.94
C ILE D 403 33.90 16.50 -21.97
N LYS D 404 35.07 17.16 -21.96
CA LYS D 404 36.35 16.50 -22.17
C LYS D 404 36.59 15.24 -21.30
N GLY D 405 36.54 15.41 -19.98
CA GLY D 405 36.79 14.28 -19.08
C GLY D 405 35.60 13.36 -18.88
N THR D 406 34.39 13.92 -18.99
CA THR D 406 33.15 13.27 -18.53
C THR D 406 32.67 12.11 -19.39
N VAL D 407 31.58 11.48 -18.92
CA VAL D 407 30.87 10.42 -19.63
C VAL D 407 30.32 10.93 -20.96
N CYS D 408 30.15 12.25 -21.05
CA CYS D 408 29.61 12.89 -22.25
C CYS D 408 30.57 12.93 -23.43
N ASP D 409 31.86 12.79 -23.15
CA ASP D 409 32.88 12.68 -24.21
C ASP D 409 32.63 11.46 -25.08
N PRO D 410 32.52 11.66 -26.41
CA PRO D 410 32.29 10.60 -27.38
C PRO D 410 33.34 9.48 -27.38
N THR D 411 34.57 9.79 -26.93
CA THR D 411 35.64 8.80 -26.88
C THR D 411 35.64 7.97 -25.60
N VAL D 412 35.09 8.54 -24.52
CA VAL D 412 34.93 7.84 -23.24
C VAL D 412 33.83 6.79 -23.35
N PRO D 413 34.05 5.58 -22.80
CA PRO D 413 33.05 4.51 -22.86
C PRO D 413 31.84 4.75 -21.94
N PRO D 414 30.66 4.18 -22.29
CA PRO D 414 29.48 4.24 -21.42
C PRO D 414 29.70 3.52 -20.10
N ASN D 415 28.96 3.94 -19.07
CA ASN D 415 29.01 3.28 -17.77
C ASN D 415 28.02 2.14 -17.65
N VAL D 416 27.01 2.13 -18.53
CA VAL D 416 25.95 1.12 -18.52
C VAL D 416 25.47 0.79 -19.94
N ASP D 417 25.26 -0.50 -20.19
CA ASP D 417 24.76 -1.00 -21.47
C ASP D 417 23.24 -0.81 -21.65
N HIS D 418 22.50 -0.88 -20.54
CA HIS D 418 21.05 -0.60 -20.48
C HIS D 418 20.21 -1.52 -21.38
#